data_7KCR
#
_entry.id   7KCR
#
_cell.length_a   1.00
_cell.length_b   1.00
_cell.length_c   1.00
_cell.angle_alpha   90.00
_cell.angle_beta   90.00
_cell.angle_gamma   90.00
#
_symmetry.space_group_name_H-M   'P 1'
#
loop_
_entity.id
_entity.type
_entity.pdbx_description
1 polymer 'ADI30056 Fab heavy chain variable region'
2 polymer 'ADI30056 Fab light chain variable region'
3 polymer 'envelope protein E'
4 polymer 'membrane protein M'
5 branched 2-acetamido-2-deoxy-beta-D-glucopyranose-(1-4)-2-acetamido-2-deoxy-beta-D-glucopyranose
#
loop_
_entity_poly.entity_id
_entity_poly.type
_entity_poly.pdbx_seq_one_letter_code
_entity_poly.pdbx_strand_id
1 'polypeptide(L)'
;EVQLLESGGGVVQPGGSLRLSCTASGFTFRNFGIHWVRQAPGKRLEWVAFIRYDGRNKYYADSVKGRFISSRDNSKNMVY
LDMKSLRPEDTAIYHCAADGEETSPGSFDYWGQGTLVTVSS
;
H
2 'polypeptide(L)'
;DIVMTQTPSSLAASVGDSVTITCRASESVSTVLNWYQHKPGKAPKLLIYAASTLPSGVPSRFSGSGSGTDFTLSISSLQP
EDFAIYYCQQSYFSPRTFGGGTKVEIK
;
L
3 'polypeptide(L)'
;IRCIGVSNRDFVEGMSGGTWVDVVLEHGGCVTVMAQDKPTVDIELVTTTVSNMAEVRSYCYEASISDMASDSRCPTQGEA
YLDKQSDTQYVCKRTLVDRGWGNGCGLFGKGSLVTCAKFACSKKMTGKSIQPENLEYRIMLSVHGSQHSGMIVNDTGHET
DENRAKVEITPNSPRAEATLGGFGSLGLDCEPRTGLDFSDLYYLTMNNKHWLVHKEWFHDIPLPWHAGADTGTPHWNNKE
ALVEFKDAHAKRQTVVVLGSQEGAVHTALAGALEAEMDGAKGRLSSGHLKCRLKMDKLRLKGVSYSLCTAAFTFTKIPAE
TLHGTVTVEVQYAGTDGPCKVPAQMAVDMQTLTPVGRLITANPVITESTENSKMMLELDPPFGDSYIVIGVGEKKITHHW
HRSGSTIGKAFEATVRGAKRMAVLGDTAWDFGSVGGALNSLGKGIHQIFGAAFKSLFGGMSWFSQILIGTLLMWLGLNTK
NGSISLMCLALGGVLIFLSTA
;
A,C,E
4 'polypeptide(L)' AVTLPSHSTRKLQTRSQTWLESREYTKHLIRVENWIFRNPGFALAAAAIAWLLGSSTSQKVIYLVMILLIAPAYS B,D,F
#
loop_
_chem_comp.id
_chem_comp.type
_chem_comp.name
_chem_comp.formula
NAG D-saccharide, beta linking 2-acetamido-2-deoxy-beta-D-glucopyranose 'C8 H15 N O6'
#
# COMPACT_ATOMS: atom_id res chain seq x y z
N GLU A 1 -29.03 31.68 -10.34
CA GLU A 1 -28.23 30.84 -9.46
C GLU A 1 -28.60 29.36 -9.57
N VAL A 2 -29.16 28.79 -8.51
CA VAL A 2 -29.45 27.37 -8.41
C VAL A 2 -30.93 27.20 -8.04
N GLN A 3 -31.76 27.05 -9.06
CA GLN A 3 -33.20 26.91 -8.84
C GLN A 3 -33.50 25.45 -8.52
N LEU A 4 -33.31 25.08 -7.25
CA LEU A 4 -33.61 23.72 -6.79
C LEU A 4 -35.05 23.68 -6.30
N LEU A 5 -35.94 23.18 -7.15
CA LEU A 5 -37.36 23.13 -6.85
C LEU A 5 -37.71 21.77 -6.28
N GLU A 6 -38.78 21.73 -5.48
CA GLU A 6 -39.25 20.50 -4.88
C GLU A 6 -40.75 20.37 -5.05
N SER A 7 -41.21 19.13 -5.19
CA SER A 7 -42.63 18.86 -5.34
C SER A 7 -42.90 17.42 -4.91
N GLY A 8 -44.17 17.13 -4.68
CA GLY A 8 -44.63 15.81 -4.30
C GLY A 8 -45.07 15.68 -2.87
N GLY A 9 -44.67 16.59 -2.00
CA GLY A 9 -45.01 16.47 -0.60
C GLY A 9 -46.42 16.94 -0.32
N GLY A 10 -47.01 16.35 0.73
CA GLY A 10 -48.34 16.70 1.16
C GLY A 10 -48.68 16.02 2.47
N VAL A 11 -49.92 15.57 2.63
CA VAL A 11 -50.31 14.78 3.80
C VAL A 11 -50.23 13.30 3.42
N VAL A 12 -49.81 12.47 4.37
CA VAL A 12 -49.53 11.06 4.14
C VAL A 12 -50.09 10.25 5.30
N GLN A 13 -50.84 9.20 4.98
CA GLN A 13 -51.26 8.25 6.00
C GLN A 13 -50.10 7.29 6.32
N PRO A 14 -49.99 6.83 7.57
CA PRO A 14 -48.84 6.00 7.95
C PRO A 14 -48.86 4.64 7.28
N GLY A 15 -47.70 4.24 6.77
CA GLY A 15 -47.62 3.08 5.92
C GLY A 15 -47.83 3.37 4.44
N GLY A 16 -48.17 4.61 4.09
CA GLY A 16 -48.40 4.96 2.71
C GLY A 16 -47.10 5.18 1.96
N SER A 17 -47.26 5.66 0.72
CA SER A 17 -46.13 5.90 -0.16
C SER A 17 -46.06 7.37 -0.53
N LEU A 18 -44.89 7.79 -1.01
CA LEU A 18 -44.72 9.15 -1.50
C LEU A 18 -43.55 9.19 -2.48
N ARG A 19 -43.73 9.94 -3.57
CA ARG A 19 -42.68 10.17 -4.57
C ARG A 19 -42.38 11.66 -4.57
N LEU A 20 -41.18 12.02 -4.11
CA LEU A 20 -40.76 13.41 -4.06
C LEU A 20 -39.99 13.75 -5.33
N SER A 21 -40.53 14.68 -6.12
CA SER A 21 -39.90 15.13 -7.34
C SER A 21 -39.08 16.39 -7.05
N CYS A 22 -37.82 16.37 -7.41
CA CYS A 22 -36.95 17.54 -7.28
C CYS A 22 -36.38 17.89 -8.65
N THR A 23 -36.74 19.06 -9.15
CA THR A 23 -36.30 19.54 -10.45
C THR A 23 -35.22 20.58 -10.25
N ALA A 24 -34.09 20.40 -10.94
CA ALA A 24 -32.92 21.26 -10.78
C ALA A 24 -32.71 22.10 -12.03
N SER A 25 -32.22 23.33 -11.81
CA SER A 25 -31.88 24.21 -12.92
C SER A 25 -30.84 25.21 -12.44
N GLY A 26 -30.07 25.73 -13.38
CA GLY A 26 -29.06 26.72 -13.10
C GLY A 26 -27.63 26.24 -13.16
N PHE A 27 -27.39 25.00 -13.58
CA PHE A 27 -26.04 24.46 -13.70
C PHE A 27 -26.10 23.29 -14.69
N THR A 28 -25.03 22.50 -14.73
CA THR A 28 -25.02 21.25 -15.48
C THR A 28 -25.38 20.15 -14.49
N PHE A 29 -26.54 19.53 -14.69
CA PHE A 29 -27.08 18.60 -13.70
C PHE A 29 -26.36 17.26 -13.73
N ARG A 30 -25.80 16.85 -14.86
CA ARG A 30 -25.20 15.54 -14.99
C ARG A 30 -23.91 15.42 -14.19
N ASN A 31 -23.13 16.48 -14.08
CA ASN A 31 -21.79 16.38 -13.50
C ASN A 31 -21.76 16.80 -12.03
N PHE A 32 -22.91 16.94 -11.39
CA PHE A 32 -22.97 17.19 -9.96
C PHE A 32 -23.62 16.02 -9.25
N GLY A 33 -23.55 16.06 -7.93
CA GLY A 33 -24.22 15.09 -7.08
C GLY A 33 -25.39 15.74 -6.36
N ILE A 34 -26.28 14.92 -5.81
CA ILE A 34 -27.49 15.45 -5.19
C ILE A 34 -27.81 14.63 -3.94
N HIS A 35 -28.20 15.33 -2.88
CA HIS A 35 -28.51 14.68 -1.61
C HIS A 35 -30.00 14.75 -1.31
N TRP A 36 -30.38 14.30 -0.12
CA TRP A 36 -31.69 14.60 0.44
C TRP A 36 -31.50 14.75 1.94
N VAL A 37 -31.86 15.92 2.48
CA VAL A 37 -31.73 16.21 3.90
C VAL A 37 -33.06 16.69 4.44
N ARG A 38 -33.26 16.50 5.75
CA ARG A 38 -34.53 16.79 6.38
C ARG A 38 -34.34 17.66 7.61
N GLN A 39 -35.40 18.37 7.98
CA GLN A 39 -35.44 19.22 9.17
C GLN A 39 -36.61 18.75 10.03
N ALA A 40 -36.33 17.86 10.96
CA ALA A 40 -37.35 17.42 11.91
C ALA A 40 -37.63 18.55 12.89
N PRO A 41 -38.88 19.00 13.01
CA PRO A 41 -39.17 20.13 13.91
C PRO A 41 -39.10 19.70 15.37
N GLY A 42 -38.44 20.53 16.18
CA GLY A 42 -38.08 20.18 17.53
C GLY A 42 -36.68 19.64 17.66
N LYS A 43 -36.14 19.05 16.61
CA LYS A 43 -34.78 18.52 16.60
C LYS A 43 -33.95 19.24 15.54
N ARG A 44 -32.75 18.73 15.34
CA ARG A 44 -31.75 19.34 14.47
C ARG A 44 -32.00 18.96 13.02
N LEU A 45 -31.04 19.25 12.15
CA LEU A 45 -31.09 18.87 10.76
C LEU A 45 -30.45 17.49 10.59
N GLU A 46 -31.00 16.68 9.68
CA GLU A 46 -30.51 15.33 9.47
C GLU A 46 -30.20 15.11 7.99
N TRP A 47 -29.79 13.89 7.66
CA TRP A 47 -29.52 13.48 6.29
C TRP A 47 -30.13 12.10 6.04
N VAL A 48 -30.86 11.96 4.91
CA VAL A 48 -31.65 10.76 4.66
C VAL A 48 -31.21 10.00 3.40
N ALA A 49 -30.63 10.67 2.41
CA ALA A 49 -30.36 9.99 1.15
C ALA A 49 -29.24 10.66 0.38
N PHE A 50 -28.71 9.95 -0.62
CA PHE A 50 -27.64 10.44 -1.47
C PHE A 50 -27.56 9.61 -2.75
N ILE A 51 -27.38 10.30 -3.88
CA ILE A 51 -27.27 9.68 -5.19
C ILE A 51 -25.98 10.19 -5.85
N ARG A 52 -25.33 9.31 -6.61
CA ARG A 52 -24.15 9.66 -7.38
C ARG A 52 -24.61 10.12 -8.77
N TYR A 53 -23.67 10.72 -9.51
CA TYR A 53 -23.97 11.29 -10.82
C TYR A 53 -24.30 10.23 -11.86
N ASP A 54 -23.87 8.98 -11.65
CA ASP A 54 -24.12 7.92 -12.62
C ASP A 54 -25.60 7.57 -12.69
N GLY A 55 -26.33 7.71 -11.60
CA GLY A 55 -27.73 7.39 -11.59
C GLY A 55 -28.06 6.02 -11.06
N ARG A 56 -27.08 5.25 -10.60
CA ARG A 56 -27.33 3.94 -10.02
C ARG A 56 -26.86 3.82 -8.58
N ASN A 57 -25.78 4.51 -8.20
CA ASN A 57 -25.31 4.43 -6.82
C ASN A 57 -26.21 5.25 -5.90
N LYS A 58 -26.88 4.56 -4.98
CA LYS A 58 -27.84 5.19 -4.09
C LYS A 58 -27.44 4.89 -2.65
N TYR A 59 -27.29 5.93 -1.84
CA TYR A 59 -26.99 5.79 -0.42
C TYR A 59 -28.12 6.37 0.41
N TYR A 60 -28.32 5.80 1.60
CA TYR A 60 -29.37 6.28 2.50
C TYR A 60 -28.83 6.39 3.92
N ALA A 61 -29.71 6.64 4.87
CA ALA A 61 -29.37 6.62 6.29
C ALA A 61 -29.78 5.29 6.91
N ASP A 62 -29.53 5.16 8.21
CA ASP A 62 -29.87 3.89 8.88
C ASP A 62 -31.37 3.75 9.11
N SER A 63 -32.07 4.86 9.33
CA SER A 63 -33.49 4.79 9.66
C SER A 63 -34.31 4.45 8.42
N VAL A 64 -33.86 4.87 7.25
CA VAL A 64 -34.65 4.76 6.03
C VAL A 64 -34.10 3.73 5.06
N LYS A 65 -33.09 2.96 5.47
CA LYS A 65 -32.52 1.94 4.60
C LYS A 65 -33.50 0.79 4.42
N GLY A 66 -33.72 0.41 3.17
CA GLY A 66 -34.78 -0.53 2.87
C GLY A 66 -36.16 0.07 2.88
N ARG A 67 -36.27 1.39 3.04
CA ARG A 67 -37.54 2.09 3.03
C ARG A 67 -37.64 3.13 1.94
N PHE A 68 -36.53 3.71 1.52
CA PHE A 68 -36.51 4.78 0.53
C PHE A 68 -35.88 4.25 -0.75
N ILE A 69 -36.51 4.54 -1.89
CA ILE A 69 -35.92 4.28 -3.20
C ILE A 69 -35.77 5.63 -3.87
N SER A 70 -34.53 6.03 -4.14
CA SER A 70 -34.23 7.36 -4.62
C SER A 70 -33.49 7.27 -5.95
N SER A 71 -34.02 7.93 -6.97
CA SER A 71 -33.46 7.87 -8.31
C SER A 71 -33.33 9.29 -8.84
N ARG A 72 -32.94 9.39 -10.11
CA ARG A 72 -32.79 10.69 -10.74
C ARG A 72 -33.08 10.56 -12.22
N ASP A 73 -33.44 11.69 -12.83
CA ASP A 73 -33.65 11.78 -14.27
C ASP A 73 -32.64 12.76 -14.84
N ASN A 74 -31.74 12.26 -15.69
CA ASN A 74 -30.78 13.15 -16.33
C ASN A 74 -31.43 13.90 -17.48
N SER A 75 -32.32 13.22 -18.23
CA SER A 75 -32.87 13.81 -19.45
C SER A 75 -33.90 14.88 -19.12
N LYS A 76 -34.90 14.53 -18.31
CA LYS A 76 -35.96 15.45 -17.94
C LYS A 76 -35.63 16.26 -16.69
N ASN A 77 -34.40 16.14 -16.17
CA ASN A 77 -33.83 16.99 -15.12
C ASN A 77 -34.64 16.92 -13.82
N MET A 78 -34.80 15.69 -13.33
CA MET A 78 -35.62 15.44 -12.16
C MET A 78 -34.87 14.53 -11.19
N VAL A 79 -35.19 14.68 -9.90
CA VAL A 79 -34.72 13.77 -8.86
C VAL A 79 -35.95 13.17 -8.20
N TYR A 80 -35.98 11.84 -8.07
CA TYR A 80 -37.14 11.15 -7.51
C TYR A 80 -36.76 10.50 -6.20
N LEU A 81 -37.72 10.45 -5.27
CA LEU A 81 -37.54 9.84 -3.96
C LEU A 81 -38.81 9.04 -3.65
N ASP A 82 -38.81 7.76 -4.01
CA ASP A 82 -39.98 6.90 -3.84
C ASP A 82 -40.00 6.36 -2.42
N MET A 83 -40.46 7.17 -1.49
CA MET A 83 -40.63 6.76 -0.11
C MET A 83 -41.87 5.88 0.01
N LYS A 84 -41.72 4.71 0.64
CA LYS A 84 -42.80 3.76 0.77
C LYS A 84 -42.81 3.23 2.20
N SER A 85 -44.03 3.08 2.77
CA SER A 85 -44.30 2.59 4.13
C SER A 85 -43.60 3.46 5.19
N LEU A 86 -44.08 4.70 5.26
CA LEU A 86 -43.56 5.67 6.21
C LEU A 86 -44.09 5.41 7.62
N ARG A 87 -43.55 6.17 8.57
CA ARG A 87 -43.86 6.15 9.99
C ARG A 87 -44.07 7.58 10.46
N PRO A 88 -44.80 7.79 11.58
CA PRO A 88 -45.00 9.16 12.08
C PRO A 88 -43.77 9.81 12.71
N GLU A 89 -42.62 9.14 12.70
CA GLU A 89 -41.36 9.74 13.10
C GLU A 89 -40.65 10.44 11.96
N ASP A 90 -41.21 10.40 10.75
CA ASP A 90 -40.57 10.94 9.56
C ASP A 90 -41.19 12.26 9.10
N THR A 91 -41.84 12.98 10.02
CA THR A 91 -42.45 14.27 9.69
C THR A 91 -41.36 15.34 9.72
N ALA A 92 -41.01 15.87 8.55
CA ALA A 92 -39.95 16.86 8.44
C ALA A 92 -40.13 17.63 7.14
N ILE A 93 -39.14 18.44 6.79
CA ILE A 93 -39.10 19.17 5.53
C ILE A 93 -37.93 18.59 4.74
N TYR A 94 -38.24 17.76 3.75
CA TYR A 94 -37.21 17.07 2.96
C TYR A 94 -36.63 18.07 1.96
N HIS A 95 -35.54 18.72 2.35
CA HIS A 95 -34.82 19.58 1.42
C HIS A 95 -34.11 18.75 0.37
N CYS A 96 -33.90 19.34 -0.79
CA CYS A 96 -33.19 18.71 -1.91
C CYS A 96 -31.87 19.45 -2.06
N ALA A 97 -30.88 19.04 -1.28
CA ALA A 97 -29.62 19.77 -1.18
C ALA A 97 -28.60 19.22 -2.18
N ALA A 98 -27.95 20.12 -2.90
CA ALA A 98 -26.97 19.74 -3.90
C ALA A 98 -25.61 19.56 -3.23
N ASP A 99 -24.89 18.53 -3.67
CA ASP A 99 -23.57 18.25 -3.11
C ASP A 99 -22.53 19.17 -3.73
N GLY A 100 -21.48 19.45 -2.96
CA GLY A 100 -20.33 20.13 -3.48
C GLY A 100 -19.30 19.13 -3.95
N GLU A 101 -19.30 18.83 -5.24
CA GLU A 101 -18.41 17.84 -5.81
C GLU A 101 -17.33 18.58 -6.61
N GLU A 102 -16.08 18.39 -6.19
CA GLU A 102 -14.85 18.87 -6.83
C GLU A 102 -14.71 20.39 -6.83
N THR A 103 -15.67 21.12 -6.27
CA THR A 103 -15.64 22.57 -6.15
C THR A 103 -15.66 23.03 -4.70
N SER A 104 -16.59 22.52 -3.91
CA SER A 104 -16.65 22.78 -2.46
C SER A 104 -16.62 21.41 -1.80
N PRO A 105 -15.43 20.86 -1.56
CA PRO A 105 -15.32 19.44 -1.21
C PRO A 105 -15.78 19.14 0.21
N GLY A 106 -16.57 18.09 0.36
CA GLY A 106 -17.04 17.65 1.64
C GLY A 106 -18.02 18.61 2.27
N SER A 107 -19.08 18.93 1.54
CA SER A 107 -20.00 19.96 1.98
C SER A 107 -21.30 19.84 1.24
N PHE A 108 -22.41 19.95 1.96
CA PHE A 108 -23.68 20.22 1.31
C PHE A 108 -23.61 21.63 0.76
N ASP A 109 -23.52 21.75 -0.55
CA ASP A 109 -23.65 23.04 -1.22
C ASP A 109 -25.14 23.40 -1.29
N TYR A 110 -25.47 24.39 -2.13
CA TYR A 110 -26.76 25.10 -2.16
C TYR A 110 -27.98 24.19 -2.09
N TRP A 111 -28.97 24.62 -1.32
CA TRP A 111 -30.07 23.77 -0.91
C TRP A 111 -31.31 24.06 -1.76
N GLY A 112 -32.36 23.28 -1.53
CA GLY A 112 -33.67 23.59 -2.07
C GLY A 112 -34.58 23.99 -0.93
N GLN A 113 -35.74 24.57 -1.25
CA GLN A 113 -36.61 25.10 -0.20
C GLN A 113 -37.27 23.99 0.61
N GLY A 114 -37.44 22.82 0.02
CA GLY A 114 -38.01 21.70 0.74
C GLY A 114 -39.52 21.73 0.78
N THR A 115 -40.14 20.58 0.56
CA THR A 115 -41.59 20.47 0.64
C THR A 115 -42.02 19.99 2.03
N LEU A 116 -43.28 20.23 2.35
CA LEU A 116 -43.82 19.91 3.65
C LEU A 116 -44.43 18.51 3.61
N VAL A 117 -43.79 17.57 4.30
CA VAL A 117 -44.23 16.18 4.36
C VAL A 117 -44.59 15.87 5.80
N THR A 118 -45.89 15.72 6.05
CA THR A 118 -46.39 15.43 7.39
C THR A 118 -47.19 14.14 7.33
N VAL A 119 -46.90 13.23 8.26
CA VAL A 119 -47.64 11.98 8.40
C VAL A 119 -48.11 11.85 9.84
N SER A 120 -49.42 11.77 10.02
CA SER A 120 -50.02 11.67 11.35
C SER A 120 -51.22 10.73 11.26
N SER A 121 -52.04 10.72 12.29
CA SER A 121 -53.27 9.94 12.30
C SER A 121 -54.32 10.56 11.38
N ASP B 1 -23.26 9.47 13.02
CA ASP B 1 -23.79 9.18 14.36
C ASP B 1 -23.35 10.22 15.38
N ILE B 2 -22.23 10.89 15.09
CA ILE B 2 -21.63 11.81 16.06
C ILE B 2 -22.47 13.08 16.18
N VAL B 3 -22.31 13.76 17.31
CA VAL B 3 -23.10 14.93 17.63
C VAL B 3 -22.21 16.17 17.54
N MET B 4 -22.85 17.30 17.24
CA MET B 4 -22.18 18.59 17.06
C MET B 4 -22.81 19.58 18.02
N THR B 5 -22.35 19.59 19.27
CA THR B 5 -22.88 20.56 20.21
C THR B 5 -22.14 21.89 20.07
N GLN B 6 -22.71 22.94 20.66
CA GLN B 6 -22.22 24.28 20.42
C GLN B 6 -22.58 25.20 21.59
N THR B 7 -22.41 26.49 21.34
CA THR B 7 -22.74 27.63 22.20
C THR B 7 -24.25 27.63 22.45
N PRO B 8 -24.71 28.12 23.61
CA PRO B 8 -26.16 28.33 23.82
C PRO B 8 -26.83 29.09 22.70
N SER B 9 -27.95 28.54 22.23
CA SER B 9 -28.58 28.89 20.96
C SER B 9 -29.26 30.24 20.95
N SER B 10 -29.36 30.92 22.08
CA SER B 10 -30.00 32.22 22.15
C SER B 10 -28.95 33.29 22.37
N LEU B 11 -28.86 34.23 21.43
CA LEU B 11 -28.03 35.41 21.59
C LEU B 11 -28.77 36.60 20.98
N ALA B 12 -28.67 37.74 21.64
CA ALA B 12 -29.30 38.98 21.18
C ALA B 12 -28.26 40.07 21.16
N ALA B 13 -27.80 40.44 19.98
CA ALA B 13 -26.79 41.49 19.79
C ALA B 13 -27.39 42.61 18.94
N SER B 14 -26.66 43.71 18.85
CA SER B 14 -27.10 44.83 18.04
C SER B 14 -26.53 44.71 16.63
N VAL B 15 -26.89 45.67 15.78
CA VAL B 15 -26.41 45.68 14.41
C VAL B 15 -24.94 46.13 14.41
N GLY B 16 -24.08 45.29 13.84
CA GLY B 16 -22.68 45.67 13.69
C GLY B 16 -21.82 45.27 14.89
N ASP B 17 -21.96 44.04 15.34
CA ASP B 17 -21.17 43.51 16.43
C ASP B 17 -20.27 42.38 15.91
N SER B 18 -19.32 41.99 16.76
CA SER B 18 -18.34 40.96 16.42
C SER B 18 -18.68 39.70 17.24
N VAL B 19 -19.48 38.82 16.65
CA VAL B 19 -19.94 37.61 17.32
C VAL B 19 -19.06 36.44 16.88
N THR B 20 -18.75 35.57 17.85
CA THR B 20 -17.95 34.37 17.60
C THR B 20 -18.66 33.20 18.28
N ILE B 21 -19.34 32.39 17.48
CA ILE B 21 -19.98 31.17 17.99
C ILE B 21 -19.03 29.99 17.76
N THR B 22 -18.86 29.18 18.79
CA THR B 22 -18.00 28.00 18.70
C THR B 22 -18.84 26.74 18.53
N CYS B 23 -18.30 25.79 17.78
CA CYS B 23 -18.92 24.48 17.58
C CYS B 23 -18.01 23.42 18.17
N ARG B 24 -18.51 22.69 19.16
CA ARG B 24 -17.72 21.68 19.85
C ARG B 24 -17.98 20.32 19.23
N ALA B 25 -16.90 19.62 18.87
CA ALA B 25 -17.03 18.31 18.27
C ALA B 25 -17.11 17.22 19.33
N SER B 26 -17.50 16.02 18.89
CA SER B 26 -17.54 14.85 19.77
C SER B 26 -16.24 14.06 19.68
N GLU B 27 -15.74 13.84 18.46
CA GLU B 27 -14.47 13.18 18.22
C GLU B 27 -13.62 14.07 17.30
N SER B 28 -12.51 13.51 16.82
CA SER B 28 -11.55 14.27 16.02
C SER B 28 -12.06 14.39 14.59
N VAL B 29 -12.69 15.52 14.27
CA VAL B 29 -13.27 15.70 12.95
C VAL B 29 -12.26 16.24 11.93
N SER B 30 -11.27 17.04 12.38
CA SER B 30 -10.08 17.42 11.61
C SER B 30 -10.44 18.18 10.32
N THR B 31 -10.91 19.41 10.54
CA THR B 31 -11.04 20.53 9.58
C THR B 31 -11.89 20.20 8.34
N VAL B 32 -12.73 19.17 8.39
CA VAL B 32 -13.75 18.96 7.37
C VAL B 32 -15.09 19.18 8.07
N LEU B 33 -15.59 20.40 7.99
CA LEU B 33 -16.79 20.79 8.71
C LEU B 33 -17.33 22.07 8.09
N ASN B 34 -18.66 22.21 8.09
CA ASN B 34 -19.32 23.30 7.39
C ASN B 34 -20.24 24.06 8.31
N TRP B 35 -20.61 25.27 7.88
CA TRP B 35 -21.60 26.10 8.56
C TRP B 35 -22.67 26.49 7.54
N TYR B 36 -23.82 26.92 8.05
CA TYR B 36 -24.92 27.32 7.17
C TYR B 36 -25.62 28.55 7.73
N GLN B 37 -26.03 29.43 6.84
CA GLN B 37 -26.89 30.57 7.17
C GLN B 37 -28.29 30.22 6.72
N HIS B 38 -29.17 29.94 7.67
CA HIS B 38 -30.54 29.53 7.39
C HIS B 38 -31.52 30.50 8.02
N LYS B 39 -32.48 30.96 7.23
CA LYS B 39 -33.60 31.77 7.70
C LYS B 39 -34.89 30.97 7.55
N PRO B 40 -35.87 31.18 8.43
CA PRO B 40 -37.13 30.43 8.32
C PRO B 40 -37.90 30.79 7.06
N GLY B 41 -38.44 29.77 6.41
CA GLY B 41 -39.05 29.95 5.11
C GLY B 41 -38.07 30.20 3.99
N LYS B 42 -36.82 29.76 4.15
CA LYS B 42 -35.79 30.01 3.16
C LYS B 42 -34.82 28.84 3.15
N ALA B 43 -34.35 28.49 1.96
CA ALA B 43 -33.35 27.45 1.83
C ALA B 43 -32.00 27.95 2.33
N PRO B 44 -31.25 27.14 3.07
CA PRO B 44 -29.95 27.59 3.57
C PRO B 44 -28.92 27.61 2.47
N LYS B 45 -27.95 28.51 2.64
CA LYS B 45 -26.81 28.60 1.76
C LYS B 45 -25.56 28.17 2.53
N LEU B 46 -24.55 27.72 1.80
CA LEU B 46 -23.29 27.38 2.43
C LEU B 46 -22.57 28.65 2.83
N LEU B 47 -21.89 28.61 3.97
CA LEU B 47 -21.18 29.77 4.49
C LEU B 47 -19.68 29.55 4.55
N ILE B 48 -19.24 28.49 5.23
CA ILE B 48 -17.82 28.14 5.33
C ILE B 48 -17.70 26.67 4.97
N TYR B 49 -16.88 26.35 3.98
CA TYR B 49 -16.55 24.96 3.71
C TYR B 49 -15.11 24.69 4.12
N ALA B 50 -14.83 23.42 4.42
CA ALA B 50 -13.52 22.88 4.81
C ALA B 50 -12.94 23.59 6.04
N ALA B 51 -13.81 24.16 6.89
CA ALA B 51 -13.55 24.78 8.19
C ALA B 51 -12.74 26.07 8.13
N SER B 52 -12.24 26.47 6.97
CA SER B 52 -11.41 27.67 6.91
C SER B 52 -11.87 28.64 5.83
N THR B 53 -12.26 28.11 4.68
CA THR B 53 -12.35 28.88 3.45
C THR B 53 -13.80 29.22 3.15
N LEU B 54 -14.00 29.98 2.07
CA LEU B 54 -15.31 30.48 1.69
C LEU B 54 -15.53 30.33 0.20
N PRO B 55 -16.77 30.18 -0.22
CA PRO B 55 -17.10 30.27 -1.64
C PRO B 55 -17.29 31.73 -2.05
N SER B 56 -17.61 31.93 -3.32
CA SER B 56 -17.89 33.27 -3.81
C SER B 56 -19.27 33.72 -3.37
N GLY B 57 -19.54 35.02 -3.58
CA GLY B 57 -20.86 35.55 -3.29
C GLY B 57 -21.04 36.08 -1.89
N VAL B 58 -20.66 35.28 -0.90
CA VAL B 58 -20.84 35.71 0.50
C VAL B 58 -19.77 36.73 0.85
N PRO B 59 -20.04 37.66 1.76
CA PRO B 59 -19.00 38.64 2.13
C PRO B 59 -17.94 38.01 3.01
N SER B 60 -16.76 38.64 3.01
CA SER B 60 -15.64 38.11 3.77
C SER B 60 -15.68 38.49 5.23
N ARG B 61 -16.77 39.02 5.77
CA ARG B 61 -16.87 39.19 7.22
C ARG B 61 -16.98 37.85 7.93
N PHE B 62 -17.55 36.85 7.29
CA PHE B 62 -17.63 35.49 7.83
C PHE B 62 -16.24 34.87 7.79
N SER B 63 -15.73 34.47 8.95
CA SER B 63 -14.41 33.86 9.05
C SER B 63 -14.51 32.65 9.96
N GLY B 64 -14.25 31.47 9.41
CA GLY B 64 -14.30 30.25 10.18
C GLY B 64 -12.92 29.65 10.33
N SER B 65 -12.68 29.03 11.48
CA SER B 65 -11.38 28.46 11.78
C SER B 65 -11.54 27.38 12.84
N GLY B 66 -10.42 26.76 13.21
CA GLY B 66 -10.37 25.75 14.23
C GLY B 66 -10.65 24.37 13.68
N SER B 67 -10.14 23.36 14.38
CA SER B 67 -10.39 21.96 14.05
C SER B 67 -10.12 21.11 15.28
N GLY B 68 -10.07 19.81 15.08
CA GLY B 68 -9.72 18.87 16.12
C GLY B 68 -10.88 18.58 17.05
N THR B 69 -11.12 19.49 17.98
CA THR B 69 -12.14 19.29 19.00
C THR B 69 -13.15 20.43 18.99
N ASP B 70 -12.72 21.63 18.62
CA ASP B 70 -13.62 22.77 18.59
C ASP B 70 -13.37 23.61 17.34
N PHE B 71 -14.48 24.12 16.79
CA PHE B 71 -14.51 24.90 15.57
C PHE B 71 -15.17 26.22 15.92
N THR B 72 -15.06 27.22 15.04
CA THR B 72 -15.68 28.51 15.33
C THR B 72 -16.10 29.22 14.06
N LEU B 73 -17.19 30.00 14.17
CA LEU B 73 -17.65 30.92 13.14
C LEU B 73 -17.51 32.32 13.70
N SER B 74 -16.87 33.20 12.94
CA SER B 74 -16.66 34.58 13.37
C SER B 74 -17.14 35.53 12.29
N ILE B 75 -18.02 36.46 12.66
CA ILE B 75 -18.46 37.54 11.78
C ILE B 75 -17.97 38.84 12.38
N SER B 76 -17.41 39.70 11.52
CA SER B 76 -16.80 40.95 12.00
C SER B 76 -17.86 41.96 12.42
N SER B 77 -18.81 42.25 11.53
CA SER B 77 -19.85 43.24 11.77
C SER B 77 -21.19 42.61 11.42
N LEU B 78 -22.08 42.52 12.40
CA LEU B 78 -23.38 41.89 12.20
C LEU B 78 -24.27 42.84 11.39
N GLN B 79 -24.39 42.55 10.10
CA GLN B 79 -25.37 43.20 9.26
C GLN B 79 -26.77 42.77 9.69
N PRO B 80 -27.79 43.60 9.46
CA PRO B 80 -29.17 43.17 9.76
C PRO B 80 -29.69 42.01 8.92
N GLU B 81 -29.00 41.63 7.85
CA GLU B 81 -29.35 40.44 7.08
C GLU B 81 -28.76 39.16 7.67
N ASP B 82 -28.06 39.24 8.80
CA ASP B 82 -27.40 38.08 9.38
C ASP B 82 -28.15 37.46 10.54
N PHE B 83 -29.27 38.06 10.96
CA PHE B 83 -30.02 37.56 12.11
C PHE B 83 -30.78 36.31 11.72
N ALA B 84 -30.14 35.15 11.82
CA ALA B 84 -30.63 33.94 11.18
C ALA B 84 -30.37 32.75 12.09
N ILE B 85 -30.44 31.55 11.54
CA ILE B 85 -30.15 30.33 12.27
C ILE B 85 -28.80 29.82 11.79
N TYR B 86 -27.88 29.65 12.72
CA TYR B 86 -26.55 29.13 12.41
C TYR B 86 -26.38 27.77 13.08
N TYR B 87 -25.86 26.81 12.31
CA TYR B 87 -25.44 25.55 12.91
C TYR B 87 -24.28 24.99 12.12
N CYS B 88 -23.36 24.36 12.84
CA CYS B 88 -22.22 23.70 12.26
C CYS B 88 -22.61 22.31 11.77
N GLN B 89 -21.78 21.75 10.89
CA GLN B 89 -22.07 20.42 10.35
C GLN B 89 -20.79 19.78 9.87
N GLN B 90 -20.53 18.56 10.32
CA GLN B 90 -19.33 17.83 9.94
C GLN B 90 -19.55 17.09 8.63
N SER B 91 -18.43 16.69 8.02
CA SER B 91 -18.46 15.82 6.87
C SER B 91 -17.34 14.79 6.88
N TYR B 92 -16.62 14.65 7.99
CA TYR B 92 -15.58 13.63 8.10
C TYR B 92 -16.21 12.25 8.30
N PHE B 93 -16.94 12.09 9.39
CA PHE B 93 -17.54 10.82 9.77
C PHE B 93 -18.92 10.72 9.14
N SER B 94 -19.21 9.57 8.56
CA SER B 94 -20.51 9.36 7.95
C SER B 94 -21.40 8.61 8.94
N PRO B 95 -22.71 8.88 9.01
CA PRO B 95 -23.55 9.84 8.28
C PRO B 95 -23.29 11.30 8.64
N ARG B 96 -23.45 12.20 7.67
CA ARG B 96 -23.20 13.61 7.89
C ARG B 96 -24.25 14.20 8.81
N THR B 97 -23.81 14.73 9.95
CA THR B 97 -24.71 15.19 11.00
C THR B 97 -24.49 16.68 11.23
N PHE B 98 -25.59 17.40 11.44
CA PHE B 98 -25.56 18.85 11.60
C PHE B 98 -25.39 19.20 13.08
N GLY B 99 -25.55 20.48 13.40
CA GLY B 99 -25.38 20.95 14.77
C GLY B 99 -26.66 20.96 15.56
N GLY B 100 -27.01 22.09 16.15
CA GLY B 100 -28.24 22.20 16.88
C GLY B 100 -29.13 23.32 16.38
N GLY B 101 -28.51 24.34 15.79
CA GLY B 101 -29.24 25.54 15.40
C GLY B 101 -29.15 26.62 16.44
N THR B 102 -28.54 27.75 16.09
CA THR B 102 -28.38 28.88 17.00
C THR B 102 -29.07 30.09 16.41
N LYS B 103 -30.06 30.60 17.12
CA LYS B 103 -30.77 31.79 16.67
C LYS B 103 -29.99 33.04 17.03
N VAL B 104 -29.94 33.97 16.09
CA VAL B 104 -29.36 35.29 16.33
C VAL B 104 -30.51 36.28 16.37
N GLU B 105 -30.81 36.79 17.57
CA GLU B 105 -31.95 37.65 17.77
C GLU B 105 -31.52 39.11 17.79
N ILE B 106 -32.46 39.99 17.44
CA ILE B 106 -32.27 41.42 17.60
C ILE B 106 -32.26 41.77 19.09
N LYS B 107 -31.52 42.80 19.45
CA LYS B 107 -31.39 43.22 20.84
C LYS B 107 -32.42 44.29 21.18
N ILE C 1 -23.47 -56.60 17.96
CA ILE C 1 -24.53 -55.62 17.80
C ILE C 1 -23.91 -54.28 17.46
N ARG C 2 -24.24 -53.77 16.26
CA ARG C 2 -23.87 -52.49 15.67
C ARG C 2 -22.40 -52.44 15.25
N CYS C 3 -21.64 -53.47 15.56
CA CYS C 3 -20.27 -53.54 15.09
C CYS C 3 -20.07 -54.85 14.34
N ILE C 4 -21.04 -55.24 13.54
CA ILE C 4 -21.03 -56.58 12.99
C ILE C 4 -20.81 -56.61 11.48
N GLY C 5 -21.12 -55.53 10.77
CA GLY C 5 -20.99 -55.58 9.33
C GLY C 5 -20.22 -54.40 8.80
N VAL C 6 -19.21 -53.96 9.56
CA VAL C 6 -18.52 -52.72 9.24
C VAL C 6 -17.21 -52.93 8.52
N SER C 7 -16.64 -54.15 8.55
CA SER C 7 -15.39 -54.54 7.89
C SER C 7 -14.18 -53.73 8.32
N ASN C 8 -14.30 -52.99 9.43
CA ASN C 8 -13.24 -52.16 9.96
C ASN C 8 -13.26 -52.17 11.48
N ARG C 9 -13.91 -53.16 12.08
CA ARG C 9 -14.02 -53.25 13.51
C ARG C 9 -12.67 -53.55 14.15
N ASP C 10 -12.28 -52.72 15.10
CA ASP C 10 -11.07 -52.96 15.89
C ASP C 10 -11.47 -53.43 17.27
N PHE C 11 -10.69 -54.36 17.80
CA PHE C 11 -10.90 -54.86 19.16
C PHE C 11 -9.84 -54.26 20.09
N VAL C 12 -10.28 -53.79 21.25
CA VAL C 12 -9.38 -53.25 22.25
C VAL C 12 -9.63 -53.95 23.57
N GLU C 13 -8.60 -54.00 24.40
CA GLU C 13 -8.63 -54.74 25.66
C GLU C 13 -7.49 -54.23 26.54
N GLY C 14 -7.25 -54.93 27.64
CA GLY C 14 -6.04 -54.69 28.41
C GLY C 14 -6.20 -53.77 29.60
N MET C 15 -7.37 -53.81 30.24
CA MET C 15 -7.59 -52.99 31.45
C MET C 15 -7.54 -53.88 32.69
N SER C 16 -6.33 -53.98 33.24
CA SER C 16 -6.09 -54.60 34.52
C SER C 16 -5.68 -53.54 35.55
N GLY C 17 -6.34 -52.40 35.49
CA GLY C 17 -5.98 -51.26 36.30
C GLY C 17 -6.22 -49.96 35.57
N GLY C 18 -6.88 -49.03 36.23
CA GLY C 18 -7.25 -47.77 35.60
C GLY C 18 -8.58 -47.80 34.89
N THR C 19 -8.81 -48.83 34.06
CA THR C 19 -10.01 -49.02 33.23
C THR C 19 -10.31 -47.78 32.38
N TRP C 20 -9.28 -47.27 31.72
CA TRP C 20 -9.43 -46.09 30.89
C TRP C 20 -8.79 -46.33 29.52
N VAL C 21 -9.20 -47.39 28.84
CA VAL C 21 -8.70 -47.63 27.48
C VAL C 21 -9.20 -46.53 26.56
N ASP C 22 -8.30 -46.02 25.73
CA ASP C 22 -8.61 -44.88 24.87
C ASP C 22 -8.58 -45.28 23.41
N VAL C 23 -9.55 -44.78 22.66
CA VAL C 23 -9.80 -45.21 21.30
C VAL C 23 -9.92 -43.97 20.42
N VAL C 24 -9.68 -44.16 19.13
CA VAL C 24 -10.04 -43.17 18.13
C VAL C 24 -11.16 -43.75 17.29
N LEU C 25 -12.13 -42.91 16.92
CA LEU C 25 -13.37 -43.39 16.32
C LEU C 25 -13.53 -42.73 14.96
N GLU C 26 -13.14 -43.44 13.90
CA GLU C 26 -13.41 -42.93 12.57
C GLU C 26 -14.87 -43.18 12.22
N HIS C 27 -15.29 -42.62 11.08
CA HIS C 27 -16.69 -42.76 10.70
C HIS C 27 -16.98 -44.12 10.09
N GLY C 28 -16.13 -44.56 9.17
CA GLY C 28 -16.36 -45.86 8.58
C GLY C 28 -16.03 -47.03 9.49
N GLY C 29 -15.25 -46.80 10.53
CA GLY C 29 -14.79 -47.89 11.36
C GLY C 29 -15.35 -47.89 12.77
N CYS C 30 -16.22 -48.85 13.05
CA CYS C 30 -16.73 -49.05 14.40
C CYS C 30 -15.65 -49.70 15.27
N VAL C 31 -15.85 -49.64 16.58
CA VAL C 31 -14.87 -50.14 17.54
C VAL C 31 -15.57 -50.96 18.59
N THR C 32 -15.11 -52.20 18.79
CA THR C 32 -15.60 -53.10 19.81
C THR C 32 -14.58 -53.20 20.93
N VAL C 33 -15.03 -53.03 22.17
CA VAL C 33 -14.14 -53.12 23.31
C VAL C 33 -14.23 -54.52 23.90
N MET C 34 -13.28 -54.83 24.78
CA MET C 34 -13.27 -56.09 25.49
C MET C 34 -12.66 -55.87 26.86
N ALA C 35 -13.30 -56.42 27.88
CA ALA C 35 -12.88 -56.15 29.24
C ALA C 35 -12.63 -57.44 30.00
N GLN C 36 -12.14 -57.27 31.22
CA GLN C 36 -11.96 -58.39 32.14
C GLN C 36 -13.30 -59.01 32.52
N ASP C 37 -14.13 -58.26 33.23
CA ASP C 37 -15.42 -58.79 33.68
C ASP C 37 -16.52 -57.75 33.47
N LYS C 38 -16.43 -57.00 32.37
CA LYS C 38 -17.40 -55.98 32.03
C LYS C 38 -17.94 -56.26 30.63
N PRO C 39 -19.19 -55.87 30.34
CA PRO C 39 -19.77 -56.21 29.04
C PRO C 39 -19.11 -55.46 27.90
N THR C 40 -18.97 -56.16 26.79
CA THR C 40 -18.33 -55.59 25.61
C THR C 40 -19.33 -54.70 24.90
N VAL C 41 -19.08 -53.41 24.91
CA VAL C 41 -19.95 -52.47 24.22
C VAL C 41 -19.33 -52.16 22.87
N ASP C 42 -20.16 -51.76 21.93
CA ASP C 42 -19.71 -51.47 20.59
C ASP C 42 -19.98 -50.00 20.31
N ILE C 43 -18.91 -49.22 20.16
CA ILE C 43 -19.01 -47.78 19.99
C ILE C 43 -18.75 -47.45 18.53
N GLU C 44 -19.47 -46.46 18.02
CA GLU C 44 -19.41 -46.19 16.60
C GLU C 44 -19.78 -44.74 16.38
N LEU C 45 -18.89 -43.99 15.75
CA LEU C 45 -19.19 -42.60 15.43
C LEU C 45 -20.09 -42.56 14.21
N VAL C 46 -21.24 -41.91 14.34
CA VAL C 46 -22.25 -41.93 13.30
C VAL C 46 -22.21 -40.68 12.45
N THR C 47 -22.35 -39.49 13.04
CA THR C 47 -22.40 -38.25 12.27
C THR C 47 -21.39 -37.28 12.85
N THR C 48 -21.37 -36.08 12.29
CA THR C 48 -20.62 -34.95 12.85
C THR C 48 -21.39 -33.71 12.39
N THR C 49 -22.16 -33.13 13.29
CA THR C 49 -23.08 -32.08 12.91
C THR C 49 -22.39 -30.74 13.11
N VAL C 50 -21.72 -30.27 12.07
CA VAL C 50 -21.18 -28.92 12.09
C VAL C 50 -22.33 -27.93 12.04
N SER C 51 -22.47 -27.13 13.08
CA SER C 51 -23.64 -26.29 13.28
C SER C 51 -23.24 -24.83 13.31
N ASN C 52 -24.17 -23.97 12.88
CA ASN C 52 -24.13 -22.52 13.04
C ASN C 52 -22.90 -21.92 12.37
N MET C 53 -22.88 -22.03 11.06
CA MET C 53 -21.73 -21.63 10.26
C MET C 53 -21.87 -20.21 9.74
N ALA C 54 -20.73 -19.53 9.64
CA ALA C 54 -20.64 -18.18 9.11
C ALA C 54 -20.44 -18.24 7.60
N GLU C 55 -20.04 -17.12 7.00
CA GLU C 55 -19.72 -17.09 5.58
C GLU C 55 -18.37 -16.42 5.35
N VAL C 56 -17.67 -16.88 4.31
CA VAL C 56 -16.40 -16.31 3.89
C VAL C 56 -16.66 -16.00 2.42
N ARG C 57 -15.62 -15.64 1.66
CA ARG C 57 -15.64 -15.28 0.25
C ARG C 57 -16.44 -16.23 -0.62
N SER C 58 -17.55 -15.75 -1.15
CA SER C 58 -18.45 -16.58 -1.95
C SER C 58 -18.11 -16.32 -3.42
N TYR C 59 -17.48 -17.31 -4.06
CA TYR C 59 -17.03 -17.16 -5.43
C TYR C 59 -18.20 -17.21 -6.40
N CYS C 60 -17.91 -16.92 -7.66
CA CYS C 60 -18.87 -17.04 -8.74
C CYS C 60 -18.30 -17.92 -9.84
N TYR C 61 -19.18 -18.56 -10.60
CA TYR C 61 -18.74 -19.39 -11.71
C TYR C 61 -19.60 -19.23 -12.95
N GLU C 62 -20.79 -18.65 -12.87
CA GLU C 62 -21.69 -18.49 -14.00
C GLU C 62 -21.78 -16.99 -14.28
N ALA C 63 -20.97 -16.50 -15.20
CA ALA C 63 -20.90 -15.08 -15.48
C ALA C 63 -21.64 -14.77 -16.77
N SER C 64 -22.49 -13.75 -16.72
CA SER C 64 -23.29 -13.35 -17.88
C SER C 64 -22.98 -11.90 -18.19
N ILE C 65 -22.26 -11.67 -19.28
CA ILE C 65 -21.88 -10.34 -19.69
C ILE C 65 -22.98 -9.73 -20.55
N SER C 66 -23.44 -8.54 -20.17
CA SER C 66 -24.43 -7.84 -20.96
C SER C 66 -24.18 -6.35 -20.85
N ASP C 67 -24.85 -5.59 -21.71
CA ASP C 67 -24.91 -4.13 -21.70
C ASP C 67 -23.50 -3.53 -21.84
N MET C 68 -22.83 -3.90 -22.92
CA MET C 68 -21.46 -3.49 -23.13
C MET C 68 -21.38 -2.24 -23.99
N ALA C 69 -20.26 -1.54 -23.90
CA ALA C 69 -20.04 -0.33 -24.68
C ALA C 69 -18.57 -0.26 -25.03
N SER C 70 -18.20 0.81 -25.74
CA SER C 70 -16.81 1.07 -26.08
C SER C 70 -16.63 2.55 -26.36
N ASP C 71 -15.38 3.00 -26.27
CA ASP C 71 -14.98 4.37 -26.55
C ASP C 71 -13.51 4.36 -26.92
N SER C 72 -13.11 5.31 -27.77
CA SER C 72 -11.74 5.38 -28.23
C SER C 72 -11.31 6.83 -28.35
N ARG C 73 -10.06 7.00 -28.74
CA ARG C 73 -9.51 8.32 -29.03
C ARG C 73 -8.50 8.17 -30.15
N CYS C 74 -8.20 9.30 -30.81
CA CYS C 74 -7.15 9.37 -31.81
C CYS C 74 -5.79 9.15 -31.12
N PRO C 75 -4.74 8.81 -31.87
CA PRO C 75 -3.46 8.43 -31.23
C PRO C 75 -2.74 9.53 -30.45
N THR C 76 -3.30 10.73 -30.27
CA THR C 76 -2.72 11.70 -29.35
C THR C 76 -3.68 12.27 -28.33
N GLN C 77 -4.96 11.89 -28.34
CA GLN C 77 -5.94 12.45 -27.43
C GLN C 77 -5.98 11.75 -26.08
N GLY C 78 -4.94 11.04 -25.69
CA GLY C 78 -4.97 10.30 -24.44
C GLY C 78 -5.85 9.08 -24.55
N GLU C 79 -6.13 8.47 -23.41
CA GLU C 79 -7.00 7.31 -23.44
C GLU C 79 -8.45 7.71 -23.42
N ALA C 80 -9.31 6.71 -23.53
CA ALA C 80 -10.74 6.92 -23.57
C ALA C 80 -11.32 6.96 -22.17
N TYR C 81 -12.51 7.51 -22.06
CA TYR C 81 -13.25 7.58 -20.82
C TYR C 81 -14.66 7.09 -21.08
N LEU C 82 -15.28 6.49 -20.07
CA LEU C 82 -16.63 6.00 -20.21
C LEU C 82 -17.35 6.12 -18.88
N ASP C 83 -18.67 6.33 -18.95
CA ASP C 83 -19.48 6.38 -17.74
C ASP C 83 -19.54 5.02 -17.06
N LYS C 84 -19.43 3.96 -17.84
CA LYS C 84 -19.42 2.61 -17.31
C LYS C 84 -18.04 2.17 -16.88
N GLN C 85 -17.09 3.10 -16.84
CA GLN C 85 -15.84 2.85 -16.15
C GLN C 85 -15.91 3.24 -14.68
N SER C 86 -16.89 4.06 -14.29
CA SER C 86 -16.90 4.65 -12.96
C SER C 86 -17.91 3.99 -12.03
N ASP C 87 -18.28 2.74 -12.30
CA ASP C 87 -18.95 1.90 -11.32
C ASP C 87 -18.23 0.56 -11.32
N THR C 88 -18.15 -0.07 -10.15
CA THR C 88 -17.53 -1.38 -10.08
C THR C 88 -18.52 -2.49 -10.33
N GLN C 89 -19.71 -2.19 -10.84
CA GLN C 89 -20.54 -3.24 -11.39
C GLN C 89 -20.13 -3.60 -12.81
N TYR C 90 -19.26 -2.81 -13.43
CA TYR C 90 -18.80 -3.04 -14.79
C TYR C 90 -17.31 -3.33 -14.80
N VAL C 91 -16.88 -4.22 -15.68
CA VAL C 91 -15.47 -4.54 -15.87
C VAL C 91 -14.97 -3.76 -17.08
N CYS C 92 -13.73 -3.28 -17.03
CA CYS C 92 -13.19 -2.47 -18.12
C CYS C 92 -11.75 -2.85 -18.37
N LYS C 93 -11.27 -2.52 -19.57
CA LYS C 93 -9.88 -2.75 -19.93
C LYS C 93 -9.51 -1.78 -21.04
N ARG C 94 -8.38 -1.09 -20.89
CA ARG C 94 -7.87 -0.21 -21.92
C ARG C 94 -6.82 -0.92 -22.76
N THR C 95 -6.84 -0.65 -24.06
CA THR C 95 -6.03 -1.39 -25.00
C THR C 95 -5.74 -0.52 -26.21
N LEU C 96 -4.48 -0.57 -26.68
CA LEU C 96 -4.04 0.26 -27.79
C LEU C 96 -4.41 -0.41 -29.10
N VAL C 97 -5.13 0.32 -29.96
CA VAL C 97 -5.63 -0.21 -31.22
C VAL C 97 -5.14 0.70 -32.34
N ASP C 98 -4.65 0.09 -33.42
CA ASP C 98 -4.08 0.85 -34.52
C ASP C 98 -5.16 1.56 -35.30
N ARG C 99 -5.02 2.87 -35.44
CA ARG C 99 -6.04 3.70 -36.06
C ARG C 99 -5.42 4.58 -37.12
N GLY C 100 -6.26 5.03 -38.06
CA GLY C 100 -5.80 5.89 -39.14
C GLY C 100 -6.89 6.69 -39.82
N TRP C 101 -6.72 6.98 -41.13
CA TRP C 101 -7.77 7.72 -41.85
C TRP C 101 -9.02 6.88 -42.00
N GLY C 102 -8.86 5.57 -42.13
CA GLY C 102 -10.00 4.68 -42.25
C GLY C 102 -10.84 4.58 -41.00
N ASN C 103 -10.31 5.00 -39.86
CA ASN C 103 -11.08 5.09 -38.62
C ASN C 103 -11.31 6.53 -38.22
N GLY C 104 -11.12 7.46 -39.15
CA GLY C 104 -11.46 8.85 -38.92
C GLY C 104 -10.55 9.61 -38.00
N CYS C 105 -9.31 9.18 -37.84
CA CYS C 105 -8.37 9.84 -36.94
C CYS C 105 -7.58 10.90 -37.69
N GLY C 106 -6.55 11.43 -37.03
CA GLY C 106 -5.73 12.47 -37.61
C GLY C 106 -4.29 12.05 -37.82
N LEU C 107 -3.83 11.08 -37.05
CA LEU C 107 -2.51 10.49 -37.27
C LEU C 107 -2.65 8.99 -37.47
N PHE C 108 -1.52 8.29 -37.47
CA PHE C 108 -1.49 6.84 -37.54
C PHE C 108 -0.64 6.35 -36.39
N GLY C 109 -1.25 5.56 -35.51
CA GLY C 109 -0.51 5.05 -34.37
C GLY C 109 -1.42 4.36 -33.38
N LYS C 110 -0.88 4.14 -32.19
CA LYS C 110 -1.56 3.40 -31.14
C LYS C 110 -2.66 4.25 -30.51
N GLY C 111 -3.83 4.28 -31.14
CA GLY C 111 -4.97 4.92 -30.53
C GLY C 111 -5.52 4.05 -29.41
N SER C 112 -5.89 4.70 -28.32
CA SER C 112 -6.37 3.92 -27.19
C SER C 112 -7.83 3.53 -27.37
N LEU C 113 -8.26 2.54 -26.60
CA LEU C 113 -9.61 2.02 -26.71
C LEU C 113 -10.03 1.38 -25.41
N VAL C 114 -11.12 1.87 -24.84
CA VAL C 114 -11.68 1.32 -23.61
C VAL C 114 -13.00 0.68 -23.95
N THR C 115 -13.25 -0.50 -23.39
CA THR C 115 -14.55 -1.14 -23.50
C THR C 115 -15.01 -1.53 -22.09
N CYS C 116 -16.30 -1.60 -21.90
CA CYS C 116 -16.88 -1.94 -20.62
C CYS C 116 -17.92 -3.03 -20.80
N ALA C 117 -18.29 -3.66 -19.68
CA ALA C 117 -19.23 -4.76 -19.70
C ALA C 117 -19.77 -4.97 -18.30
N LYS C 118 -21.10 -5.04 -18.17
CA LYS C 118 -21.72 -5.28 -16.88
C LYS C 118 -21.56 -6.73 -16.48
N PHE C 119 -21.05 -6.96 -15.27
CA PHE C 119 -20.83 -8.31 -14.76
C PHE C 119 -22.07 -8.75 -14.00
N ALA C 120 -22.78 -9.71 -14.55
CA ALA C 120 -23.95 -10.29 -13.91
C ALA C 120 -23.65 -11.76 -13.66
N CYS C 121 -23.52 -12.14 -12.39
CA CYS C 121 -23.29 -13.53 -12.04
C CYS C 121 -24.60 -14.18 -11.65
N SER C 122 -24.83 -15.38 -12.17
CA SER C 122 -26.12 -16.06 -12.00
C SER C 122 -26.08 -17.13 -10.91
N LYS C 123 -25.17 -18.08 -11.01
CA LYS C 123 -25.07 -19.18 -10.05
C LYS C 123 -23.72 -19.06 -9.38
N LYS C 124 -23.72 -18.68 -8.11
CA LYS C 124 -22.50 -18.48 -7.35
C LYS C 124 -22.35 -19.59 -6.31
N MET C 125 -21.12 -19.85 -5.92
CA MET C 125 -20.83 -20.80 -4.87
C MET C 125 -20.49 -20.04 -3.59
N THR C 126 -20.76 -20.65 -2.45
CA THR C 126 -20.63 -19.98 -1.16
C THR C 126 -19.76 -20.84 -0.27
N GLY C 127 -18.67 -20.26 0.23
CA GLY C 127 -17.83 -21.02 1.13
C GLY C 127 -18.01 -20.63 2.58
N LYS C 128 -18.74 -21.46 3.32
CA LYS C 128 -18.95 -21.20 4.73
C LYS C 128 -17.70 -21.57 5.52
N SER C 129 -17.62 -21.03 6.73
CA SER C 129 -16.56 -21.30 7.68
C SER C 129 -17.04 -22.27 8.73
N ILE C 130 -16.09 -22.98 9.34
CA ILE C 130 -16.40 -23.93 10.41
C ILE C 130 -15.60 -23.55 11.63
N GLN C 131 -16.29 -23.13 12.68
CA GLN C 131 -15.61 -22.91 13.94
C GLN C 131 -15.29 -24.27 14.56
N PRO C 132 -14.20 -24.38 15.32
CA PRO C 132 -13.91 -25.66 15.98
C PRO C 132 -14.77 -25.89 17.19
N GLU C 133 -15.51 -24.89 17.65
CA GLU C 133 -16.16 -24.95 18.95
C GLU C 133 -17.63 -25.32 18.86
N ASN C 134 -18.21 -25.35 17.66
CA ASN C 134 -19.61 -25.75 17.51
C ASN C 134 -19.75 -27.05 16.74
N LEU C 135 -18.71 -27.89 16.75
CA LEU C 135 -18.84 -29.26 16.29
C LEU C 135 -19.79 -30.00 17.21
N GLU C 136 -20.47 -31.00 16.67
CA GLU C 136 -21.43 -31.71 17.50
C GLU C 136 -21.37 -33.17 17.10
N TYR C 137 -20.47 -33.91 17.74
CA TYR C 137 -20.27 -35.32 17.42
C TYR C 137 -21.45 -36.13 17.94
N ARG C 138 -21.61 -37.33 17.40
CA ARG C 138 -22.71 -38.19 17.83
C ARG C 138 -22.20 -39.62 17.86
N ILE C 139 -21.88 -40.09 19.06
CA ILE C 139 -21.42 -41.46 19.27
C ILE C 139 -22.60 -42.28 19.75
N MET C 140 -22.86 -43.40 19.08
CA MET C 140 -23.90 -44.33 19.50
C MET C 140 -23.23 -45.55 20.10
N LEU C 141 -23.58 -45.88 21.34
CA LEU C 141 -23.09 -47.08 21.97
C LEU C 141 -24.03 -48.24 21.66
N SER C 142 -23.54 -49.45 21.86
CA SER C 142 -24.38 -50.64 21.73
C SER C 142 -23.71 -51.76 22.51
N VAL C 143 -24.39 -52.28 23.52
CA VAL C 143 -23.81 -53.34 24.32
C VAL C 143 -24.00 -54.66 23.58
N HIS C 144 -23.29 -55.68 24.03
CA HIS C 144 -23.49 -57.02 23.53
C HIS C 144 -24.32 -57.82 24.53
N GLY C 145 -25.22 -58.65 24.02
CA GLY C 145 -26.02 -59.43 24.93
C GLY C 145 -27.43 -59.71 24.46
N SER C 146 -28.40 -59.32 25.27
CA SER C 146 -29.77 -59.80 25.11
C SER C 146 -30.54 -59.12 23.99
N GLN C 147 -30.07 -59.26 22.75
CA GLN C 147 -30.76 -58.63 21.63
C GLN C 147 -30.45 -59.40 20.35
N HIS C 148 -31.48 -59.59 19.53
CA HIS C 148 -31.35 -60.39 18.31
C HIS C 148 -30.75 -59.53 17.21
N SER C 149 -30.69 -60.08 15.99
CA SER C 149 -30.02 -59.36 14.92
C SER C 149 -30.93 -58.34 14.25
N GLY C 150 -32.19 -58.30 14.66
CA GLY C 150 -33.09 -57.29 14.14
C GLY C 150 -32.85 -55.93 14.77
N MET C 151 -32.04 -55.89 15.83
CA MET C 151 -31.70 -54.68 16.54
C MET C 151 -30.21 -54.38 16.43
N ILE C 152 -29.64 -54.56 15.25
CA ILE C 152 -28.22 -54.28 15.03
C ILE C 152 -28.05 -52.86 14.51
N VAL C 153 -28.71 -52.56 13.39
CA VAL C 153 -28.73 -51.19 12.87
C VAL C 153 -30.03 -50.48 13.19
N ASN C 154 -30.95 -51.14 13.91
CA ASN C 154 -32.20 -50.52 14.31
C ASN C 154 -31.96 -49.40 15.31
N ASP C 155 -32.10 -48.16 14.85
CA ASP C 155 -31.86 -47.00 15.69
C ASP C 155 -33.13 -46.37 16.22
N THR C 156 -34.30 -46.81 15.74
CA THR C 156 -35.57 -46.19 16.10
C THR C 156 -35.93 -46.58 17.51
N GLY C 157 -35.65 -45.70 18.47
CA GLY C 157 -36.01 -45.93 19.84
C GLY C 157 -34.85 -46.47 20.64
N HIS C 158 -34.16 -45.58 21.36
CA HIS C 158 -33.13 -45.99 22.29
C HIS C 158 -33.19 -45.22 23.60
N GLU C 159 -34.17 -44.33 23.77
CA GLU C 159 -34.43 -43.77 25.09
C GLU C 159 -35.21 -44.76 25.95
N THR C 160 -36.13 -45.51 25.36
CA THR C 160 -36.83 -46.53 26.13
C THR C 160 -35.94 -47.75 26.33
N ASP C 161 -35.16 -48.10 25.31
CA ASP C 161 -34.26 -49.24 25.40
C ASP C 161 -32.99 -48.87 26.16
N GLU C 162 -32.24 -49.88 26.57
CA GLU C 162 -31.03 -49.66 27.34
C GLU C 162 -29.79 -50.21 26.65
N ASN C 163 -29.96 -51.22 25.80
CA ASN C 163 -28.82 -51.90 25.20
C ASN C 163 -28.06 -51.03 24.22
N ARG C 164 -28.71 -50.01 23.65
CA ARG C 164 -27.99 -49.00 22.90
C ARG C 164 -28.42 -47.62 23.39
N ALA C 165 -27.46 -46.71 23.47
CA ALA C 165 -27.73 -45.35 23.90
C ALA C 165 -26.69 -44.44 23.28
N LYS C 166 -27.12 -43.29 22.79
CA LYS C 166 -26.25 -42.37 22.08
C LYS C 166 -25.86 -41.20 22.97
N VAL C 167 -24.73 -40.59 22.66
CA VAL C 167 -24.22 -39.43 23.38
C VAL C 167 -23.74 -38.40 22.37
N GLU C 168 -23.84 -37.14 22.76
CA GLU C 168 -23.31 -36.05 21.95
C GLU C 168 -22.01 -35.56 22.56
N ILE C 169 -21.06 -35.21 21.71
CA ILE C 169 -19.80 -34.65 22.17
C ILE C 169 -19.67 -33.25 21.55
N THR C 170 -20.05 -32.25 22.32
CA THR C 170 -19.75 -30.87 21.96
C THR C 170 -18.46 -30.45 22.63
N PRO C 171 -17.72 -29.47 22.12
CA PRO C 171 -16.55 -28.96 22.86
C PRO C 171 -16.92 -28.24 24.15
N ASN C 172 -18.15 -27.77 24.30
CA ASN C 172 -18.61 -27.27 25.59
C ASN C 172 -18.98 -28.39 26.55
N SER C 173 -19.09 -29.62 26.07
CA SER C 173 -19.32 -30.72 26.98
C SER C 173 -18.74 -32.04 26.49
N PRO C 174 -17.42 -32.25 26.56
CA PRO C 174 -16.88 -33.60 26.38
C PRO C 174 -16.98 -34.48 27.61
N ARG C 175 -17.84 -34.13 28.56
CA ARG C 175 -18.13 -34.91 29.76
C ARG C 175 -19.55 -35.42 29.59
N ALA C 176 -19.66 -36.57 28.92
CA ALA C 176 -20.95 -37.18 28.62
C ALA C 176 -20.80 -38.67 28.78
N GLU C 177 -21.42 -39.22 29.82
CA GLU C 177 -21.45 -40.65 30.07
C GLU C 177 -22.88 -41.15 29.88
N ALA C 178 -23.02 -42.26 29.16
CA ALA C 178 -24.32 -42.78 28.82
C ALA C 178 -24.83 -43.71 29.92
N THR C 179 -26.12 -43.63 30.18
CA THR C 179 -26.74 -44.42 31.25
C THR C 179 -27.36 -45.66 30.62
N LEU C 180 -26.59 -46.74 30.57
CA LEU C 180 -27.11 -48.06 30.20
C LEU C 180 -27.66 -48.69 31.48
N GLY C 181 -28.87 -48.27 31.85
CA GLY C 181 -29.39 -48.55 33.19
C GLY C 181 -29.66 -50.01 33.52
N GLY C 182 -28.75 -50.62 34.24
CA GLY C 182 -28.73 -52.05 34.44
C GLY C 182 -27.39 -52.62 34.03
N PHE C 183 -26.83 -52.09 32.95
CA PHE C 183 -25.45 -52.37 32.59
C PHE C 183 -24.46 -51.49 33.32
N GLY C 184 -24.95 -50.39 33.92
CA GLY C 184 -24.07 -49.45 34.55
C GLY C 184 -24.04 -48.16 33.77
N SER C 185 -22.88 -47.51 33.68
CA SER C 185 -22.78 -46.29 32.90
C SER C 185 -21.40 -46.11 32.31
N LEU C 186 -21.29 -46.13 30.98
CA LEU C 186 -19.98 -46.04 30.35
C LEU C 186 -19.50 -44.60 30.41
N GLY C 187 -18.50 -44.35 31.25
CA GLY C 187 -17.85 -43.06 31.30
C GLY C 187 -17.07 -42.84 30.02
N LEU C 188 -17.16 -41.62 29.47
CA LEU C 188 -16.68 -41.36 28.12
C LEU C 188 -16.33 -39.89 28.03
N ASP C 189 -15.03 -39.58 27.99
CA ASP C 189 -14.57 -38.20 27.84
C ASP C 189 -13.76 -38.11 26.56
N CYS C 190 -14.37 -37.54 25.53
CA CYS C 190 -13.72 -37.45 24.23
C CYS C 190 -12.85 -36.19 24.17
N GLU C 191 -12.44 -35.83 22.96
CA GLU C 191 -11.56 -34.69 22.73
C GLU C 191 -11.89 -34.08 21.38
N PRO C 192 -12.98 -33.29 21.31
CA PRO C 192 -13.49 -32.85 20.00
C PRO C 192 -12.71 -31.71 19.38
N ARG C 193 -11.66 -31.18 20.01
CA ARG C 193 -10.85 -30.17 19.35
C ARG C 193 -10.02 -30.78 18.23
N THR C 194 -9.30 -31.85 18.54
CA THR C 194 -8.39 -32.48 17.59
C THR C 194 -9.14 -33.46 16.68
N GLY C 195 -10.09 -32.92 15.94
CA GLY C 195 -10.87 -33.73 15.03
C GLY C 195 -10.15 -33.85 13.70
N LEU C 196 -10.80 -33.40 12.63
CA LEU C 196 -10.20 -33.53 11.31
C LEU C 196 -9.43 -32.26 10.98
N ASP C 197 -8.57 -31.83 11.92
CA ASP C 197 -7.74 -30.62 11.80
C ASP C 197 -8.57 -29.41 11.42
N PHE C 198 -9.57 -29.09 12.23
CA PHE C 198 -10.55 -28.07 11.86
C PHE C 198 -9.93 -26.68 11.99
N SER C 199 -10.73 -25.66 11.68
CA SER C 199 -10.38 -24.25 11.45
C SER C 199 -9.47 -24.07 10.23
N ASP C 200 -9.24 -25.11 9.45
CA ASP C 200 -8.63 -24.99 8.13
C ASP C 200 -9.55 -25.55 7.07
N LEU C 201 -10.78 -25.89 7.44
CA LEU C 201 -11.67 -26.67 6.58
C LEU C 201 -12.92 -25.85 6.33
N TYR C 202 -12.94 -25.11 5.23
CA TYR C 202 -14.15 -24.39 4.86
C TYR C 202 -15.18 -25.36 4.33
N TYR C 203 -16.42 -24.89 4.26
CA TYR C 203 -17.56 -25.71 3.91
C TYR C 203 -18.15 -25.19 2.61
N LEU C 204 -17.59 -25.66 1.51
CA LEU C 204 -17.93 -25.13 0.20
C LEU C 204 -19.29 -25.63 -0.26
N THR C 205 -20.18 -24.71 -0.57
CA THR C 205 -21.53 -25.01 -1.00
C THR C 205 -21.70 -24.54 -2.44
N MET C 206 -22.04 -25.45 -3.33
CA MET C 206 -22.36 -25.06 -4.69
C MET C 206 -23.39 -26.03 -5.26
N ASN C 207 -24.36 -25.46 -5.99
CA ASN C 207 -25.38 -26.20 -6.74
C ASN C 207 -26.18 -27.14 -5.85
N ASN C 208 -26.31 -26.77 -4.58
CA ASN C 208 -26.86 -27.60 -3.50
C ASN C 208 -26.13 -28.94 -3.38
N LYS C 209 -24.83 -28.95 -3.61
CA LYS C 209 -23.93 -30.00 -3.13
C LYS C 209 -22.92 -29.35 -2.19
N HIS C 210 -22.31 -30.15 -1.33
CA HIS C 210 -21.50 -29.58 -0.26
C HIS C 210 -20.20 -30.34 -0.12
N TRP C 211 -19.18 -29.65 0.38
CA TRP C 211 -17.84 -30.20 0.45
C TRP C 211 -17.18 -29.75 1.74
N LEU C 212 -15.97 -30.26 1.99
CA LEU C 212 -15.08 -29.77 3.03
C LEU C 212 -13.75 -29.49 2.37
N VAL C 213 -13.59 -28.30 1.86
CA VAL C 213 -12.35 -27.93 1.20
C VAL C 213 -11.36 -27.46 2.24
N HIS C 214 -10.08 -27.54 1.91
CA HIS C 214 -9.06 -26.95 2.76
C HIS C 214 -9.14 -25.44 2.62
N LYS C 215 -8.68 -24.72 3.65
CA LYS C 215 -8.72 -23.26 3.58
C LYS C 215 -7.74 -22.74 2.54
N GLU C 216 -6.66 -23.48 2.33
CA GLU C 216 -5.64 -23.10 1.35
C GLU C 216 -6.20 -23.16 -0.07
N TRP C 217 -6.85 -24.26 -0.40
CA TRP C 217 -7.44 -24.41 -1.72
C TRP C 217 -8.56 -23.42 -1.93
N PHE C 218 -9.28 -23.07 -0.87
CA PHE C 218 -10.38 -22.15 -1.05
C PHE C 218 -9.89 -20.72 -1.24
N HIS C 219 -8.80 -20.33 -0.59
CA HIS C 219 -8.31 -18.98 -0.86
C HIS C 219 -7.47 -18.89 -2.11
N ASP C 220 -7.00 -20.01 -2.67
CA ASP C 220 -6.14 -19.92 -3.83
C ASP C 220 -6.92 -20.06 -5.14
N ILE C 221 -8.22 -19.83 -5.15
CA ILE C 221 -9.04 -19.97 -6.35
C ILE C 221 -9.00 -18.64 -7.11
N PRO C 222 -8.60 -18.62 -8.36
CA PRO C 222 -8.76 -17.42 -9.17
C PRO C 222 -10.12 -17.31 -9.83
N LEU C 223 -11.10 -16.75 -9.12
CA LEU C 223 -12.43 -16.55 -9.67
C LEU C 223 -12.97 -15.26 -9.10
N PRO C 224 -14.03 -14.69 -9.69
CA PRO C 224 -14.68 -13.55 -9.06
C PRO C 224 -15.28 -13.91 -7.72
N TRP C 225 -15.21 -12.98 -6.79
CA TRP C 225 -15.67 -13.25 -5.43
C TRP C 225 -16.08 -11.95 -4.77
N HIS C 226 -16.81 -12.10 -3.66
CA HIS C 226 -17.10 -10.99 -2.77
C HIS C 226 -17.09 -11.55 -1.37
N ALA C 227 -16.87 -10.68 -0.38
CA ALA C 227 -16.85 -11.13 1.01
C ALA C 227 -18.24 -11.61 1.43
N GLY C 228 -18.27 -12.60 2.31
CA GLY C 228 -19.51 -13.30 2.60
C GLY C 228 -20.51 -12.45 3.36
N ALA C 229 -20.02 -11.42 4.06
CA ALA C 229 -20.89 -10.51 4.79
C ALA C 229 -21.62 -9.62 3.78
N ASP C 230 -22.70 -10.17 3.22
CA ASP C 230 -23.29 -9.54 2.05
C ASP C 230 -24.76 -9.92 1.94
N THR C 231 -25.41 -9.34 0.94
CA THR C 231 -26.82 -9.52 0.60
C THR C 231 -26.87 -9.44 -0.93
N GLY C 232 -28.04 -9.12 -1.50
CA GLY C 232 -28.18 -8.92 -2.93
C GLY C 232 -27.29 -7.88 -3.54
N THR C 233 -27.17 -7.90 -4.89
CA THR C 233 -26.26 -7.20 -5.80
C THR C 233 -24.86 -7.02 -5.22
N PRO C 234 -24.07 -8.09 -5.16
CA PRO C 234 -22.75 -8.00 -4.54
C PRO C 234 -21.76 -7.27 -5.44
N HIS C 235 -20.61 -6.98 -4.86
CA HIS C 235 -19.53 -6.27 -5.53
C HIS C 235 -18.40 -7.27 -5.77
N TRP C 236 -18.27 -7.71 -7.01
CA TRP C 236 -17.33 -8.77 -7.33
C TRP C 236 -15.91 -8.22 -7.33
N ASN C 237 -15.05 -8.81 -6.49
CA ASN C 237 -13.77 -8.17 -6.20
C ASN C 237 -12.76 -8.35 -7.32
N ASN C 238 -12.91 -9.38 -8.15
CA ASN C 238 -11.89 -9.63 -9.18
C ASN C 238 -12.58 -10.26 -10.39
N LYS C 239 -13.05 -9.42 -11.30
CA LYS C 239 -13.82 -9.92 -12.43
C LYS C 239 -12.95 -10.25 -13.63
N GLU C 240 -11.65 -9.98 -13.56
CA GLU C 240 -10.77 -10.17 -14.70
C GLU C 240 -10.54 -11.63 -15.04
N ALA C 241 -10.88 -12.55 -14.15
CA ALA C 241 -10.63 -13.95 -14.37
C ALA C 241 -11.73 -14.65 -15.16
N LEU C 242 -12.92 -14.08 -15.23
CA LEU C 242 -14.00 -14.70 -15.98
C LEU C 242 -14.43 -13.95 -17.22
N VAL C 243 -13.77 -12.85 -17.58
CA VAL C 243 -14.01 -12.19 -18.86
C VAL C 243 -12.71 -12.22 -19.65
N GLU C 244 -12.84 -12.32 -20.96
CA GLU C 244 -11.70 -12.35 -21.84
C GLU C 244 -11.90 -11.34 -22.95
N PHE C 245 -10.92 -10.47 -23.14
CA PHE C 245 -11.01 -9.36 -24.07
C PHE C 245 -10.23 -9.68 -25.33
N LYS C 246 -10.92 -10.16 -26.34
CA LYS C 246 -10.35 -10.23 -27.68
C LYS C 246 -10.42 -8.86 -28.30
N ASP C 247 -9.32 -8.41 -28.90
CA ASP C 247 -9.19 -7.04 -29.37
C ASP C 247 -9.44 -7.00 -30.88
N ALA C 248 -10.66 -6.64 -31.25
CA ALA C 248 -11.01 -6.34 -32.63
C ALA C 248 -10.94 -4.83 -32.80
N HIS C 249 -10.57 -4.38 -33.99
CA HIS C 249 -10.26 -2.98 -34.21
C HIS C 249 -11.55 -2.21 -34.47
N ALA C 250 -11.40 -1.00 -35.02
CA ALA C 250 -12.50 -0.09 -35.37
C ALA C 250 -13.35 0.25 -34.14
N LYS C 251 -12.64 0.77 -33.14
CA LYS C 251 -13.13 1.41 -31.90
C LYS C 251 -14.22 0.64 -31.14
N ARG C 252 -14.17 -0.70 -31.20
CA ARG C 252 -14.94 -1.58 -30.33
C ARG C 252 -14.36 -2.99 -30.39
N GLN C 253 -13.82 -3.46 -29.26
CA GLN C 253 -13.28 -4.80 -29.18
C GLN C 253 -14.32 -5.70 -28.52
N THR C 254 -14.18 -7.01 -28.73
CA THR C 254 -15.22 -7.94 -28.33
C THR C 254 -14.97 -8.44 -26.92
N VAL C 255 -16.00 -8.44 -26.10
CA VAL C 255 -15.89 -8.91 -24.72
C VAL C 255 -16.60 -10.25 -24.62
N VAL C 256 -15.86 -11.33 -24.75
CA VAL C 256 -16.40 -12.67 -24.57
C VAL C 256 -16.26 -13.02 -23.10
N VAL C 257 -17.14 -13.89 -22.63
CA VAL C 257 -17.14 -14.32 -21.24
C VAL C 257 -16.84 -15.81 -21.21
N LEU C 258 -15.98 -16.22 -20.29
CA LEU C 258 -15.80 -17.65 -20.08
C LEU C 258 -17.07 -18.20 -19.47
N GLY C 259 -17.38 -19.44 -19.81
CA GLY C 259 -18.66 -19.99 -19.45
C GLY C 259 -18.72 -20.44 -18.01
N SER C 260 -19.63 -21.38 -17.75
CA SER C 260 -19.82 -21.90 -16.42
C SER C 260 -18.61 -22.73 -15.99
N GLN C 261 -17.94 -22.28 -14.94
CA GLN C 261 -16.76 -22.94 -14.42
C GLN C 261 -17.10 -24.09 -13.47
N GLU C 262 -18.31 -24.63 -13.57
CA GLU C 262 -18.80 -25.70 -12.71
C GLU C 262 -17.92 -26.93 -12.75
N GLY C 263 -17.68 -27.46 -13.94
CA GLY C 263 -16.92 -28.69 -14.07
C GLY C 263 -15.45 -28.50 -13.74
N ALA C 264 -14.94 -27.28 -13.93
CA ALA C 264 -13.54 -27.02 -13.63
C ALA C 264 -13.29 -27.04 -12.13
N VAL C 265 -14.20 -26.44 -11.36
CA VAL C 265 -14.04 -26.47 -9.91
C VAL C 265 -14.51 -27.81 -9.36
N HIS C 266 -15.27 -28.58 -10.13
CA HIS C 266 -15.58 -29.95 -9.74
C HIS C 266 -14.35 -30.83 -9.86
N THR C 267 -13.66 -30.78 -11.00
CA THR C 267 -12.46 -31.59 -11.16
C THR C 267 -11.25 -30.98 -10.47
N ALA C 268 -11.35 -29.76 -9.96
CA ALA C 268 -10.31 -29.23 -9.09
C ALA C 268 -10.44 -29.73 -7.68
N LEU C 269 -11.59 -30.32 -7.33
CA LEU C 269 -11.82 -30.84 -6.00
C LEU C 269 -11.37 -32.28 -5.88
N ALA C 270 -10.12 -32.57 -6.22
CA ALA C 270 -9.70 -33.96 -6.31
C ALA C 270 -9.42 -34.60 -4.96
N GLY C 271 -9.55 -33.89 -3.85
CA GLY C 271 -9.26 -34.50 -2.57
C GLY C 271 -10.18 -34.11 -1.45
N ALA C 272 -11.17 -33.28 -1.74
CA ALA C 272 -12.08 -32.84 -0.69
C ALA C 272 -13.07 -33.94 -0.35
N LEU C 273 -13.65 -33.83 0.84
CA LEU C 273 -14.68 -34.76 1.27
C LEU C 273 -16.04 -34.22 0.84
N GLU C 274 -17.07 -35.04 0.99
CA GLU C 274 -18.42 -34.62 0.71
C GLU C 274 -19.23 -34.55 1.99
N ALA C 275 -20.20 -33.64 2.03
CA ALA C 275 -21.07 -33.49 3.17
C ALA C 275 -22.48 -33.23 2.70
N GLU C 276 -23.41 -33.31 3.64
CA GLU C 276 -24.81 -32.95 3.38
C GLU C 276 -25.17 -31.75 4.23
N MET C 277 -26.31 -31.16 3.90
CA MET C 277 -26.85 -30.01 4.61
C MET C 277 -28.19 -30.39 5.22
N ASP C 278 -28.31 -30.24 6.54
CA ASP C 278 -29.56 -30.50 7.25
C ASP C 278 -30.28 -29.21 7.58
N GLY C 279 -30.25 -28.25 6.66
CA GLY C 279 -30.85 -26.96 6.90
C GLY C 279 -29.82 -25.96 7.36
N ALA C 280 -29.84 -25.63 8.64
CA ALA C 280 -28.87 -24.70 9.20
C ALA C 280 -27.56 -25.37 9.56
N LYS C 281 -27.58 -26.67 9.81
CA LYS C 281 -26.41 -27.41 10.24
C LYS C 281 -25.93 -28.33 9.14
N GLY C 282 -24.62 -28.34 8.91
CA GLY C 282 -24.05 -29.21 7.91
C GLY C 282 -23.56 -30.52 8.48
N ARG C 283 -24.38 -31.56 8.35
CA ARG C 283 -24.01 -32.87 8.85
C ARG C 283 -23.09 -33.55 7.86
N LEU C 284 -21.92 -33.96 8.32
CA LEU C 284 -20.96 -34.64 7.45
C LEU C 284 -20.72 -36.04 7.98
N SER C 285 -20.00 -36.85 7.21
CA SER C 285 -19.64 -38.20 7.66
C SER C 285 -18.19 -38.44 7.27
N SER C 286 -17.27 -38.07 8.16
CA SER C 286 -15.83 -38.26 7.99
C SER C 286 -15.06 -37.88 9.24
N GLY C 287 -13.76 -38.10 9.23
CA GLY C 287 -12.93 -37.66 10.31
C GLY C 287 -12.79 -38.70 11.40
N HIS C 288 -12.34 -38.24 12.56
CA HIS C 288 -12.11 -39.12 13.68
C HIS C 288 -12.27 -38.31 14.97
N LEU C 289 -12.10 -38.99 16.09
CA LEU C 289 -12.30 -38.39 17.41
C LEU C 289 -11.55 -39.23 18.43
N LYS C 290 -10.48 -38.70 19.00
CA LYS C 290 -9.73 -39.43 20.02
C LYS C 290 -10.50 -39.36 21.33
N CYS C 291 -11.32 -40.36 21.55
CA CYS C 291 -12.04 -40.41 22.82
C CYS C 291 -11.27 -41.27 23.81
N ARG C 292 -11.85 -41.45 24.98
CA ARG C 292 -11.23 -42.27 26.01
C ARG C 292 -12.33 -42.84 26.88
N LEU C 293 -12.36 -44.16 27.01
CA LEU C 293 -13.49 -44.83 27.62
C LEU C 293 -13.15 -45.19 29.05
N LYS C 294 -13.91 -44.66 29.99
CA LYS C 294 -13.76 -45.04 31.39
C LYS C 294 -14.83 -46.06 31.71
N MET C 295 -14.40 -47.30 31.93
CA MET C 295 -15.30 -48.41 32.25
C MET C 295 -15.41 -48.63 33.74
N ASP C 296 -15.38 -47.53 34.50
CA ASP C 296 -15.55 -47.59 35.94
C ASP C 296 -16.96 -48.01 36.35
N LYS C 297 -17.95 -47.85 35.48
CA LYS C 297 -19.30 -48.29 35.78
C LYS C 297 -19.88 -49.11 34.63
N LEU C 298 -19.16 -50.15 34.21
CA LEU C 298 -19.74 -51.17 33.35
C LEU C 298 -19.80 -52.48 34.13
N ARG C 299 -20.99 -52.88 34.55
CA ARG C 299 -21.20 -54.13 35.24
C ARG C 299 -21.97 -55.09 34.34
N LEU C 300 -21.73 -56.38 34.52
CA LEU C 300 -22.49 -57.38 33.79
C LEU C 300 -23.91 -57.39 34.30
N LYS C 301 -24.87 -57.51 33.39
CA LYS C 301 -26.27 -57.45 33.80
C LYS C 301 -26.69 -58.73 34.50
N GLY C 302 -26.67 -59.84 33.79
CA GLY C 302 -27.11 -61.09 34.35
C GLY C 302 -26.02 -62.00 34.89
N VAL C 303 -25.20 -61.51 35.81
CA VAL C 303 -24.18 -62.36 36.40
C VAL C 303 -24.72 -63.10 37.62
N SER C 304 -25.84 -62.67 38.18
CA SER C 304 -26.52 -63.41 39.23
C SER C 304 -27.67 -64.25 38.67
N TYR C 305 -27.53 -64.77 37.46
CA TYR C 305 -28.59 -65.53 36.83
C TYR C 305 -28.25 -67.01 36.84
N SER C 306 -29.28 -67.85 36.73
CA SER C 306 -29.09 -69.29 36.62
C SER C 306 -28.74 -69.63 35.18
N LEU C 307 -28.62 -70.92 34.87
CA LEU C 307 -28.35 -71.35 33.51
C LEU C 307 -29.64 -71.84 32.86
N CYS C 308 -29.79 -71.56 31.57
CA CYS C 308 -30.97 -71.98 30.85
C CYS C 308 -31.00 -73.48 30.68
N THR C 309 -32.16 -74.08 30.89
CA THR C 309 -32.32 -75.52 31.00
C THR C 309 -33.39 -76.03 30.04
N ALA C 310 -33.32 -75.59 28.79
CA ALA C 310 -34.31 -76.01 27.81
C ALA C 310 -33.64 -76.09 26.44
N ALA C 311 -34.46 -76.04 25.39
CA ALA C 311 -34.12 -76.48 24.03
C ALA C 311 -32.92 -75.79 23.39
N PHE C 312 -32.98 -74.46 23.25
CA PHE C 312 -32.03 -73.66 22.47
C PHE C 312 -31.93 -74.12 21.02
N THR C 313 -33.04 -74.01 20.31
CA THR C 313 -33.02 -74.29 18.89
C THR C 313 -32.26 -73.19 18.16
N PHE C 314 -31.48 -73.56 17.15
CA PHE C 314 -30.82 -72.57 16.32
C PHE C 314 -31.82 -71.78 15.51
N THR C 315 -31.37 -70.63 15.02
CA THR C 315 -32.06 -69.93 13.96
C THR C 315 -31.04 -69.12 13.18
N LYS C 316 -31.37 -68.81 11.92
CA LYS C 316 -30.72 -67.81 11.11
C LYS C 316 -29.27 -68.16 10.73
N ILE C 317 -28.97 -69.47 10.73
CA ILE C 317 -27.68 -70.07 10.26
C ILE C 317 -26.36 -69.34 10.52
N PRO C 318 -25.68 -69.71 11.60
CA PRO C 318 -24.49 -68.94 12.02
C PRO C 318 -23.37 -68.88 10.98
N ALA C 319 -22.75 -67.71 10.87
CA ALA C 319 -21.83 -67.41 9.77
C ALA C 319 -20.59 -66.68 10.26
N GLU C 320 -19.49 -66.84 9.53
CA GLU C 320 -18.25 -66.13 9.82
C GLU C 320 -18.40 -64.66 9.47
N THR C 321 -17.54 -63.82 10.06
CA THR C 321 -17.72 -62.38 10.01
C THR C 321 -16.40 -61.64 9.74
N LEU C 322 -15.66 -62.09 8.73
CA LEU C 322 -14.61 -61.32 8.05
C LEU C 322 -13.38 -61.00 8.93
N HIS C 323 -13.43 -61.28 10.22
CA HIS C 323 -12.27 -61.23 11.09
C HIS C 323 -12.09 -62.53 11.85
N GLY C 324 -12.99 -63.49 11.62
CA GLY C 324 -12.97 -64.75 12.30
C GLY C 324 -14.02 -64.90 13.37
N THR C 325 -14.69 -63.83 13.75
CA THR C 325 -15.74 -63.93 14.74
C THR C 325 -16.97 -64.62 14.14
N VAL C 326 -17.75 -65.26 15.00
CA VAL C 326 -18.90 -66.05 14.58
C VAL C 326 -20.12 -65.55 15.33
N THR C 327 -21.12 -65.09 14.61
CA THR C 327 -22.29 -64.48 15.22
C THR C 327 -23.43 -65.49 15.26
N VAL C 328 -23.42 -66.34 16.27
CA VAL C 328 -24.48 -67.29 16.48
C VAL C 328 -25.71 -66.59 17.02
N GLU C 329 -26.86 -66.82 16.40
CA GLU C 329 -28.14 -66.37 16.93
C GLU C 329 -28.97 -67.57 17.31
N VAL C 330 -29.39 -67.65 18.57
CA VAL C 330 -30.22 -68.74 19.05
C VAL C 330 -31.54 -68.18 19.54
N GLN C 331 -32.56 -69.04 19.54
CA GLN C 331 -33.82 -68.74 20.22
C GLN C 331 -34.01 -69.77 21.32
N TYR C 332 -34.48 -69.30 22.46
CA TYR C 332 -34.62 -70.13 23.64
C TYR C 332 -36.07 -70.58 23.74
N ALA C 333 -36.30 -71.88 23.59
CA ALA C 333 -37.66 -72.43 23.62
C ALA C 333 -38.00 -72.93 25.02
N GLY C 334 -38.18 -71.98 25.92
CA GLY C 334 -38.59 -72.26 27.29
C GLY C 334 -39.24 -71.04 27.88
N THR C 335 -39.33 -71.00 29.21
CA THR C 335 -39.95 -69.88 29.90
C THR C 335 -39.19 -69.54 31.17
N ASP C 336 -37.87 -69.70 31.17
CA ASP C 336 -37.01 -69.49 32.35
C ASP C 336 -36.80 -68.03 32.72
N GLY C 337 -37.45 -67.06 32.07
CA GLY C 337 -37.37 -65.67 32.47
C GLY C 337 -36.01 -65.05 32.24
N PRO C 338 -35.63 -64.09 33.08
CA PRO C 338 -34.32 -63.45 32.92
C PRO C 338 -33.20 -64.39 33.29
N CYS C 339 -32.79 -65.23 32.34
CA CYS C 339 -31.81 -66.27 32.60
C CYS C 339 -30.59 -66.05 31.71
N LYS C 340 -29.68 -67.01 31.70
CA LYS C 340 -28.37 -66.83 31.11
C LYS C 340 -28.01 -68.02 30.24
N VAL C 341 -27.44 -67.75 29.07
CA VAL C 341 -27.18 -68.75 28.04
C VAL C 341 -25.84 -69.41 28.35
N PRO C 342 -25.78 -70.72 28.44
CA PRO C 342 -24.50 -71.40 28.72
C PRO C 342 -23.69 -71.74 27.47
N ALA C 343 -23.11 -70.73 26.85
CA ALA C 343 -22.39 -70.94 25.61
C ALA C 343 -20.90 -71.02 25.84
N GLN C 344 -20.22 -71.70 24.93
CA GLN C 344 -18.77 -71.89 24.98
C GLN C 344 -18.32 -72.37 23.61
N MET C 345 -17.02 -72.60 23.50
CA MET C 345 -16.42 -73.29 22.38
C MET C 345 -15.81 -74.60 22.87
N ALA C 346 -15.49 -75.47 21.91
CA ALA C 346 -14.92 -76.77 22.25
C ALA C 346 -14.13 -77.33 21.08
N VAL C 347 -12.88 -77.74 21.32
CA VAL C 347 -12.14 -78.43 20.27
C VAL C 347 -12.61 -79.86 20.13
N ASP C 348 -13.21 -80.41 21.19
CA ASP C 348 -13.83 -81.72 21.15
C ASP C 348 -14.93 -81.73 22.18
N MET C 349 -16.00 -82.47 21.91
CA MET C 349 -17.13 -82.52 22.83
C MET C 349 -17.12 -83.75 23.72
N GLN C 350 -15.97 -84.39 23.87
CA GLN C 350 -15.82 -85.39 24.93
C GLN C 350 -15.47 -84.73 26.25
N THR C 351 -14.71 -83.63 26.20
CA THR C 351 -14.29 -82.94 27.40
C THR C 351 -14.95 -81.58 27.59
N LEU C 352 -15.24 -80.87 26.49
CA LEU C 352 -15.80 -79.51 26.48
C LEU C 352 -14.94 -78.54 27.28
N THR C 353 -13.70 -78.37 26.84
CA THR C 353 -12.83 -77.41 27.48
C THR C 353 -12.82 -76.14 26.65
N PRO C 354 -13.33 -75.02 27.16
CA PRO C 354 -13.42 -73.80 26.35
C PRO C 354 -12.04 -73.24 25.99
N VAL C 355 -11.88 -72.87 24.72
CA VAL C 355 -10.58 -72.52 24.19
C VAL C 355 -10.62 -71.11 23.61
N GLY C 356 -11.61 -70.83 22.77
CA GLY C 356 -11.75 -69.52 22.19
C GLY C 356 -12.44 -68.56 23.13
N ARG C 357 -12.14 -67.29 22.96
CA ARG C 357 -12.71 -66.23 23.79
C ARG C 357 -14.14 -65.97 23.32
N LEU C 358 -15.03 -65.74 24.27
CA LEU C 358 -16.41 -65.40 23.95
C LEU C 358 -16.55 -63.88 23.94
N ILE C 359 -16.87 -63.30 22.78
CA ILE C 359 -16.90 -61.84 22.65
C ILE C 359 -18.13 -61.29 23.37
N THR C 360 -19.29 -61.89 23.16
CA THR C 360 -20.50 -61.48 23.88
C THR C 360 -20.39 -61.98 25.30
N ALA C 361 -19.75 -61.16 26.14
CA ALA C 361 -19.47 -61.57 27.51
C ALA C 361 -20.74 -61.59 28.34
N ASN C 362 -20.95 -62.70 29.05
CA ASN C 362 -22.13 -63.06 29.83
C ASN C 362 -23.41 -62.92 28.99
N PRO C 363 -23.65 -63.81 28.03
CA PRO C 363 -24.82 -63.65 27.16
C PRO C 363 -26.08 -64.15 27.83
N VAL C 364 -27.06 -63.26 27.96
CA VAL C 364 -28.24 -63.55 28.77
C VAL C 364 -29.48 -63.56 27.89
N ILE C 365 -30.56 -64.06 28.47
CA ILE C 365 -31.89 -63.92 27.90
C ILE C 365 -32.67 -62.97 28.79
N THR C 366 -33.21 -61.92 28.22
CA THR C 366 -33.97 -60.97 29.01
C THR C 366 -35.47 -61.18 28.90
N GLU C 367 -35.94 -62.07 28.03
CA GLU C 367 -37.36 -62.24 27.87
C GLU C 367 -37.87 -63.35 28.78
N SER C 368 -39.18 -63.54 28.79
CA SER C 368 -39.79 -64.60 29.58
C SER C 368 -40.89 -65.36 28.84
N THR C 369 -41.14 -65.05 27.58
CA THR C 369 -42.19 -65.71 26.83
C THR C 369 -41.66 -67.02 26.24
N GLU C 370 -42.42 -67.61 25.32
CA GLU C 370 -42.06 -68.89 24.74
C GLU C 370 -40.77 -68.80 23.94
N ASN C 371 -40.77 -67.98 22.89
CA ASN C 371 -39.62 -67.85 22.01
C ASN C 371 -38.92 -66.51 22.29
N SER C 372 -37.61 -66.56 22.40
CA SER C 372 -36.80 -65.39 22.74
C SER C 372 -35.49 -65.46 21.98
N LYS C 373 -35.35 -64.68 20.93
CA LYS C 373 -34.12 -64.72 20.17
C LYS C 373 -33.03 -63.92 20.86
N MET C 374 -31.79 -64.34 20.64
CA MET C 374 -30.63 -63.65 21.18
C MET C 374 -29.45 -63.93 20.28
N MET C 375 -28.56 -62.96 20.15
CA MET C 375 -27.44 -63.05 19.23
C MET C 375 -26.14 -63.01 19.99
N LEU C 376 -25.32 -64.03 19.81
CA LEU C 376 -24.01 -64.09 20.43
C LEU C 376 -22.96 -63.57 19.48
N GLU C 377 -21.69 -63.66 19.89
CA GLU C 377 -20.56 -63.47 19.00
C GLU C 377 -19.40 -64.22 19.63
N LEU C 378 -18.90 -65.24 18.95
CA LEU C 378 -17.82 -66.06 19.47
C LEU C 378 -16.62 -65.94 18.56
N ASP C 379 -15.44 -66.24 19.11
CA ASP C 379 -14.18 -66.16 18.38
C ASP C 379 -13.47 -67.51 18.52
N PRO C 380 -13.59 -68.38 17.53
CA PRO C 380 -13.00 -69.72 17.63
C PRO C 380 -11.49 -69.67 17.49
N PRO C 381 -10.79 -70.74 17.83
CA PRO C 381 -9.36 -70.81 17.51
C PRO C 381 -9.14 -71.21 16.07
N PHE C 382 -7.89 -71.09 15.64
CA PHE C 382 -7.52 -71.48 14.28
C PHE C 382 -7.53 -72.99 14.15
N GLY C 383 -8.39 -73.49 13.28
CA GLY C 383 -8.60 -74.92 13.11
C GLY C 383 -10.07 -75.27 13.17
N ASP C 384 -10.36 -76.45 13.69
CA ASP C 384 -11.72 -76.93 13.82
C ASP C 384 -12.14 -76.87 15.28
N SER C 385 -13.33 -76.34 15.53
CA SER C 385 -13.85 -76.27 16.89
C SER C 385 -15.37 -76.23 16.82
N TYR C 386 -16.01 -76.88 17.78
CA TYR C 386 -17.47 -76.95 17.81
C TYR C 386 -18.03 -75.79 18.62
N ILE C 387 -19.23 -75.38 18.27
CA ILE C 387 -19.94 -74.33 19.00
C ILE C 387 -20.99 -75.00 19.87
N VAL C 388 -20.80 -74.94 21.18
CA VAL C 388 -21.65 -75.65 22.13
C VAL C 388 -22.51 -74.62 22.85
N ILE C 389 -23.82 -74.83 22.84
CA ILE C 389 -24.78 -73.97 23.50
C ILE C 389 -25.81 -74.87 24.17
N GLY C 390 -26.00 -74.70 25.47
CA GLY C 390 -26.93 -75.55 26.21
C GLY C 390 -26.14 -76.31 27.25
N VAL C 391 -26.84 -76.68 28.33
CA VAL C 391 -26.13 -77.23 29.48
C VAL C 391 -25.92 -78.73 29.34
N GLY C 392 -26.95 -79.48 28.94
CA GLY C 392 -26.87 -80.93 28.98
C GLY C 392 -27.45 -81.59 27.74
N GLU C 393 -28.45 -82.46 27.97
CA GLU C 393 -29.28 -82.95 26.88
C GLU C 393 -29.98 -81.77 26.20
N LYS C 394 -30.20 -81.93 24.89
CA LYS C 394 -30.67 -80.88 23.98
C LYS C 394 -29.75 -79.67 24.01
N LYS C 395 -28.46 -79.91 24.15
CA LYS C 395 -27.51 -78.90 23.70
C LYS C 395 -27.46 -78.91 22.18
N ILE C 396 -26.96 -77.84 21.59
CA ILE C 396 -26.83 -77.78 20.16
C ILE C 396 -25.36 -77.71 19.79
N THR C 397 -25.09 -78.02 18.54
CA THR C 397 -23.72 -78.05 18.07
C THR C 397 -23.70 -77.68 16.60
N HIS C 398 -22.91 -76.67 16.28
CA HIS C 398 -22.59 -76.32 14.91
C HIS C 398 -21.07 -76.36 14.82
N HIS C 399 -20.55 -77.35 14.10
CA HIS C 399 -19.11 -77.46 13.93
C HIS C 399 -18.59 -76.29 13.10
N TRP C 400 -17.45 -75.73 13.52
CA TRP C 400 -16.85 -74.62 12.83
C TRP C 400 -15.45 -74.97 12.37
N HIS C 401 -15.00 -74.28 11.32
CA HIS C 401 -13.63 -74.35 10.83
C HIS C 401 -13.19 -72.92 10.53
N ARG C 402 -12.53 -72.30 11.51
CA ARG C 402 -12.00 -70.96 11.29
C ARG C 402 -10.72 -71.04 10.47
N SER C 403 -10.75 -70.42 9.29
CA SER C 403 -9.62 -70.51 8.37
C SER C 403 -8.52 -69.56 8.78
N GLY C 404 -7.29 -69.93 8.45
CA GLY C 404 -6.14 -69.07 8.65
C GLY C 404 -5.24 -69.61 9.74
N SER C 405 -4.28 -68.79 10.15
CA SER C 405 -3.36 -69.14 11.21
C SER C 405 -3.07 -67.91 12.04
N THR C 406 -2.34 -68.13 13.15
CA THR C 406 -1.95 -67.05 14.03
C THR C 406 -0.97 -66.10 13.34
N ILE C 407 -0.13 -66.63 12.44
CA ILE C 407 0.79 -65.79 11.69
C ILE C 407 0.02 -64.89 10.73
N GLY C 408 -1.04 -65.44 10.12
CA GLY C 408 -1.87 -64.63 9.25
C GLY C 408 -2.65 -63.57 10.01
N LYS C 409 -3.07 -63.89 11.23
CA LYS C 409 -3.76 -62.92 12.08
C LYS C 409 -2.82 -61.80 12.49
N ALA C 410 -1.57 -62.15 12.83
CA ALA C 410 -0.59 -61.14 13.20
C ALA C 410 -0.23 -60.25 12.02
N PHE C 411 -0.14 -60.83 10.83
CA PHE C 411 0.14 -60.02 9.65
C PHE C 411 -1.02 -59.11 9.29
N GLU C 412 -2.25 -59.58 9.44
CA GLU C 412 -3.39 -58.73 9.14
C GLU C 412 -3.53 -57.61 10.16
N ALA C 413 -3.26 -57.90 11.44
CA ALA C 413 -3.28 -56.86 12.45
C ALA C 413 -2.16 -55.85 12.23
N THR C 414 -1.00 -56.32 11.74
CA THR C 414 0.08 -55.40 11.39
C THR C 414 -0.30 -54.49 10.24
N VAL C 415 -0.94 -55.04 9.20
CA VAL C 415 -1.25 -54.22 8.03
C VAL C 415 -2.40 -53.27 8.34
N ARG C 416 -3.28 -53.64 9.27
CA ARG C 416 -4.34 -52.68 9.60
C ARG C 416 -3.85 -51.65 10.61
N GLY C 417 -2.85 -52.00 11.42
CA GLY C 417 -2.20 -50.99 12.23
C GLY C 417 -1.43 -50.01 11.38
N ALA C 418 -0.80 -50.49 10.31
CA ALA C 418 -0.12 -49.60 9.38
C ALA C 418 -1.12 -48.76 8.60
N LYS C 419 -2.30 -49.29 8.31
CA LYS C 419 -3.32 -48.50 7.63
C LYS C 419 -3.88 -47.41 8.55
N ARG C 420 -4.10 -47.75 9.83
CA ARG C 420 -4.57 -46.76 10.79
C ARG C 420 -3.51 -45.71 11.05
N MET C 421 -2.24 -46.11 11.04
CA MET C 421 -1.16 -45.15 11.16
C MET C 421 -1.10 -44.25 9.93
N ALA C 422 -1.34 -44.82 8.75
CA ALA C 422 -1.30 -44.05 7.52
C ALA C 422 -2.46 -43.08 7.40
N VAL C 423 -3.59 -43.38 8.02
CA VAL C 423 -4.70 -42.44 7.99
C VAL C 423 -4.55 -41.37 9.06
N LEU C 424 -4.24 -41.74 10.30
CA LEU C 424 -4.21 -40.78 11.39
C LEU C 424 -2.83 -40.22 11.65
N GLY C 425 -1.82 -41.06 11.88
CA GLY C 425 -0.49 -40.54 12.11
C GLY C 425 -0.17 -40.27 13.57
N ASP C 426 -0.37 -39.02 13.96
CA ASP C 426 -0.18 -38.59 15.35
C ASP C 426 -1.09 -39.36 16.30
N THR C 427 -2.34 -39.53 15.93
CA THR C 427 -3.30 -40.12 16.86
C THR C 427 -3.39 -41.64 16.72
N ALA C 428 -2.44 -42.25 16.02
CA ALA C 428 -2.46 -43.70 15.90
C ALA C 428 -1.99 -44.36 17.17
N TRP C 429 -1.08 -43.72 17.91
CA TRP C 429 -0.59 -44.30 19.16
C TRP C 429 -1.61 -44.17 20.28
N ASP C 430 -2.68 -43.42 20.08
CA ASP C 430 -3.76 -43.32 21.05
C ASP C 430 -4.81 -44.40 20.73
N PHE C 431 -4.40 -45.65 20.96
CA PHE C 431 -5.32 -46.76 20.77
C PHE C 431 -5.24 -47.79 21.89
N GLY C 432 -4.47 -47.54 22.94
CA GLY C 432 -4.31 -48.53 23.98
C GLY C 432 -4.23 -48.02 25.40
N SER C 433 -3.26 -48.53 26.16
CA SER C 433 -3.20 -48.43 27.60
C SER C 433 -2.51 -47.12 28.01
N VAL C 434 -1.95 -47.09 29.23
CA VAL C 434 -1.40 -45.85 29.79
C VAL C 434 -0.13 -45.44 29.03
N GLY C 435 0.65 -46.42 28.57
CA GLY C 435 1.85 -46.14 27.83
C GLY C 435 3.02 -45.65 28.64
N GLY C 436 4.17 -46.29 28.53
CA GLY C 436 5.38 -45.72 29.07
C GLY C 436 6.45 -45.64 28.00
N ALA C 437 6.36 -46.54 27.04
CA ALA C 437 7.32 -46.62 25.96
C ALA C 437 6.68 -46.92 24.62
N LEU C 438 5.36 -46.98 24.55
CA LEU C 438 4.69 -47.31 23.29
C LEU C 438 3.49 -46.41 23.01
N ASN C 439 2.96 -45.71 24.01
CA ASN C 439 1.86 -44.80 23.77
C ASN C 439 2.16 -43.36 24.16
N SER C 440 3.32 -43.08 24.76
CA SER C 440 3.72 -41.71 25.02
C SER C 440 5.01 -41.35 24.30
N LEU C 441 6.07 -42.15 24.47
CA LEU C 441 7.31 -41.88 23.76
C LEU C 441 7.15 -42.10 22.28
N GLY C 442 6.38 -43.13 21.89
CA GLY C 442 6.12 -43.36 20.49
C GLY C 442 5.32 -42.25 19.85
N LYS C 443 4.36 -41.70 20.60
CA LYS C 443 3.61 -40.54 20.12
C LYS C 443 4.52 -39.33 19.97
N GLY C 444 5.51 -39.20 20.85
CA GLY C 444 6.47 -38.12 20.74
C GLY C 444 7.30 -38.18 19.47
N ILE C 445 7.90 -39.35 19.20
CA ILE C 445 8.80 -39.44 18.05
C ILE C 445 7.99 -39.43 16.76
N HIS C 446 6.79 -40.02 16.79
CA HIS C 446 5.94 -39.96 15.61
C HIS C 446 5.38 -38.57 15.38
N GLN C 447 5.15 -37.81 16.45
CA GLN C 447 4.72 -36.42 16.32
C GLN C 447 5.81 -35.57 15.70
N ILE C 448 7.06 -35.79 16.14
CA ILE C 448 8.19 -35.05 15.56
C ILE C 448 8.37 -35.40 14.09
N PHE C 449 8.33 -36.68 13.76
CA PHE C 449 8.53 -37.08 12.36
C PHE C 449 7.34 -36.71 11.50
N GLY C 450 6.13 -36.70 12.06
CA GLY C 450 4.97 -36.31 11.29
C GLY C 450 4.94 -34.82 11.01
N ALA C 451 5.38 -34.01 11.98
CA ALA C 451 5.52 -32.59 11.70
C ALA C 451 6.63 -32.31 10.69
N ALA C 452 7.80 -32.95 10.86
CA ALA C 452 8.90 -32.73 9.93
C ALA C 452 8.74 -33.49 8.62
N PHE C 453 7.65 -34.22 8.44
CA PHE C 453 7.30 -34.82 7.17
C PHE C 453 6.20 -34.02 6.47
N LYS C 454 5.11 -33.75 7.17
CA LYS C 454 3.96 -33.06 6.59
C LYS C 454 4.23 -31.57 6.41
N SER C 455 5.31 -31.05 6.98
CA SER C 455 5.84 -29.77 6.54
C SER C 455 6.91 -29.91 5.47
N LEU C 456 7.49 -31.10 5.31
CA LEU C 456 8.52 -31.28 4.29
C LEU C 456 7.89 -31.59 2.93
N PHE C 457 7.13 -32.67 2.84
CA PHE C 457 6.52 -33.03 1.57
C PHE C 457 5.14 -32.37 1.49
N GLY C 458 4.22 -32.82 2.32
CA GLY C 458 3.04 -32.06 2.72
C GLY C 458 2.01 -31.66 1.68
N GLY C 459 2.36 -31.72 0.41
CA GLY C 459 1.51 -31.18 -0.62
C GLY C 459 1.53 -32.00 -1.89
N MET C 460 1.84 -33.28 -1.78
CA MET C 460 1.96 -34.13 -2.94
C MET C 460 0.73 -35.01 -3.08
N SER C 461 0.49 -35.44 -4.32
CA SER C 461 -0.73 -36.12 -4.71
C SER C 461 -0.63 -37.61 -4.38
N TRP C 462 -1.48 -38.40 -5.03
CA TRP C 462 -1.27 -39.84 -5.03
C TRP C 462 -0.19 -40.23 -6.02
N PHE C 463 -0.08 -39.54 -7.15
CA PHE C 463 0.83 -39.99 -8.18
C PHE C 463 2.24 -39.42 -8.02
N SER C 464 2.35 -38.16 -7.61
CA SER C 464 3.66 -37.57 -7.37
C SER C 464 4.35 -38.23 -6.20
N GLN C 465 3.58 -38.78 -5.26
CA GLN C 465 4.17 -39.56 -4.19
C GLN C 465 4.79 -40.85 -4.70
N ILE C 466 4.14 -41.49 -5.68
CA ILE C 466 4.73 -42.67 -6.32
C ILE C 466 6.01 -42.31 -7.05
N LEU C 467 6.00 -41.16 -7.75
CA LEU C 467 7.19 -40.72 -8.46
C LEU C 467 8.34 -40.42 -7.50
N ILE C 468 8.04 -39.77 -6.39
CA ILE C 468 9.10 -39.44 -5.45
C ILE C 468 9.53 -40.67 -4.67
N GLY C 469 8.65 -41.67 -4.57
CA GLY C 469 9.05 -42.91 -3.93
C GLY C 469 9.98 -43.71 -4.82
N THR C 470 9.71 -43.71 -6.12
CA THR C 470 10.65 -44.34 -7.06
C THR C 470 11.98 -43.60 -7.08
N LEU C 471 11.94 -42.27 -6.94
CA LEU C 471 13.18 -41.49 -6.91
C LEU C 471 14.00 -41.79 -5.67
N LEU C 472 13.37 -41.86 -4.50
CA LEU C 472 14.11 -42.19 -3.29
C LEU C 472 14.42 -43.68 -3.22
N MET C 473 13.74 -44.51 -4.01
CA MET C 473 14.12 -45.90 -4.11
C MET C 473 15.41 -46.05 -4.88
N TRP C 474 15.53 -45.33 -6.01
CA TRP C 474 16.78 -45.36 -6.76
C TRP C 474 17.90 -44.69 -5.98
N LEU C 475 17.59 -43.67 -5.18
CA LEU C 475 18.60 -43.11 -4.30
C LEU C 475 18.95 -44.06 -3.17
N GLY C 476 18.03 -44.92 -2.77
CA GLY C 476 18.24 -45.85 -1.69
C GLY C 476 18.95 -47.13 -2.06
N LEU C 477 19.39 -47.27 -3.30
CA LEU C 477 20.18 -48.43 -3.68
C LEU C 477 21.55 -48.05 -4.24
N ASN C 478 21.74 -46.81 -4.67
CA ASN C 478 23.02 -46.35 -5.22
C ASN C 478 23.48 -45.13 -4.44
N THR C 479 24.10 -45.38 -3.30
CA THR C 479 24.81 -44.39 -2.49
C THR C 479 25.77 -45.14 -1.61
N LYS C 480 26.97 -44.61 -1.42
CA LYS C 480 27.93 -45.20 -0.51
C LYS C 480 28.08 -44.38 0.78
N ASN C 481 27.04 -43.65 1.17
CA ASN C 481 27.06 -42.86 2.38
C ASN C 481 26.12 -43.48 3.41
N GLY C 482 25.99 -42.81 4.54
CA GLY C 482 25.09 -43.26 5.58
C GLY C 482 23.63 -43.00 5.33
N SER C 483 23.31 -42.19 4.33
CA SER C 483 21.92 -41.88 4.02
C SER C 483 21.34 -42.83 2.99
N ILE C 484 21.52 -44.13 3.23
CA ILE C 484 20.78 -45.16 2.52
C ILE C 484 19.49 -45.46 3.22
N SER C 485 19.55 -45.69 4.53
CA SER C 485 18.35 -45.96 5.32
C SER C 485 17.53 -44.71 5.57
N LEU C 486 18.09 -43.52 5.36
CA LEU C 486 17.28 -42.31 5.47
C LEU C 486 16.42 -42.11 4.23
N MET C 487 16.98 -42.40 3.06
CA MET C 487 16.18 -42.38 1.85
C MET C 487 15.20 -43.55 1.83
N CYS C 488 15.56 -44.67 2.47
CA CYS C 488 14.63 -45.78 2.54
C CYS C 488 13.56 -45.53 3.59
N LEU C 489 13.85 -44.71 4.59
CA LEU C 489 12.82 -44.26 5.52
C LEU C 489 11.81 -43.37 4.81
N ALA C 490 12.31 -42.49 3.93
CA ALA C 490 11.38 -41.71 3.12
C ALA C 490 10.79 -42.53 1.97
N LEU C 491 11.33 -43.70 1.66
CA LEU C 491 10.64 -44.64 0.79
C LEU C 491 9.44 -45.25 1.48
N GLY C 492 9.65 -45.79 2.68
CA GLY C 492 8.57 -46.45 3.40
C GLY C 492 7.50 -45.48 3.85
N GLY C 493 7.92 -44.30 4.30
CA GLY C 493 7.01 -43.30 4.80
C GLY C 493 6.10 -42.71 3.74
N VAL C 494 6.43 -42.94 2.47
CA VAL C 494 5.61 -42.50 1.34
C VAL C 494 4.81 -43.66 0.76
N LEU C 495 5.47 -44.80 0.53
CA LEU C 495 4.80 -45.89 -0.16
C LEU C 495 3.76 -46.58 0.71
N ILE C 496 3.88 -46.48 2.03
CA ILE C 496 2.80 -47.00 2.88
C ILE C 496 1.58 -46.07 2.80
N PHE C 497 1.81 -44.76 2.58
CA PHE C 497 0.70 -43.86 2.28
C PHE C 497 0.08 -44.12 0.92
N LEU C 498 0.78 -44.84 0.05
CA LEU C 498 0.31 -45.15 -1.29
C LEU C 498 -0.35 -46.52 -1.37
N SER C 499 0.09 -47.42 -0.51
CA SER C 499 -0.47 -48.77 -0.50
C SER C 499 -1.91 -48.78 -0.01
N THR C 500 -2.27 -47.83 0.85
CA THR C 500 -3.66 -47.72 1.26
C THR C 500 -4.50 -47.13 0.13
N ALA C 501 -5.80 -47.36 0.21
CA ALA C 501 -6.74 -46.81 -0.77
C ALA C 501 -7.01 -45.33 -0.49
N ALA D 1 -9.53 -17.63 -14.86
CA ALA D 1 -9.92 -19.00 -14.53
C ALA D 1 -9.23 -19.99 -15.43
N VAL D 2 -8.03 -19.64 -15.88
CA VAL D 2 -7.25 -20.57 -16.70
C VAL D 2 -6.73 -21.70 -15.83
N THR D 3 -5.89 -21.39 -14.87
CA THR D 3 -5.41 -22.38 -13.94
C THR D 3 -6.31 -22.39 -12.71
N LEU D 4 -6.34 -23.50 -12.01
CA LEU D 4 -6.98 -23.75 -10.73
C LEU D 4 -6.03 -24.49 -9.82
N PRO D 5 -6.09 -24.26 -8.51
CA PRO D 5 -5.26 -25.06 -7.60
C PRO D 5 -5.86 -26.45 -7.46
N SER D 6 -5.01 -27.46 -7.55
CA SER D 6 -5.49 -28.81 -7.33
C SER D 6 -5.67 -29.03 -5.84
N HIS D 7 -6.84 -29.53 -5.45
CA HIS D 7 -7.05 -29.87 -4.04
C HIS D 7 -6.32 -31.14 -3.65
N SER D 8 -5.86 -31.91 -4.63
CA SER D 8 -5.14 -33.15 -4.34
C SER D 8 -3.80 -32.89 -3.68
N THR D 9 -3.26 -31.68 -3.80
CA THR D 9 -2.16 -31.22 -2.98
C THR D 9 -2.48 -31.29 -1.49
N ARG D 10 -3.69 -30.91 -1.10
CA ARG D 10 -4.06 -30.82 0.30
C ARG D 10 -5.24 -31.72 0.62
N LYS D 11 -5.18 -32.97 0.17
CA LYS D 11 -6.29 -33.90 0.38
C LYS D 11 -6.44 -34.22 1.86
N LEU D 12 -7.63 -34.64 2.24
CA LEU D 12 -7.95 -34.83 3.65
C LEU D 12 -7.66 -36.27 4.05
N GLN D 13 -6.65 -36.45 4.88
CA GLN D 13 -6.16 -37.74 5.32
C GLN D 13 -7.17 -38.36 6.28
N THR D 14 -8.14 -39.11 5.75
CA THR D 14 -9.18 -39.70 6.59
C THR D 14 -9.68 -41.01 5.98
N ARG D 15 -10.50 -41.72 6.75
CA ARG D 15 -11.00 -43.04 6.37
C ARG D 15 -12.33 -42.92 5.62
N SER D 16 -12.29 -42.18 4.51
CA SER D 16 -13.45 -42.06 3.65
C SER D 16 -12.98 -41.82 2.24
N GLN D 17 -13.75 -42.28 1.27
CA GLN D 17 -13.45 -41.98 -0.12
C GLN D 17 -13.72 -40.51 -0.39
N THR D 18 -12.75 -39.83 -0.98
CA THR D 18 -12.91 -38.41 -1.25
C THR D 18 -13.64 -38.21 -2.56
N TRP D 19 -13.62 -37.00 -3.10
CA TRP D 19 -14.58 -36.66 -4.15
C TRP D 19 -14.17 -37.19 -5.52
N LEU D 20 -12.89 -37.46 -5.76
CA LEU D 20 -12.51 -38.05 -7.04
C LEU D 20 -11.52 -39.20 -6.88
N GLU D 21 -11.66 -40.02 -5.85
CA GLU D 21 -10.69 -41.08 -5.69
C GLU D 21 -10.94 -42.26 -6.61
N SER D 22 -12.02 -42.26 -7.38
CA SER D 22 -12.15 -43.24 -8.45
C SER D 22 -11.35 -42.86 -9.68
N ARG D 23 -10.96 -41.59 -9.80
CA ARG D 23 -10.27 -41.10 -10.98
C ARG D 23 -8.88 -40.57 -10.71
N GLU D 24 -8.48 -40.37 -9.46
CA GLU D 24 -7.19 -39.78 -9.17
C GLU D 24 -6.04 -40.76 -9.43
N TYR D 25 -6.32 -42.05 -9.55
CA TYR D 25 -5.25 -43.00 -9.77
C TYR D 25 -4.75 -42.97 -11.20
N THR D 26 -5.67 -42.90 -12.16
CA THR D 26 -5.28 -42.88 -13.57
C THR D 26 -5.73 -41.59 -14.24
N LYS D 27 -5.47 -40.44 -13.63
CA LYS D 27 -5.65 -39.16 -14.28
C LYS D 27 -4.32 -38.59 -14.76
N HIS D 28 -3.38 -38.43 -13.81
CA HIS D 28 -2.07 -37.88 -14.11
C HIS D 28 -1.23 -38.81 -14.96
N LEU D 29 -1.61 -40.07 -15.08
CA LEU D 29 -0.98 -40.98 -16.01
C LEU D 29 -1.67 -41.01 -17.36
N ILE D 30 -3.00 -40.84 -17.39
CA ILE D 30 -3.70 -40.88 -18.67
C ILE D 30 -3.40 -39.62 -19.47
N ARG D 31 -3.09 -38.51 -18.78
CA ARG D 31 -2.71 -37.30 -19.49
C ARG D 31 -1.34 -37.45 -20.15
N VAL D 32 -0.40 -38.09 -19.46
CA VAL D 32 0.93 -38.34 -20.02
C VAL D 32 0.85 -39.34 -21.16
N GLU D 33 0.03 -40.38 -21.01
CA GLU D 33 -0.04 -41.40 -22.06
C GLU D 33 -0.70 -40.85 -23.32
N ASN D 34 -1.74 -40.04 -23.16
CA ASN D 34 -2.37 -39.38 -24.31
C ASN D 34 -1.41 -38.40 -24.97
N TRP D 35 -0.66 -37.64 -24.17
CA TRP D 35 0.23 -36.66 -24.77
C TRP D 35 1.42 -37.31 -25.46
N ILE D 36 1.91 -38.44 -24.96
CA ILE D 36 2.99 -39.12 -25.66
C ILE D 36 2.46 -39.77 -26.93
N PHE D 37 1.23 -40.31 -26.89
CA PHE D 37 0.66 -40.87 -28.10
C PHE D 37 0.30 -39.81 -29.14
N ARG D 38 0.11 -38.55 -28.73
CA ARG D 38 -0.17 -37.51 -29.72
C ARG D 38 1.05 -37.22 -30.58
N ASN D 39 2.13 -36.69 -29.98
CA ASN D 39 3.37 -36.44 -30.70
C ASN D 39 4.45 -37.37 -30.17
N PRO D 40 4.63 -38.54 -30.80
CA PRO D 40 5.67 -39.45 -30.34
C PRO D 40 7.06 -39.02 -30.70
N GLY D 41 7.19 -38.03 -31.59
CA GLY D 41 8.48 -37.54 -32.03
C GLY D 41 9.24 -36.81 -30.96
N PHE D 42 8.57 -36.43 -29.87
CA PHE D 42 9.25 -35.76 -28.78
C PHE D 42 10.15 -36.70 -27.99
N ALA D 43 9.90 -38.01 -28.05
CA ALA D 43 10.68 -38.95 -27.25
C ALA D 43 12.12 -39.02 -27.72
N LEU D 44 12.36 -38.80 -29.02
CA LEU D 44 13.72 -38.78 -29.52
C LEU D 44 14.47 -37.56 -29.00
N ALA D 45 13.82 -36.40 -28.96
CA ALA D 45 14.48 -35.22 -28.43
C ALA D 45 14.67 -35.32 -26.91
N ALA D 46 13.73 -35.99 -26.24
CA ALA D 46 13.87 -36.19 -24.80
C ALA D 46 15.01 -37.13 -24.48
N ALA D 47 15.24 -38.13 -25.34
CA ALA D 47 16.39 -38.99 -25.15
C ALA D 47 17.68 -38.31 -25.57
N ALA D 48 17.60 -37.36 -26.51
CA ALA D 48 18.81 -36.68 -26.97
C ALA D 48 19.30 -35.67 -25.94
N ILE D 49 18.37 -34.95 -25.29
CA ILE D 49 18.76 -34.05 -24.21
C ILE D 49 19.25 -34.86 -23.01
N ALA D 50 18.66 -36.02 -22.78
CA ALA D 50 19.05 -36.85 -21.64
C ALA D 50 20.42 -37.46 -21.85
N TRP D 51 20.76 -37.80 -23.10
CA TRP D 51 22.07 -38.37 -23.37
C TRP D 51 23.19 -37.35 -23.21
N LEU D 52 22.88 -36.08 -23.35
CA LEU D 52 23.88 -35.03 -23.18
C LEU D 52 24.07 -34.62 -21.72
N LEU D 53 23.17 -35.03 -20.83
CA LEU D 53 23.26 -34.67 -19.43
C LEU D 53 23.64 -35.88 -18.59
N GLY D 54 24.15 -35.60 -17.40
CA GLY D 54 24.41 -36.64 -16.41
C GLY D 54 25.60 -37.53 -16.71
N SER D 55 25.48 -38.34 -17.77
CA SER D 55 26.51 -39.25 -18.25
C SER D 55 26.92 -40.26 -17.18
N SER D 56 25.96 -41.07 -16.76
CA SER D 56 26.25 -42.18 -15.87
C SER D 56 25.50 -43.46 -16.20
N THR D 57 24.66 -43.46 -17.25
CA THR D 57 23.78 -44.52 -17.78
C THR D 57 22.61 -44.79 -16.83
N SER D 58 22.60 -44.15 -15.66
CA SER D 58 21.50 -44.22 -14.72
C SER D 58 21.03 -42.85 -14.27
N GLN D 59 21.74 -41.78 -14.64
CA GLN D 59 21.23 -40.42 -14.50
C GLN D 59 20.66 -39.91 -15.81
N LYS D 60 21.10 -40.46 -16.94
CA LYS D 60 20.53 -40.09 -18.22
C LYS D 60 19.09 -40.59 -18.33
N VAL D 61 18.82 -41.80 -17.83
CA VAL D 61 17.45 -42.32 -17.86
C VAL D 61 16.56 -41.52 -16.91
N ILE D 62 17.13 -40.97 -15.84
CA ILE D 62 16.28 -40.25 -14.91
C ILE D 62 16.03 -38.83 -15.38
N TYR D 63 16.96 -38.26 -16.16
CA TYR D 63 16.66 -36.98 -16.77
C TYR D 63 15.72 -37.15 -17.96
N LEU D 64 15.77 -38.32 -18.60
CA LEU D 64 14.76 -38.67 -19.59
C LEU D 64 13.37 -38.74 -18.98
N VAL D 65 13.27 -39.37 -17.80
CA VAL D 65 11.97 -39.51 -17.13
C VAL D 65 11.45 -38.14 -16.68
N MET D 66 12.33 -37.30 -16.14
CA MET D 66 11.91 -35.98 -15.68
C MET D 66 11.51 -35.08 -16.84
N ILE D 67 12.27 -35.12 -17.94
CA ILE D 67 11.93 -34.31 -19.11
C ILE D 67 10.66 -34.82 -19.75
N LEU D 68 10.45 -36.14 -19.74
CA LEU D 68 9.24 -36.72 -20.30
C LEU D 68 8.04 -36.48 -19.41
N LEU D 69 8.25 -36.11 -18.15
CA LEU D 69 7.14 -35.81 -17.25
C LEU D 69 6.81 -34.33 -17.18
N ILE D 70 7.79 -33.43 -17.37
CA ILE D 70 7.49 -32.00 -17.36
C ILE D 70 7.00 -31.50 -18.70
N ALA D 71 7.00 -32.33 -19.73
CA ALA D 71 6.52 -31.88 -21.02
C ALA D 71 5.00 -31.90 -21.19
N PRO D 72 4.21 -32.97 -20.80
CA PRO D 72 2.76 -32.89 -21.02
C PRO D 72 2.06 -31.84 -20.17
N ALA D 73 2.25 -31.88 -18.86
CA ALA D 73 1.88 -30.79 -18.00
C ALA D 73 3.14 -29.95 -17.84
N TYR D 74 3.06 -28.70 -18.25
CA TYR D 74 4.26 -27.89 -18.44
C TYR D 74 4.84 -27.33 -17.14
N SER D 75 4.38 -27.79 -15.97
CA SER D 75 4.94 -27.47 -14.65
C SER D 75 4.97 -25.97 -14.39
N ILE E 1 20.03 46.60 -37.00
CA ILE E 1 18.60 46.71 -36.78
C ILE E 1 18.05 45.34 -36.43
N ARG E 2 17.52 45.23 -35.20
CA ARG E 2 16.86 44.06 -34.59
C ARG E 2 17.85 42.95 -34.24
N CYS E 3 19.10 43.10 -34.61
CA CYS E 3 20.11 42.14 -34.18
C CYS E 3 21.23 42.87 -33.49
N ILE E 4 20.91 43.85 -32.66
CA ILE E 4 21.92 44.75 -32.15
C ILE E 4 22.16 44.60 -30.65
N GLY E 5 21.19 44.08 -29.89
CA GLY E 5 21.39 44.00 -28.46
C GLY E 5 21.08 42.62 -27.94
N VAL E 6 21.40 41.60 -28.73
CA VAL E 6 20.98 40.24 -28.39
C VAL E 6 22.07 39.41 -27.73
N SER E 7 23.34 39.83 -27.82
CA SER E 7 24.51 39.18 -27.23
C SER E 7 24.73 37.74 -27.69
N ASN E 8 24.05 37.34 -28.76
CA ASN E 8 24.14 36.00 -29.31
C ASN E 8 24.06 36.04 -30.83
N ARG E 9 24.32 37.20 -31.43
CA ARG E 9 24.23 37.36 -32.86
C ARG E 9 25.35 36.58 -33.56
N ASP E 10 24.95 35.74 -34.50
CA ASP E 10 25.91 35.03 -35.35
C ASP E 10 25.92 35.66 -36.73
N PHE E 11 27.10 35.74 -37.32
CA PHE E 11 27.27 36.24 -38.67
C PHE E 11 27.51 35.08 -39.63
N VAL E 12 26.81 35.09 -40.76
CA VAL E 12 26.98 34.06 -41.78
C VAL E 12 27.25 34.75 -43.11
N GLU E 13 27.95 34.03 -43.98
CA GLU E 13 28.41 34.58 -45.25
C GLU E 13 28.76 33.41 -46.17
N GLY E 14 29.40 33.72 -47.29
CA GLY E 14 30.01 32.69 -48.11
C GLY E 14 29.16 32.19 -49.26
N MET E 15 28.37 33.07 -49.86
CA MET E 15 27.57 32.70 -51.03
C MET E 15 28.19 33.28 -52.30
N SER E 16 29.05 32.47 -52.90
CA SER E 16 29.61 32.74 -54.22
C SER E 16 29.07 31.73 -55.22
N GLY E 17 27.79 31.43 -55.11
CA GLY E 17 27.17 30.40 -55.90
C GLY E 17 26.09 29.68 -55.12
N GLY E 18 24.92 29.53 -55.73
CA GLY E 18 23.79 28.94 -55.05
C GLY E 18 22.94 29.92 -54.29
N THR E 19 23.57 30.78 -53.48
CA THR E 19 22.93 31.77 -52.62
C THR E 19 21.85 31.14 -51.72
N TRP E 20 22.23 30.02 -51.08
CA TRP E 20 21.29 29.32 -50.21
C TRP E 20 21.97 29.00 -48.89
N VAL E 21 22.51 30.02 -48.21
CA VAL E 21 23.09 29.80 -46.89
C VAL E 21 21.98 29.40 -45.92
N ASP E 22 22.26 28.39 -45.11
CA ASP E 22 21.27 27.83 -44.21
C ASP E 22 21.65 28.07 -42.77
N VAL E 23 20.66 28.43 -41.96
CA VAL E 23 20.86 28.87 -40.60
C VAL E 23 19.93 28.11 -39.68
N VAL E 24 20.28 28.05 -38.40
CA VAL E 24 19.35 27.62 -37.37
C VAL E 24 19.06 28.83 -36.50
N LEU E 25 17.81 28.97 -36.07
CA LEU E 25 17.34 30.19 -35.43
C LEU E 25 16.81 29.84 -34.04
N GLU E 26 17.65 30.03 -33.02
CA GLU E 26 17.15 29.87 -31.66
C GLU E 26 16.36 31.10 -31.26
N HIS E 27 15.72 31.01 -30.10
CA HIS E 27 14.88 32.12 -29.66
C HIS E 27 15.72 33.25 -29.08
N GLY E 28 16.65 32.93 -28.20
CA GLY E 28 17.48 33.97 -27.63
C GLY E 28 18.51 34.53 -28.59
N GLY E 29 18.83 33.83 -29.66
CA GLY E 29 19.89 34.24 -30.54
C GLY E 29 19.44 34.67 -31.92
N CYS E 30 19.55 35.96 -32.19
CA CYS E 30 19.28 36.48 -33.52
C CYS E 30 20.44 36.14 -34.45
N VAL E 31 20.20 36.27 -35.76
CA VAL E 31 21.19 35.90 -36.77
C VAL E 31 21.26 37.00 -37.82
N THR E 32 22.47 37.51 -38.05
CA THR E 32 22.73 38.49 -39.08
C THR E 32 23.45 37.82 -40.24
N VAL E 33 22.97 38.05 -41.46
CA VAL E 33 23.59 37.47 -42.64
C VAL E 33 24.52 38.50 -43.26
N MET E 34 25.34 38.03 -44.18
CA MET E 34 26.25 38.90 -44.93
C MET E 34 26.43 38.31 -46.32
N ALA E 35 26.35 39.16 -47.32
CA ALA E 35 26.37 38.70 -48.70
C ALA E 35 27.45 39.40 -49.49
N GLN E 36 27.60 38.94 -50.74
CA GLN E 36 28.50 39.58 -51.69
C GLN E 36 28.02 40.98 -52.03
N ASP E 37 26.87 41.10 -52.68
CA ASP E 37 26.35 42.39 -53.09
C ASP E 37 24.87 42.49 -52.81
N LYS E 38 24.43 41.90 -51.71
CA LYS E 38 23.04 41.91 -51.30
C LYS E 38 22.94 42.48 -49.88
N PRO E 39 21.81 43.12 -49.53
CA PRO E 39 21.73 43.77 -48.22
C PRO E 39 21.69 42.77 -47.09
N THR E 40 22.36 43.12 -45.99
CA THR E 40 22.43 42.25 -44.83
C THR E 40 21.13 42.36 -44.05
N VAL E 41 20.35 41.31 -44.04
CA VAL E 41 19.12 41.28 -43.29
C VAL E 41 19.38 40.61 -41.96
N ASP E 42 18.56 40.92 -40.97
CA ASP E 42 18.72 40.39 -39.64
C ASP E 42 17.47 39.58 -39.32
N ILE E 43 17.64 38.27 -39.19
CA ILE E 43 16.53 37.35 -38.98
C ILE E 43 16.54 36.92 -37.52
N GLU E 44 15.35 36.76 -36.96
CA GLU E 44 15.25 36.52 -35.53
C GLU E 44 13.95 35.80 -35.24
N LEU E 45 14.04 34.62 -34.65
CA LEU E 45 12.85 33.89 -34.27
C LEU E 45 12.25 34.51 -33.02
N VAL E 46 10.99 34.90 -33.09
CA VAL E 46 10.37 35.64 -32.01
C VAL E 46 9.52 34.75 -31.11
N THR E 47 8.53 34.06 -31.68
CA THR E 47 7.63 33.23 -30.87
C THR E 47 7.58 31.84 -31.47
N THR E 48 6.74 30.99 -30.87
CA THR E 48 6.40 29.69 -31.42
C THR E 48 5.00 29.40 -30.91
N THR E 49 4.00 29.57 -31.76
CA THR E 49 2.62 29.52 -31.31
C THR E 49 2.11 28.11 -31.50
N VAL E 50 2.26 27.28 -30.47
CA VAL E 50 1.65 25.96 -30.49
C VAL E 50 0.15 26.14 -30.36
N SER E 51 -0.58 25.70 -31.38
CA SER E 51 -1.99 25.99 -31.51
C SER E 51 -2.80 24.70 -31.51
N ASN E 52 -4.04 24.79 -31.02
CA ASN E 52 -5.08 23.78 -31.14
C ASN E 52 -4.64 22.45 -30.51
N MET E 53 -4.49 22.49 -29.19
CA MET E 53 -3.96 21.38 -28.43
C MET E 53 -5.07 20.50 -27.87
N ALA E 54 -4.79 19.21 -27.80
CA ALA E 54 -5.68 18.21 -27.24
C ALA E 54 -5.43 18.09 -25.74
N GLU E 55 -5.94 17.02 -25.13
CA GLU E 55 -5.68 16.75 -23.72
C GLU E 55 -5.25 15.31 -23.53
N VAL E 56 -4.38 15.10 -22.54
CA VAL E 56 -3.90 13.77 -22.16
C VAL E 56 -4.24 13.74 -20.67
N ARG E 57 -3.76 12.73 -19.95
CA ARG E 57 -3.97 12.47 -18.52
C ARG E 57 -3.78 13.69 -17.64
N SER E 58 -4.86 14.18 -17.05
CA SER E 58 -4.82 15.38 -16.24
C SER E 58 -4.71 14.96 -14.78
N TYR E 59 -3.54 15.15 -14.20
CA TYR E 59 -3.27 14.71 -12.84
C TYR E 59 -3.98 15.59 -11.82
N CYS E 60 -3.92 15.15 -10.57
CA CYS E 60 -4.45 15.93 -9.45
C CYS E 60 -3.36 16.11 -8.40
N TYR E 61 -3.47 17.17 -7.62
CA TYR E 61 -2.51 17.40 -6.56
C TYR E 61 -3.14 17.91 -5.27
N GLU E 62 -4.38 18.38 -5.30
CA GLU E 62 -5.06 18.92 -4.12
C GLU E 62 -6.20 17.96 -3.80
N ALA E 63 -5.96 17.01 -2.90
CA ALA E 63 -6.94 15.99 -2.59
C ALA E 63 -7.61 16.31 -1.27
N SER E 64 -8.94 16.24 -1.25
CA SER E 64 -9.71 16.54 -0.05
C SER E 64 -10.56 15.31 0.30
N ILE E 65 -10.18 14.62 1.36
CA ILE E 65 -10.87 13.43 1.78
C ILE E 65 -12.02 13.81 2.70
N SER E 66 -13.22 13.33 2.38
CA SER E 66 -14.38 13.57 3.22
C SER E 66 -15.29 12.37 3.14
N ASP E 67 -16.27 12.34 4.06
CA ASP E 67 -17.38 11.36 4.09
C ASP E 67 -16.84 9.94 4.19
N MET E 68 -16.06 9.69 5.23
CA MET E 68 -15.42 8.40 5.39
C MET E 68 -16.24 7.49 6.28
N ALA E 69 -15.99 6.19 6.16
CA ALA E 69 -16.69 5.20 6.97
C ALA E 69 -15.72 4.06 7.26
N SER E 70 -16.22 3.05 7.97
CA SER E 70 -15.44 1.86 8.27
C SER E 70 -16.39 0.71 8.58
N ASP E 71 -15.87 -0.51 8.45
CA ASP E 71 -16.58 -1.74 8.75
C ASP E 71 -15.57 -2.81 9.06
N SER E 72 -15.94 -3.75 9.92
CA SER E 72 -15.03 -4.81 10.33
C SER E 72 -15.79 -6.11 10.46
N ARG E 73 -15.04 -7.15 10.81
CA ARG E 73 -15.62 -8.45 11.11
C ARG E 73 -14.77 -9.11 12.18
N CYS E 74 -15.36 -10.10 12.85
CA CYS E 74 -14.65 -10.93 13.81
C CYS E 74 -13.60 -11.76 13.07
N PRO E 75 -12.58 -12.31 13.76
CA PRO E 75 -11.48 -12.97 13.06
C PRO E 75 -11.81 -14.25 12.28
N THR E 76 -13.09 -14.65 12.15
CA THR E 76 -13.45 -15.73 11.24
C THR E 76 -14.57 -15.40 10.28
N GLN E 77 -15.15 -14.20 10.33
CA GLN E 77 -16.28 -13.87 9.47
C GLN E 77 -15.87 -13.34 8.11
N GLY E 78 -14.64 -13.62 7.66
CA GLY E 78 -14.21 -13.08 6.39
C GLY E 78 -13.89 -11.59 6.51
N GLU E 79 -13.69 -10.96 5.36
CA GLU E 79 -13.43 -9.54 5.39
C GLU E 79 -14.73 -8.74 5.45
N ALA E 80 -14.57 -7.44 5.56
CA ALA E 80 -15.70 -6.54 5.68
C ALA E 80 -16.19 -6.13 4.29
N TYR E 81 -17.42 -5.63 4.25
CA TYR E 81 -18.02 -5.12 3.04
C TYR E 81 -18.62 -3.76 3.34
N LEU E 82 -18.64 -2.89 2.34
CA LEU E 82 -19.20 -1.56 2.54
C LEU E 82 -19.85 -1.11 1.24
N ASP E 83 -20.88 -0.29 1.36
CA ASP E 83 -21.53 0.29 0.19
C ASP E 83 -20.61 1.26 -0.52
N LYS E 84 -19.73 1.91 0.23
CA LYS E 84 -18.76 2.82 -0.33
C LYS E 84 -17.53 2.12 -0.84
N GLN E 85 -17.55 0.79 -0.90
CA GLN E 85 -16.55 0.06 -1.65
C GLN E 85 -16.96 -0.14 -3.10
N SER E 86 -18.24 0.01 -3.42
CA SER E 86 -18.75 -0.36 -4.73
C SER E 86 -19.00 0.84 -5.64
N ASP E 87 -18.32 1.96 -5.40
CA ASP E 87 -18.22 3.03 -6.37
C ASP E 87 -16.75 3.42 -6.43
N THR E 88 -16.29 3.80 -7.61
CA THR E 88 -14.92 4.25 -7.75
C THR E 88 -14.76 5.74 -7.49
N GLN E 89 -15.76 6.38 -6.92
CA GLN E 89 -15.54 7.70 -6.37
C GLN E 89 -14.94 7.63 -4.98
N TYR E 90 -14.89 6.45 -4.37
CA TYR E 90 -14.33 6.26 -3.03
C TYR E 90 -13.12 5.36 -3.11
N VAL E 91 -12.12 5.64 -2.26
CA VAL E 91 -10.92 4.82 -2.14
C VAL E 91 -11.08 3.92 -0.92
N CYS E 92 -10.60 2.69 -1.01
CA CYS E 92 -10.77 1.74 0.07
C CYS E 92 -9.50 0.93 0.25
N LYS E 93 -9.35 0.34 1.44
CA LYS E 93 -8.23 -0.53 1.73
C LYS E 93 -8.62 -1.47 2.86
N ARG E 94 -8.36 -2.76 2.68
CA ARG E 94 -8.61 -3.75 3.71
C ARG E 94 -7.34 -4.04 4.48
N THR E 95 -7.50 -4.23 5.79
CA THR E 95 -6.34 -4.33 6.68
C THR E 95 -6.73 -5.15 7.90
N LEU E 96 -5.82 -6.03 8.31
CA LEU E 96 -6.06 -6.94 9.43
C LEU E 96 -5.77 -6.22 10.73
N VAL E 97 -6.74 -6.21 11.64
CA VAL E 97 -6.64 -5.49 12.90
C VAL E 97 -6.92 -6.49 14.03
N ASP E 98 -6.09 -6.44 15.07
CA ASP E 98 -6.20 -7.39 16.17
C ASP E 98 -7.42 -7.09 17.01
N ARG E 99 -8.27 -8.10 17.18
CA ARG E 99 -9.54 -7.92 17.86
C ARG E 99 -9.73 -8.99 18.93
N GLY E 100 -10.57 -8.69 19.91
CA GLY E 100 -10.83 -9.63 20.98
C GLY E 100 -12.13 -9.38 21.74
N TRP E 101 -12.17 -9.72 23.04
CA TRP E 101 -13.38 -9.47 23.82
C TRP E 101 -13.61 -7.98 24.00
N GLY E 102 -12.55 -7.21 24.09
CA GLY E 102 -12.67 -5.78 24.23
C GLY E 102 -13.22 -5.08 23.01
N ASN E 103 -13.22 -5.74 21.87
CA ASN E 103 -13.86 -5.22 20.67
C ASN E 103 -15.11 -6.02 20.32
N GLY E 104 -15.60 -6.81 21.27
CA GLY E 104 -16.87 -7.50 21.09
C GLY E 104 -16.85 -8.69 20.15
N CYS E 105 -15.69 -9.29 19.92
CA CYS E 105 -15.57 -10.42 19.01
C CYS E 105 -15.77 -11.74 19.75
N GLY E 106 -15.49 -12.84 19.06
CA GLY E 106 -15.67 -14.15 19.63
C GLY E 106 -14.38 -14.92 19.77
N LEU E 107 -13.38 -14.59 18.95
CA LEU E 107 -12.04 -15.15 19.10
C LEU E 107 -11.04 -14.03 19.27
N PHE E 108 -9.76 -14.38 19.21
CA PHE E 108 -8.67 -13.41 19.24
C PHE E 108 -7.79 -13.67 18.03
N GLY E 109 -7.66 -12.68 17.16
CA GLY E 109 -6.84 -12.87 15.99
C GLY E 109 -7.02 -11.72 15.01
N LYS E 110 -6.53 -11.95 13.79
CA LYS E 110 -6.51 -10.93 12.76
C LYS E 110 -7.90 -10.70 12.20
N GLY E 111 -8.70 -9.88 12.87
CA GLY E 111 -9.98 -9.47 12.32
C GLY E 111 -9.77 -8.47 11.20
N SER E 112 -10.55 -8.61 10.15
CA SER E 112 -10.35 -7.72 9.02
C SER E 112 -11.06 -6.39 9.26
N LEU E 113 -10.66 -5.40 8.48
CA LEU E 113 -11.20 -4.06 8.63
C LEU E 113 -11.08 -3.30 7.33
N VAL E 114 -12.21 -2.82 6.81
CA VAL E 114 -12.24 -2.03 5.59
C VAL E 114 -12.66 -0.62 5.97
N THR E 115 -11.99 0.36 5.40
CA THR E 115 -12.41 1.75 5.53
C THR E 115 -12.50 2.36 4.14
N CYS E 116 -13.35 3.36 4.01
CA CYS E 116 -13.55 4.03 2.74
C CYS E 116 -13.46 5.53 2.92
N ALA E 117 -13.31 6.24 1.82
CA ALA E 117 -13.14 7.69 1.84
C ALA E 117 -13.43 8.24 0.46
N LYS E 118 -14.27 9.26 0.38
CA LYS E 118 -14.59 9.89 -0.89
C LYS E 118 -13.44 10.77 -1.33
N PHE E 119 -12.98 10.56 -2.57
CA PHE E 119 -11.87 11.33 -3.13
C PHE E 119 -12.43 12.55 -3.84
N ALA E 120 -12.19 13.73 -3.28
CA ALA E 120 -12.59 14.98 -3.91
C ALA E 120 -11.33 15.77 -4.21
N CYS E 121 -11.02 15.94 -5.49
CA CYS E 121 -9.87 16.73 -5.88
C CYS E 121 -10.31 18.14 -6.23
N SER E 122 -9.56 19.12 -5.73
CA SER E 122 -9.95 20.52 -5.88
C SER E 122 -9.19 21.23 -6.99
N LYS E 123 -7.87 21.22 -6.95
CA LYS E 123 -7.06 21.90 -7.95
C LYS E 123 -6.25 20.84 -8.67
N LYS E 124 -6.59 20.60 -9.93
CA LYS E 124 -5.93 19.59 -10.74
C LYS E 124 -5.08 20.24 -11.80
N MET E 125 -4.06 19.53 -12.25
CA MET E 125 -3.23 19.97 -13.35
C MET E 125 -3.61 19.22 -14.60
N THR E 126 -3.40 19.85 -15.75
CA THR E 126 -3.86 19.31 -17.03
C THR E 126 -2.68 19.27 -17.98
N GLY E 127 -2.39 18.09 -18.51
CA GLY E 127 -1.32 17.99 -19.47
C GLY E 127 -1.78 17.89 -20.89
N LYS E 128 -1.72 18.99 -21.62
CA LYS E 128 -2.12 18.99 -23.01
C LYS E 128 -1.03 18.33 -23.87
N SER E 129 -1.43 17.93 -25.07
CA SER E 129 -0.55 17.34 -26.06
C SER E 129 -0.22 18.37 -27.13
N ILE E 130 0.91 18.17 -27.80
CA ILE E 130 1.35 19.05 -28.86
C ILE E 130 1.56 18.22 -30.11
N GLN E 131 0.72 18.45 -31.11
CA GLN E 131 0.98 17.83 -32.40
C GLN E 131 2.15 18.52 -33.07
N PRO E 132 2.94 17.80 -33.87
CA PRO E 132 4.03 18.48 -34.59
C PRO E 132 3.56 19.28 -35.77
N GLU E 133 2.30 19.15 -36.16
CA GLU E 133 1.84 19.67 -37.44
C GLU E 133 1.12 21.00 -37.29
N ASN E 134 0.80 21.43 -36.08
CA ASN E 134 0.15 22.72 -35.89
C ASN E 134 1.05 23.70 -35.13
N LEU E 135 2.37 23.51 -35.21
CA LEU E 135 3.29 24.54 -34.78
C LEU E 135 3.15 25.75 -35.69
N GLU E 136 3.43 26.92 -35.15
CA GLU E 136 3.26 28.11 -35.96
C GLU E 136 4.40 29.06 -35.59
N TYR E 137 5.51 28.92 -36.29
CA TYR E 137 6.69 29.73 -36.03
C TYR E 137 6.46 31.15 -36.52
N ARG E 138 7.25 32.09 -36.00
CA ARG E 138 7.11 33.49 -36.40
C ARG E 138 8.50 34.09 -36.50
N ILE E 139 9.01 34.18 -37.72
CA ILE E 139 10.30 34.79 -37.98
C ILE E 139 10.07 36.21 -38.45
N MET E 140 10.75 37.16 -37.80
CA MET E 140 10.70 38.56 -38.19
C MET E 140 12.02 38.91 -38.85
N LEU E 141 11.96 39.41 -40.08
CA LEU E 141 13.14 39.88 -40.77
C LEU E 141 13.36 41.35 -40.45
N SER E 142 14.58 41.82 -40.70
CA SER E 142 14.88 43.25 -40.57
C SER E 142 16.11 43.53 -41.40
N VAL E 143 15.98 44.39 -42.40
CA VAL E 143 17.11 44.70 -43.25
C VAL E 143 17.98 45.73 -42.55
N HIS E 144 19.18 45.92 -43.05
CA HIS E 144 20.05 46.98 -42.58
C HIS E 144 20.02 48.13 -43.56
N GLY E 145 20.04 49.35 -43.04
CA GLY E 145 20.03 50.48 -43.93
C GLY E 145 19.29 51.70 -43.42
N SER E 146 18.31 52.16 -44.18
CA SER E 146 17.73 53.47 -43.98
C SER E 146 16.76 53.56 -42.80
N GLN E 147 17.24 53.31 -41.59
CA GLN E 147 16.37 53.37 -40.42
C GLN E 147 17.19 53.65 -39.18
N HIS E 148 16.69 54.53 -38.32
CA HIS E 148 17.41 54.95 -37.13
C HIS E 148 17.24 53.91 -36.03
N SER E 149 17.74 54.23 -34.84
CA SER E 149 17.73 53.23 -33.77
C SER E 149 16.39 53.20 -33.04
N GLY E 150 15.48 54.10 -33.39
CA GLY E 150 14.16 54.06 -32.82
C GLY E 150 13.30 52.97 -33.41
N MET E 151 13.78 52.36 -34.50
CA MET E 151 13.08 51.29 -35.20
C MET E 151 13.88 50.00 -35.13
N ILE E 152 14.47 49.69 -33.98
CA ILE E 152 15.23 48.46 -33.82
C ILE E 152 14.34 47.36 -33.26
N VAL E 153 13.73 47.62 -32.11
CA VAL E 153 12.74 46.71 -31.55
C VAL E 153 11.32 47.17 -31.81
N ASN E 154 11.14 48.28 -32.50
CA ASN E 154 9.81 48.79 -32.83
C ASN E 154 9.12 47.86 -33.80
N ASP E 155 8.14 47.12 -33.31
CA ASP E 155 7.41 46.16 -34.12
C ASP E 155 6.05 46.66 -34.58
N THR E 156 5.60 47.81 -34.08
CA THR E 156 4.27 48.31 -34.36
C THR E 156 4.24 48.86 -35.78
N GLY E 157 3.74 48.07 -36.71
CA GLY E 157 3.60 48.52 -38.07
C GLY E 157 4.75 48.03 -38.93
N HIS E 158 4.53 46.95 -39.66
CA HIS E 158 5.49 46.47 -40.64
C HIS E 158 4.82 46.01 -41.92
N GLU E 159 3.50 46.12 -42.03
CA GLU E 159 2.85 45.95 -43.32
C GLU E 159 3.00 47.19 -44.18
N THR E 160 2.94 48.37 -43.57
CA THR E 160 3.18 49.59 -44.34
C THR E 160 4.67 49.77 -44.60
N ASP E 161 5.50 49.43 -43.63
CA ASP E 161 6.94 49.56 -43.79
C ASP E 161 7.49 48.38 -44.60
N GLU E 162 8.73 48.53 -45.06
CA GLU E 162 9.36 47.51 -45.88
C GLU E 162 10.63 46.97 -45.25
N ASN E 163 11.30 47.77 -44.41
CA ASN E 163 12.61 47.39 -43.89
C ASN E 163 12.53 46.22 -42.91
N ARG E 164 11.38 46.00 -42.30
CA ARG E 164 11.16 44.77 -41.54
C ARG E 164 9.84 44.15 -41.98
N ALA E 165 9.83 42.83 -42.07
CA ALA E 165 8.62 42.11 -42.45
C ALA E 165 8.70 40.72 -41.86
N LYS E 166 7.58 40.25 -41.31
CA LYS E 166 7.54 38.98 -40.62
C LYS E 166 6.91 37.91 -41.49
N VAL E 167 7.25 36.65 -41.20
CA VAL E 167 6.71 35.51 -41.92
C VAL E 167 6.34 34.43 -40.91
N GLU E 168 5.33 33.65 -41.26
CA GLU E 168 4.93 32.51 -40.44
C GLU E 168 5.43 31.24 -41.09
N ILE E 169 5.86 30.29 -40.27
CA ILE E 169 6.29 28.98 -40.76
C ILE E 169 5.39 27.94 -40.12
N THR E 170 4.36 27.53 -40.83
CA THR E 170 3.57 26.37 -40.46
C THR E 170 4.12 25.14 -41.17
N PRO E 171 3.93 23.93 -40.66
CA PRO E 171 4.32 22.74 -41.44
C PRO E 171 3.48 22.54 -42.69
N ASN E 172 2.29 23.12 -42.78
CA ASN E 172 1.56 23.13 -44.03
C ASN E 172 2.07 24.16 -45.00
N SER E 173 2.92 25.08 -44.56
CA SER E 173 3.52 26.02 -45.48
C SER E 173 4.91 26.49 -45.05
N PRO E 174 5.95 25.67 -45.19
CA PRO E 174 7.31 26.18 -45.07
C PRO E 174 7.83 26.87 -46.31
N ARG E 175 6.94 27.29 -47.21
CA ARG E 175 7.25 28.04 -48.42
C ARG E 175 6.67 29.43 -48.20
N ALA E 176 7.47 30.28 -47.56
CA ALA E 176 7.05 31.63 -47.23
C ALA E 176 8.23 32.55 -47.44
N GLU E 177 8.16 33.39 -48.46
CA GLU E 177 9.17 34.38 -48.75
C GLU E 177 8.58 35.77 -48.52
N ALA E 178 9.32 36.62 -47.82
CA ALA E 178 8.83 37.93 -47.44
C ALA E 178 9.11 38.94 -48.54
N THR E 179 8.17 39.83 -48.76
CA THR E 179 8.27 40.84 -49.81
C THR E 179 8.78 42.13 -49.19
N LEU E 180 10.10 42.30 -49.20
CA LEU E 180 10.71 43.58 -48.84
C LEU E 180 10.76 44.43 -50.12
N GLY E 181 9.60 45.03 -50.44
CA GLY E 181 9.39 45.62 -51.75
C GLY E 181 10.25 46.81 -52.10
N GLY E 182 11.28 46.57 -52.89
CA GLY E 182 12.32 47.54 -53.13
C GLY E 182 13.68 46.94 -52.78
N PHE E 183 13.72 46.16 -51.71
CA PHE E 183 14.90 45.34 -51.42
C PHE E 183 14.87 44.02 -52.16
N GLY E 184 13.73 43.64 -52.71
CA GLY E 184 13.60 42.35 -53.36
C GLY E 184 12.71 41.44 -52.54
N SER E 185 13.04 40.15 -52.48
CA SER E 185 12.24 39.24 -51.68
C SER E 185 13.09 38.11 -51.14
N LEU E 186 13.24 38.01 -49.82
CA LEU E 186 14.10 37.00 -49.23
C LEU E 186 13.38 35.66 -49.28
N GLY E 187 13.83 34.78 -50.15
CA GLY E 187 13.34 33.42 -50.19
C GLY E 187 13.75 32.68 -48.94
N LEU E 188 12.84 31.91 -48.35
CA LEU E 188 13.03 31.36 -47.03
C LEU E 188 12.21 30.10 -46.90
N ASP E 189 12.86 28.94 -46.91
CA ASP E 189 12.17 27.66 -46.75
C ASP E 189 12.71 26.99 -45.49
N CYS E 190 11.95 27.05 -44.42
CA CYS E 190 12.38 26.48 -43.16
C CYS E 190 12.06 25.00 -43.09
N GLU E 191 12.13 24.44 -41.89
CA GLU E 191 11.91 23.01 -41.67
C GLU E 191 11.29 22.82 -40.29
N PRO E 192 9.99 23.07 -40.15
CA PRO E 192 9.38 23.12 -38.82
C PRO E 192 9.11 21.77 -38.18
N ARG E 193 9.41 20.66 -38.85
CA ARG E 193 9.25 19.36 -38.20
C ARG E 193 10.32 19.16 -37.13
N THR E 194 11.58 19.36 -37.50
CA THR E 194 12.70 19.12 -36.60
C THR E 194 12.95 20.33 -35.69
N GLY E 195 11.95 20.66 -34.90
CA GLY E 195 12.05 21.75 -33.98
C GLY E 195 12.69 21.30 -32.68
N LEU E 196 11.97 21.44 -31.57
CA LEU E 196 12.54 21.09 -30.29
C LEU E 196 12.15 19.65 -29.95
N ASP E 197 12.37 18.74 -30.91
CA ASP E 197 12.07 17.32 -30.80
C ASP E 197 10.63 17.09 -30.36
N PHE E 198 9.68 17.61 -31.12
CA PHE E 198 8.29 17.62 -30.68
C PHE E 198 7.69 16.22 -30.78
N SER E 199 6.41 16.11 -30.41
CA SER E 199 5.63 14.89 -30.16
C SER E 199 6.17 14.09 -28.99
N ASP E 200 7.14 14.61 -28.24
CA ASP E 200 7.54 14.08 -26.94
C ASP E 200 7.36 15.12 -25.87
N LEU E 201 6.75 16.25 -26.18
CA LEU E 201 6.75 17.41 -25.31
C LEU E 201 5.31 17.78 -24.99
N TYR E 202 4.81 17.26 -23.88
CA TYR E 202 3.48 17.65 -23.44
C TYR E 202 3.51 19.06 -22.88
N TYR E 203 2.32 19.64 -22.76
CA TYR E 203 2.17 21.04 -22.39
C TYR E 203 1.45 21.09 -21.05
N LEU E 204 2.23 21.00 -19.97
CA LEU E 204 1.67 20.86 -18.64
C LEU E 204 1.13 22.19 -18.15
N THR E 205 -0.14 22.21 -17.77
CA THR E 205 -0.81 23.42 -17.29
C THR E 205 -1.21 23.19 -15.85
N MET E 206 -0.72 24.05 -14.95
CA MET E 206 -1.17 24.01 -13.57
C MET E 206 -1.14 25.40 -12.99
N ASN E 207 -2.17 25.72 -12.20
CA ASN E 207 -2.30 26.96 -11.43
C ASN E 207 -2.19 28.20 -12.31
N ASN E 208 -2.62 28.06 -13.57
CA ASN E 208 -2.42 29.04 -14.64
C ASN E 208 -0.97 29.43 -14.83
N LYS E 209 -0.06 28.47 -14.66
CA LYS E 209 1.30 28.54 -15.20
C LYS E 209 1.47 27.37 -16.16
N HIS E 210 2.43 27.48 -17.08
CA HIS E 210 2.51 26.51 -18.15
C HIS E 210 3.95 26.08 -18.38
N TRP E 211 4.11 24.86 -18.89
CA TRP E 211 5.43 24.27 -19.03
C TRP E 211 5.48 23.49 -20.34
N LEU E 212 6.66 22.96 -20.64
CA LEU E 212 6.86 21.99 -21.72
C LEU E 212 7.59 20.81 -21.11
N VAL E 213 6.86 19.88 -20.56
CA VAL E 213 7.47 18.72 -19.95
C VAL E 213 7.75 17.68 -21.02
N HIS E 214 8.70 16.80 -20.74
CA HIS E 214 8.92 15.66 -21.62
C HIS E 214 7.77 14.69 -21.43
N LYS E 215 7.51 13.87 -22.46
CA LYS E 215 6.42 12.90 -22.35
C LYS E 215 6.75 11.82 -21.33
N GLU E 216 8.04 11.52 -21.20
CA GLU E 216 8.50 10.52 -20.24
C GLU E 216 8.24 10.95 -18.81
N TRP E 217 8.61 12.18 -18.48
CA TRP E 217 8.39 12.69 -17.14
C TRP E 217 6.91 12.83 -16.86
N PHE E 218 6.12 13.13 -17.88
CA PHE E 218 4.71 13.30 -17.62
C PHE E 218 3.99 11.98 -17.42
N HIS E 219 4.42 10.92 -18.10
CA HIS E 219 3.78 9.63 -17.82
C HIS E 219 4.35 8.94 -16.60
N ASP E 220 5.52 9.35 -16.10
CA ASP E 220 6.09 8.65 -14.96
C ASP E 220 5.74 9.31 -13.62
N ILE E 221 4.67 10.10 -13.56
CA ILE E 221 4.27 10.77 -12.34
C ILE E 221 3.36 9.83 -11.55
N PRO E 222 3.68 9.51 -10.30
CA PRO E 222 2.74 8.79 -9.45
C PRO E 222 1.76 9.71 -8.73
N LEU E 223 0.66 10.05 -9.39
CA LEU E 223 -0.37 10.88 -8.79
C LEU E 223 -1.72 10.39 -9.29
N PRO E 224 -2.82 10.78 -8.64
CA PRO E 224 -4.13 10.48 -9.21
C PRO E 224 -4.34 11.19 -10.54
N TRP E 225 -5.02 10.51 -11.45
CA TRP E 225 -5.19 11.05 -12.79
C TRP E 225 -6.44 10.46 -13.40
N HIS E 226 -6.90 11.10 -14.48
CA HIS E 226 -7.95 10.58 -15.33
C HIS E 226 -7.60 10.96 -16.75
N ALA E 227 -8.13 10.23 -17.72
CA ALA E 227 -7.86 10.54 -19.12
C ALA E 227 -8.47 11.88 -19.48
N GLY E 228 -7.82 12.59 -20.40
CA GLY E 228 -8.17 13.97 -20.65
C GLY E 228 -9.50 14.14 -21.35
N ALA E 229 -9.96 13.09 -22.04
CA ALA E 229 -11.25 13.11 -22.71
C ALA E 229 -12.34 13.03 -21.65
N ASP E 230 -12.65 14.18 -21.05
CA ASP E 230 -13.45 14.17 -19.84
C ASP E 230 -14.18 15.50 -19.68
N THR E 231 -14.99 15.57 -18.64
CA THR E 231 -15.82 16.72 -18.25
C THR E 231 -15.83 16.69 -16.72
N GLY E 232 -16.83 17.31 -16.10
CA GLY E 232 -17.01 17.27 -14.66
C GLY E 232 -17.13 15.88 -14.05
N THR E 233 -16.96 15.81 -12.71
CA THR E 233 -16.82 14.65 -11.81
C THR E 233 -16.02 13.52 -12.44
N PRO E 234 -14.71 13.67 -12.57
CA PRO E 234 -13.90 12.63 -13.24
C PRO E 234 -13.72 11.41 -12.37
N HIS E 235 -13.17 10.37 -12.98
CA HIS E 235 -12.92 9.09 -12.35
C HIS E 235 -11.41 8.96 -12.17
N TRP E 236 -10.94 9.14 -10.95
CA TRP E 236 -9.50 9.18 -10.70
C TRP E 236 -8.93 7.76 -10.75
N ASN E 237 -7.97 7.54 -11.63
CA ASN E 237 -7.57 6.18 -11.96
C ASN E 237 -6.70 5.56 -10.89
N ASN E 238 -6.00 6.36 -10.09
CA ASN E 238 -5.09 5.77 -9.12
C ASN E 238 -5.04 6.69 -7.89
N LYS E 239 -5.92 6.45 -6.94
CA LYS E 239 -6.03 7.33 -5.79
C LYS E 239 -5.14 6.91 -4.64
N GLU E 240 -4.46 5.78 -4.75
CA GLU E 240 -3.67 5.24 -3.65
C GLU E 240 -2.43 6.08 -3.35
N ALA E 241 -2.03 6.96 -4.26
CA ALA E 241 -0.82 7.73 -4.09
C ALA E 241 -1.02 9.00 -3.27
N LEU E 242 -2.25 9.49 -3.14
CA LEU E 242 -2.49 10.69 -2.36
C LEU E 242 -3.28 10.47 -1.08
N VAL E 243 -3.61 9.24 -0.73
CA VAL E 243 -4.18 8.95 0.58
C VAL E 243 -3.25 8.01 1.32
N GLU E 244 -3.20 8.16 2.63
CA GLU E 244 -2.36 7.33 3.46
C GLU E 244 -3.19 6.77 4.61
N PHE E 245 -3.14 5.46 4.77
CA PHE E 245 -3.97 4.77 5.74
C PHE E 245 -3.15 4.40 6.95
N LYS E 246 -3.22 5.22 7.99
CA LYS E 246 -2.70 4.83 9.29
C LYS E 246 -3.73 3.94 9.96
N ASP E 247 -3.27 2.82 10.51
CA ASP E 247 -4.17 1.80 11.03
C ASP E 247 -4.30 1.93 12.53
N ALA E 248 -5.37 2.57 12.97
CA ALA E 248 -5.76 2.59 14.37
C ALA E 248 -6.82 1.52 14.57
N HIS E 249 -6.83 0.93 15.77
CA HIS E 249 -7.63 -0.25 16.01
C HIS E 249 -9.06 0.15 16.35
N ALA E 250 -9.81 -0.78 16.92
CA ALA E 250 -11.21 -0.60 17.34
C ALA E 250 -12.09 -0.20 16.15
N LYS E 251 -12.04 -1.06 15.13
CA LYS E 251 -12.90 -1.12 13.94
C LYS E 251 -13.11 0.20 13.20
N ARG E 252 -12.11 1.07 13.23
CA ARG E 252 -12.02 2.25 12.37
C ARG E 252 -10.60 2.79 12.36
N GLN E 253 -9.95 2.73 11.20
CA GLN E 253 -8.60 3.25 11.05
C GLN E 253 -8.68 4.63 10.41
N THR E 254 -7.62 5.42 10.58
CA THR E 254 -7.67 6.82 10.21
C THR E 254 -7.19 6.99 8.78
N VAL E 255 -7.94 7.76 7.99
CA VAL E 255 -7.59 8.01 6.61
C VAL E 255 -7.11 9.45 6.49
N VAL E 256 -5.80 9.64 6.57
CA VAL E 256 -5.21 10.95 6.37
C VAL E 256 -4.92 11.10 4.89
N VAL E 257 -4.90 12.36 4.43
CA VAL E 257 -4.66 12.67 3.04
C VAL E 257 -3.37 13.47 2.94
N LEU E 258 -2.52 13.12 1.98
CA LEU E 258 -1.38 13.97 1.72
C LEU E 258 -1.87 15.29 1.15
N GLY E 259 -1.16 16.35 1.47
CA GLY E 259 -1.64 17.67 1.16
C GLY E 259 -1.41 18.04 -0.30
N SER E 260 -1.37 19.34 -0.53
CA SER E 260 -1.18 19.85 -1.88
C SER E 260 0.22 19.54 -2.38
N GLN E 261 0.30 18.75 -3.45
CA GLN E 261 1.58 18.36 -4.02
C GLN E 261 2.13 19.38 -5.00
N GLU E 262 1.72 20.65 -4.87
CA GLU E 262 2.12 21.74 -5.73
C GLU E 262 3.62 21.93 -5.77
N GLY E 263 4.22 22.12 -4.59
CA GLY E 263 5.64 22.39 -4.54
C GLY E 263 6.49 21.19 -4.91
N ALA E 264 5.96 19.99 -4.72
CA ALA E 264 6.70 18.79 -5.06
C ALA E 264 6.81 18.63 -6.57
N VAL E 265 5.72 18.90 -7.29
CA VAL E 265 5.78 18.82 -8.74
C VAL E 265 6.41 20.09 -9.31
N HIS E 266 6.49 21.16 -8.52
CA HIS E 266 7.27 22.32 -8.94
C HIS E 266 8.76 22.03 -8.90
N THR E 267 9.25 21.48 -7.79
CA THR E 267 10.66 21.14 -7.70
C THR E 267 11.00 19.86 -8.42
N ALA E 268 10.02 19.10 -8.89
CA ALA E 268 10.31 17.99 -9.79
C ALA E 268 10.51 18.45 -11.21
N LEU E 269 10.14 19.69 -11.52
CA LEU E 269 10.30 20.23 -12.86
C LEU E 269 11.65 20.89 -13.04
N ALA E 270 12.74 20.17 -12.76
CA ALA E 270 14.04 20.81 -12.72
C ALA E 270 14.64 21.05 -14.09
N GLY E 271 13.98 20.67 -15.18
CA GLY E 271 14.56 20.90 -16.48
C GLY E 271 13.59 21.32 -17.55
N ALA E 272 12.31 21.47 -17.21
CA ALA E 272 11.33 21.84 -18.20
C ALA E 272 11.44 23.32 -18.54
N LEU E 273 10.92 23.68 -19.70
CA LEU E 273 10.86 25.08 -20.10
C LEU E 273 9.57 25.70 -19.61
N GLU E 274 9.46 27.02 -19.75
CA GLU E 274 8.24 27.71 -19.38
C GLU E 274 7.58 28.27 -20.64
N ALA E 275 6.26 28.36 -20.60
CA ALA E 275 5.50 28.90 -21.71
C ALA E 275 4.37 29.75 -21.17
N GLU E 276 3.74 30.51 -22.07
CA GLU E 276 2.55 31.26 -21.75
C GLU E 276 1.37 30.72 -22.55
N MET E 277 0.19 31.16 -22.16
CA MET E 277 -1.06 30.77 -22.82
C MET E 277 -1.72 32.01 -23.38
N ASP E 278 -1.97 32.01 -24.68
CA ASP E 278 -2.66 33.11 -25.35
C ASP E 278 -4.11 32.75 -25.62
N GLY E 279 -4.75 32.07 -24.68
CA GLY E 279 -6.12 31.65 -24.85
C GLY E 279 -6.17 30.20 -25.32
N ALA E 280 -6.49 30.02 -26.60
CA ALA E 280 -6.54 28.68 -27.17
C ALA E 280 -5.17 28.18 -27.60
N LYS E 281 -4.24 29.09 -27.89
CA LYS E 281 -2.93 28.74 -28.39
C LYS E 281 -1.87 29.00 -27.33
N GLY E 282 -0.96 28.05 -27.16
CA GLY E 282 0.11 28.22 -26.19
C GLY E 282 1.37 28.76 -26.82
N ARG E 283 1.59 30.07 -26.69
CA ARG E 283 2.77 30.70 -27.25
C ARG E 283 3.94 30.47 -26.30
N LEU E 284 5.02 29.90 -26.82
CA LEU E 284 6.20 29.65 -26.02
C LEU E 284 7.37 30.44 -26.60
N SER E 285 8.48 30.46 -25.88
CA SER E 285 9.69 31.12 -26.37
C SER E 285 10.88 30.22 -26.04
N SER E 286 11.19 29.31 -26.97
CA SER E 286 12.31 28.39 -26.86
C SER E 286 12.51 27.59 -28.14
N GLY E 287 13.55 26.78 -28.18
CA GLY E 287 13.74 25.89 -29.29
C GLY E 287 14.53 26.50 -30.41
N HIS E 288 14.46 25.86 -31.57
CA HIS E 288 15.20 26.32 -32.73
C HIS E 288 14.45 25.91 -33.98
N LEU E 289 15.00 26.26 -35.14
CA LEU E 289 14.36 26.00 -36.42
C LEU E 289 15.44 26.06 -37.50
N LYS E 290 15.75 24.91 -38.10
CA LYS E 290 16.75 24.87 -39.16
C LYS E 290 16.11 25.40 -40.43
N CYS E 291 16.27 26.69 -40.66
CA CYS E 291 15.76 27.26 -41.88
C CYS E 291 16.86 27.30 -42.93
N ARG E 292 16.54 27.86 -44.08
CA ARG E 292 17.51 27.98 -45.17
C ARG E 292 17.14 29.19 -46.00
N LEU E 293 18.07 30.10 -46.17
CA LEU E 293 17.76 31.40 -46.75
C LEU E 293 18.19 31.41 -48.20
N LYS E 294 17.24 31.60 -49.10
CA LYS E 294 17.56 31.78 -50.51
C LYS E 294 17.56 33.27 -50.81
N MET E 295 18.74 33.80 -51.08
CA MET E 295 18.94 35.21 -51.39
C MET E 295 18.94 35.45 -52.89
N ASP E 296 18.12 34.69 -53.61
CA ASP E 296 17.98 34.89 -55.05
C ASP E 296 17.31 36.20 -55.41
N LYS E 297 16.55 36.81 -54.50
CA LYS E 297 15.93 38.09 -54.74
C LYS E 297 16.21 39.06 -53.59
N LEU E 298 17.47 39.24 -53.23
CA LEU E 298 17.86 40.36 -52.38
C LEU E 298 18.74 41.29 -53.19
N ARG E 299 18.19 42.45 -53.57
CA ARG E 299 18.94 43.46 -54.28
C ARG E 299 19.16 44.67 -53.39
N LEU E 300 20.26 45.38 -53.61
CA LEU E 300 20.51 46.61 -52.88
C LEU E 300 19.52 47.67 -53.33
N LYS E 301 19.00 48.44 -52.38
CA LYS E 301 17.99 49.41 -52.73
C LYS E 301 18.60 50.60 -53.45
N GLY E 302 19.46 51.34 -52.76
CA GLY E 302 20.05 52.53 -53.35
C GLY E 302 21.42 52.36 -53.96
N VAL E 303 21.58 51.43 -54.90
CA VAL E 303 22.87 51.28 -55.55
C VAL E 303 22.99 52.19 -56.77
N SER E 304 21.88 52.71 -57.27
CA SER E 304 21.90 53.75 -58.30
C SER E 304 21.76 55.14 -57.72
N TYR E 305 22.28 55.38 -56.54
CA TYR E 305 22.16 56.67 -55.88
C TYR E 305 23.47 57.42 -55.94
N SER E 306 23.38 58.75 -55.82
CA SER E 306 24.56 59.59 -55.75
C SER E 306 25.13 59.55 -54.34
N LEU E 307 26.16 60.35 -54.07
CA LEU E 307 26.73 60.42 -52.73
C LEU E 307 26.24 61.69 -52.04
N CYS E 308 25.99 61.59 -50.74
CA CYS E 308 25.52 62.74 -49.99
C CYS E 308 26.62 63.78 -49.85
N THR E 309 26.25 65.04 -50.04
CA THR E 309 27.19 66.14 -50.18
C THR E 309 26.87 67.25 -49.19
N ALA E 310 26.67 66.89 -47.92
CA ALA E 310 26.34 67.89 -46.91
C ALA E 310 26.92 67.44 -45.59
N ALA E 311 26.38 67.99 -44.49
CA ALA E 311 27.00 68.02 -43.17
C ALA E 311 27.34 66.67 -42.55
N PHE E 312 26.34 65.81 -42.38
CA PHE E 312 26.44 64.56 -41.62
C PHE E 312 26.91 64.79 -40.18
N THR E 313 26.10 65.51 -39.42
CA THR E 313 26.41 65.67 -38.01
C THR E 313 26.14 64.35 -37.29
N PHE E 314 27.00 64.03 -36.32
CA PHE E 314 26.76 62.86 -35.50
C PHE E 314 25.53 63.04 -34.62
N THR E 315 25.04 61.92 -34.12
CA THR E 315 24.10 61.94 -33.01
C THR E 315 24.25 60.62 -32.26
N LYS E 316 23.85 60.65 -30.99
CA LYS E 316 23.61 59.47 -30.16
C LYS E 316 24.87 58.65 -29.85
N ILE E 317 26.03 59.32 -29.90
CA ILE E 317 27.37 58.78 -29.51
C ILE E 317 27.72 57.32 -29.80
N PRO E 318 28.41 57.09 -30.92
CA PRO E 318 28.64 55.71 -31.36
C PRO E 318 29.41 54.84 -30.37
N ALA E 319 28.97 53.58 -30.25
CA ALA E 319 29.43 52.69 -29.19
C ALA E 319 29.72 51.29 -29.71
N GLU E 320 30.63 50.59 -29.02
CA GLU E 320 30.94 49.20 -29.34
C GLU E 320 29.78 48.30 -28.96
N THR E 321 29.73 47.11 -29.56
CA THR E 321 28.54 46.25 -29.46
C THR E 321 28.92 44.79 -29.22
N LEU E 322 29.80 44.54 -28.26
CA LEU E 322 30.00 43.23 -27.61
C LEU E 322 30.55 42.12 -28.51
N HIS E 323 30.66 42.37 -29.82
CA HIS E 323 31.37 41.49 -30.73
C HIS E 323 32.40 42.27 -31.52
N GLY E 324 32.51 43.57 -31.29
CA GLY E 324 33.40 44.42 -32.01
C GLY E 324 32.75 45.31 -33.03
N THR E 325 31.49 45.07 -33.36
CA THR E 325 30.81 45.93 -34.31
C THR E 325 30.50 47.27 -33.67
N VAL E 326 30.39 48.30 -34.52
CA VAL E 326 30.21 49.67 -34.08
C VAL E 326 28.98 50.23 -34.76
N THR E 327 27.99 50.65 -33.98
CA THR E 327 26.72 51.09 -34.54
C THR E 327 26.67 52.61 -34.54
N VAL E 328 27.26 53.19 -35.59
CA VAL E 328 27.22 54.63 -35.77
C VAL E 328 25.84 55.05 -36.25
N GLU E 329 25.25 56.04 -35.58
CA GLU E 329 24.03 56.67 -36.05
C GLU E 329 24.33 58.11 -36.42
N VAL E 330 24.03 58.48 -37.66
CA VAL E 330 24.24 59.84 -38.14
C VAL E 330 22.90 60.43 -38.56
N GLN E 331 22.84 61.76 -38.55
CA GLN E 331 21.74 62.48 -39.16
C GLN E 331 22.30 63.33 -40.28
N TYR E 332 21.58 63.37 -41.39
CA TYR E 332 22.04 64.06 -42.58
C TYR E 332 21.38 65.43 -42.64
N ALA E 333 22.17 66.48 -42.51
CA ALA E 333 21.65 67.84 -42.50
C ALA E 333 21.71 68.45 -43.90
N GLY E 334 20.85 67.94 -44.76
CA GLY E 334 20.72 68.46 -46.12
C GLY E 334 19.35 68.11 -46.65
N THR E 335 19.20 68.15 -47.97
CA THR E 335 17.93 67.85 -48.61
C THR E 335 18.13 67.07 -49.90
N ASP E 336 19.15 66.22 -49.96
CA ASP E 336 19.52 65.47 -51.16
C ASP E 336 18.58 64.32 -51.49
N GLY E 337 17.46 64.12 -50.80
CA GLY E 337 16.49 63.13 -51.17
C GLY E 337 16.98 61.71 -50.97
N PRO E 338 16.49 60.79 -51.80
CA PRO E 338 16.91 59.39 -51.68
C PRO E 338 18.36 59.21 -52.12
N CYS E 339 19.29 59.47 -51.22
CA CYS E 339 20.70 59.48 -51.53
C CYS E 339 21.41 58.42 -50.70
N LYS E 340 22.74 58.42 -50.76
CA LYS E 340 23.52 57.31 -50.21
C LYS E 340 24.69 57.86 -49.39
N VAL E 341 24.93 57.24 -48.24
CA VAL E 341 25.89 57.72 -47.25
C VAL E 341 27.28 57.20 -47.63
N PRO E 342 28.27 58.05 -47.76
CA PRO E 342 29.62 57.58 -48.12
C PRO E 342 30.48 57.22 -46.90
N ALA E 343 30.17 56.09 -46.28
CA ALA E 343 30.87 55.69 -45.08
C ALA E 343 31.93 54.66 -45.37
N GLN E 344 32.94 54.62 -44.51
CA GLN E 344 34.05 53.70 -44.63
C GLN E 344 34.78 53.66 -43.29
N MET E 345 35.85 52.88 -43.24
CA MET E 345 36.81 52.89 -42.16
C MET E 345 38.16 53.35 -42.70
N ALA E 346 39.06 53.70 -41.79
CA ALA E 346 40.38 54.17 -42.19
C ALA E 346 41.38 53.97 -41.07
N VAL E 347 42.52 53.34 -41.37
CA VAL E 347 43.58 53.24 -40.36
C VAL E 347 44.31 54.57 -40.26
N ASP E 348 44.26 55.40 -41.29
CA ASP E 348 44.79 56.75 -41.26
C ASP E 348 44.00 57.57 -42.26
N MET E 349 43.82 58.85 -41.96
CA MET E 349 43.05 59.72 -42.84
C MET E 349 43.91 60.57 -43.75
N GLN E 350 45.16 60.15 -43.98
CA GLN E 350 45.93 60.75 -45.06
C GLN E 350 45.63 60.05 -46.38
N THR E 351 45.34 58.75 -46.33
CA THR E 351 45.07 57.98 -47.53
C THR E 351 43.61 57.53 -47.65
N LEU E 352 42.96 57.25 -46.52
CA LEU E 352 41.58 56.74 -46.46
C LEU E 352 41.41 55.45 -47.26
N THR E 353 42.15 54.43 -46.87
CA THR E 353 42.02 53.13 -47.52
C THR E 353 41.13 52.26 -46.65
N PRO E 354 39.94 51.87 -47.11
CA PRO E 354 39.03 51.09 -46.26
C PRO E 354 39.57 49.71 -45.95
N VAL E 355 39.48 49.32 -44.68
CA VAL E 355 40.14 48.12 -44.19
C VAL E 355 39.12 47.18 -43.56
N GLY E 356 38.27 47.72 -42.68
CA GLY E 356 37.25 46.91 -42.07
C GLY E 356 36.04 46.77 -42.96
N ARG E 357 35.31 45.68 -42.75
CA ARG E 357 34.12 45.38 -43.53
C ARG E 357 32.98 46.24 -42.99
N LEU E 358 32.15 46.75 -43.90
CA LEU E 358 30.98 47.52 -43.52
C LEU E 358 29.77 46.59 -43.46
N ILE E 359 29.18 46.41 -42.26
CA ILE E 359 28.11 45.44 -42.11
C ILE E 359 26.83 45.95 -42.76
N THR E 360 26.49 47.22 -42.52
CA THR E 360 25.34 47.84 -43.17
C THR E 360 25.70 48.11 -44.61
N ALA E 361 25.51 47.10 -45.45
CA ALA E 361 25.93 47.18 -46.85
C ALA E 361 25.03 48.14 -47.61
N ASN E 362 25.67 49.06 -48.34
CA ASN E 362 25.09 50.18 -49.09
C ASN E 362 24.16 51.00 -48.20
N PRO E 363 24.69 51.78 -47.25
CA PRO E 363 23.82 52.51 -46.32
C PRO E 363 23.28 53.78 -46.97
N VAL E 364 21.97 53.89 -47.02
CA VAL E 364 21.33 54.96 -47.79
C VAL E 364 20.54 55.87 -46.86
N ILE E 365 20.13 56.99 -47.40
CA ILE E 365 19.16 57.87 -46.78
C ILE E 365 17.90 57.81 -47.62
N THR E 366 16.78 57.47 -46.99
CA THR E 366 15.54 57.39 -47.73
C THR E 366 14.66 58.62 -47.56
N GLU E 367 15.04 59.57 -46.70
CA GLU E 367 14.21 60.73 -46.48
C GLU E 367 14.63 61.86 -47.40
N SER E 368 13.87 62.96 -47.36
CA SER E 368 14.20 64.13 -48.15
C SER E 368 14.04 65.44 -47.39
N THR E 369 13.71 65.40 -46.11
CA THR E 369 13.50 66.61 -45.33
C THR E 369 14.84 67.11 -44.81
N GLU E 370 14.80 68.06 -43.87
CA GLU E 370 16.01 68.66 -43.33
C GLU E 370 16.86 67.64 -42.59
N ASN E 371 16.32 67.07 -41.51
CA ASN E 371 17.05 66.12 -40.69
C ASN E 371 16.53 64.72 -40.96
N SER E 372 17.46 63.78 -41.13
CA SER E 372 17.13 62.41 -41.47
C SER E 372 18.12 61.49 -40.76
N LYS E 373 17.69 60.83 -39.70
CA LYS E 373 18.59 59.96 -38.99
C LYS E 373 18.72 58.61 -39.71
N MET E 374 19.88 58.00 -39.55
CA MET E 374 20.14 56.68 -40.11
C MET E 374 21.20 56.01 -39.27
N MET E 375 21.10 54.70 -39.16
CA MET E 375 21.97 53.92 -38.27
C MET E 375 22.80 52.95 -39.10
N LEU E 376 24.11 53.05 -38.97
CA LEU E 376 25.02 52.15 -39.65
C LEU E 376 25.39 51.00 -38.72
N GLU E 377 26.29 50.15 -39.20
CA GLU E 377 26.98 49.18 -38.35
C GLU E 377 28.28 48.85 -39.05
N LEU E 378 29.40 49.17 -38.41
CA LEU E 378 30.71 48.95 -39.01
C LEU E 378 31.49 47.99 -38.14
N ASP E 379 32.48 47.33 -38.74
CA ASP E 379 33.33 46.35 -38.07
C ASP E 379 34.78 46.75 -38.27
N PRO E 380 35.38 47.43 -37.30
CA PRO E 380 36.76 47.91 -37.46
C PRO E 380 37.75 46.77 -37.38
N PRO E 381 39.00 46.99 -37.78
CA PRO E 381 40.04 45.99 -37.53
C PRO E 381 40.56 46.08 -36.10
N PHE E 382 41.34 45.08 -35.72
CA PHE E 382 41.93 45.06 -34.40
C PHE E 382 43.04 46.09 -34.30
N GLY E 383 42.86 47.06 -33.40
CA GLY E 383 43.77 48.18 -33.27
C GLY E 383 43.02 49.50 -33.28
N ASP E 384 43.67 50.52 -33.82
CA ASP E 384 43.09 51.85 -33.91
C ASP E 384 42.68 52.12 -35.34
N SER E 385 41.47 52.64 -35.53
CA SER E 385 40.99 52.99 -36.86
C SER E 385 39.94 54.07 -36.74
N TYR E 386 39.93 54.99 -37.68
CA TYR E 386 38.99 56.10 -37.66
C TYR E 386 37.72 55.72 -38.40
N ILE E 387 36.61 56.32 -38.00
CA ILE E 387 35.33 56.14 -38.67
C ILE E 387 35.06 57.37 -39.51
N VAL E 388 35.09 57.21 -40.83
CA VAL E 388 34.98 58.32 -41.76
C VAL E 388 33.61 58.27 -42.42
N ILE E 389 32.87 59.36 -42.35
CA ILE E 389 31.55 59.49 -42.95
C ILE E 389 31.49 60.86 -43.60
N GLY E 390 31.17 60.90 -44.89
CA GLY E 390 31.12 62.16 -45.61
C GLY E 390 32.15 62.12 -46.71
N VAL E 391 31.91 62.89 -47.76
CA VAL E 391 32.73 62.77 -48.96
C VAL E 391 33.98 63.64 -48.87
N GLY E 392 33.84 64.89 -48.45
CA GLY E 392 34.95 65.82 -48.52
C GLY E 392 35.09 66.69 -47.29
N GLU E 393 35.04 68.01 -47.49
CA GLU E 393 34.88 68.93 -46.38
C GLU E 393 33.57 68.64 -45.65
N LYS E 394 33.61 68.90 -44.32
CA LYS E 394 32.57 68.51 -43.37
C LYS E 394 32.31 67.01 -43.40
N LYS E 395 33.35 66.23 -43.60
CA LYS E 395 33.28 64.85 -43.17
C LYS E 395 33.40 64.80 -41.66
N ILE E 396 32.99 63.69 -41.07
CA ILE E 396 33.11 63.54 -39.63
C ILE E 396 34.08 62.42 -39.33
N THR E 397 34.55 62.41 -38.10
CA THR E 397 35.52 61.43 -37.68
C THR E 397 35.33 61.14 -36.20
N HIS E 398 35.15 59.86 -35.90
CA HIS E 398 35.17 59.39 -34.52
C HIS E 398 36.25 58.30 -34.50
N HIS E 399 37.36 58.59 -33.83
CA HIS E 399 38.42 57.61 -33.72
C HIS E 399 37.96 56.43 -32.89
N TRP E 400 38.32 55.22 -33.34
CA TRP E 400 37.94 54.00 -32.65
C TRP E 400 39.18 53.21 -32.24
N HIS E 401 39.03 52.40 -31.20
CA HIS E 401 40.04 51.44 -30.77
C HIS E 401 39.31 50.14 -30.46
N ARG E 402 39.25 49.25 -31.43
CA ARG E 402 38.65 47.94 -31.21
C ARG E 402 39.62 47.06 -30.44
N SER E 403 39.20 46.63 -29.24
CA SER E 403 40.08 45.87 -28.37
C SER E 403 40.13 44.41 -28.81
N GLY E 404 41.25 43.77 -28.53
CA GLY E 404 41.39 42.35 -28.77
C GLY E 404 42.35 42.07 -29.90
N SER E 405 42.37 40.81 -30.32
CA SER E 405 43.22 40.39 -31.43
C SER E 405 42.47 39.35 -32.24
N THR E 406 43.07 38.98 -33.38
CA THR E 406 42.50 37.96 -34.25
C THR E 406 42.52 36.59 -33.58
N ILE E 407 43.52 36.33 -32.74
CA ILE E 407 43.57 35.07 -31.99
C ILE E 407 42.44 35.01 -30.98
N GLY E 408 42.14 36.15 -30.34
CA GLY E 408 41.02 36.20 -29.41
C GLY E 408 39.68 36.05 -30.11
N LYS E 409 39.57 36.59 -31.33
CA LYS E 409 38.35 36.44 -32.12
C LYS E 409 38.16 34.99 -32.53
N ALA E 410 39.24 34.32 -32.93
CA ALA E 410 39.16 32.93 -33.33
C ALA E 410 38.81 32.04 -32.14
N PHE E 411 39.35 32.36 -30.96
CA PHE E 411 39.02 31.58 -29.77
C PHE E 411 37.57 31.80 -29.34
N GLU E 412 37.08 33.03 -29.45
CA GLU E 412 35.69 33.29 -29.08
C GLU E 412 34.73 32.63 -30.06
N ALA E 413 35.07 32.65 -31.35
CA ALA E 413 34.24 31.96 -32.34
C ALA E 413 34.28 30.46 -32.14
N THR E 414 35.43 29.93 -31.71
CA THR E 414 35.52 28.51 -31.39
C THR E 414 34.65 28.15 -30.19
N VAL E 415 34.67 28.97 -29.14
CA VAL E 415 33.90 28.63 -27.95
C VAL E 415 32.41 28.83 -28.18
N ARG E 416 32.03 29.73 -29.08
CA ARG E 416 30.60 29.85 -29.34
C ARG E 416 30.13 28.81 -30.34
N GLY E 417 31.03 28.31 -31.20
CA GLY E 417 30.69 27.16 -32.00
C GLY E 417 30.55 25.92 -31.16
N ALA E 418 31.38 25.78 -30.13
CA ALA E 418 31.24 24.66 -29.21
C ALA E 418 29.98 24.80 -28.37
N LYS E 419 29.57 26.04 -28.05
CA LYS E 419 28.33 26.23 -27.31
C LYS E 419 27.12 25.91 -28.17
N ARG E 420 27.15 26.31 -29.45
CA ARG E 420 26.06 26.00 -30.36
C ARG E 420 26.01 24.51 -30.64
N MET E 421 27.17 23.85 -30.69
CA MET E 421 27.19 22.40 -30.83
C MET E 421 26.64 21.74 -29.58
N ALA E 422 26.95 22.29 -28.40
CA ALA E 422 26.47 21.71 -27.15
C ALA E 422 24.98 21.90 -26.95
N VAL E 423 24.40 22.94 -27.54
CA VAL E 423 22.95 23.11 -27.44
C VAL E 423 22.22 22.28 -28.49
N LEU E 424 22.65 22.32 -29.74
CA LEU E 424 21.91 21.66 -30.80
C LEU E 424 22.43 20.26 -31.12
N GLY E 425 23.72 20.11 -31.41
CA GLY E 425 24.23 18.78 -31.69
C GLY E 425 24.19 18.38 -33.14
N ASP E 426 23.12 17.67 -33.50
CA ASP E 426 22.87 17.27 -34.87
C ASP E 426 22.77 18.46 -35.81
N THR E 427 22.06 19.50 -35.39
CA THR E 427 21.79 20.61 -36.29
C THR E 427 22.83 21.70 -36.18
N ALA E 428 23.96 21.42 -35.55
CA ALA E 428 25.02 22.42 -35.46
C ALA E 428 25.76 22.55 -36.78
N TRP E 429 25.88 21.45 -37.52
CA TRP E 429 26.57 21.50 -38.81
C TRP E 429 25.73 22.17 -39.89
N ASP E 430 24.46 22.44 -39.61
CA ASP E 430 23.61 23.18 -40.54
C ASP E 430 23.71 24.67 -40.21
N PHE E 431 24.88 25.23 -40.50
CA PHE E 431 25.07 26.65 -40.29
C PHE E 431 25.83 27.31 -41.44
N GLY E 432 26.11 26.59 -42.52
CA GLY E 432 26.90 27.16 -43.59
C GLY E 432 26.52 26.77 -45.01
N SER E 433 27.52 26.42 -45.81
CA SER E 433 27.41 26.33 -47.25
C SER E 433 26.91 24.93 -47.65
N VAL E 434 27.20 24.52 -48.89
CA VAL E 434 26.65 23.28 -49.43
C VAL E 434 27.25 22.07 -48.73
N GLY E 435 28.51 22.16 -48.33
CA GLY E 435 29.17 21.08 -47.62
C GLY E 435 29.57 19.90 -48.48
N GLY E 436 30.82 19.50 -48.42
CA GLY E 436 31.20 18.22 -49.00
C GLY E 436 31.92 17.38 -47.98
N ALA E 437 32.57 18.05 -47.03
CA ALA E 437 33.34 17.39 -46.00
C ALA E 437 33.19 18.04 -44.64
N LEU E 438 32.32 19.05 -44.51
CA LEU E 438 32.17 19.74 -43.25
C LEU E 438 30.72 20.02 -42.89
N ASN E 439 29.79 19.93 -43.84
CA ASN E 439 28.39 20.10 -43.53
C ASN E 439 27.53 18.91 -43.90
N SER E 440 28.09 17.89 -44.53
CA SER E 440 27.34 16.66 -44.78
C SER E 440 27.99 15.46 -44.10
N LEU E 441 29.29 15.24 -44.34
CA LEU E 441 29.97 14.13 -43.68
C LEU E 441 30.10 14.39 -42.19
N GLY E 442 30.34 15.64 -41.80
CA GLY E 442 30.40 15.98 -40.39
C GLY E 442 29.08 15.79 -39.69
N LYS E 443 27.98 16.13 -40.38
CA LYS E 443 26.65 15.88 -39.84
C LYS E 443 26.38 14.39 -39.70
N GLY E 444 26.92 13.58 -40.62
CA GLY E 444 26.80 12.14 -40.51
C GLY E 444 27.48 11.57 -39.29
N ILE E 445 28.75 11.93 -39.07
CA ILE E 445 29.48 11.31 -37.97
C ILE E 445 28.98 11.89 -36.65
N HIS E 446 28.59 13.16 -36.64
CA HIS E 446 28.03 13.74 -35.42
C HIS E 446 26.65 13.19 -35.13
N GLN E 447 25.88 12.84 -36.17
CA GLN E 447 24.58 12.21 -35.98
C GLN E 447 24.72 10.83 -35.38
N ILE E 448 25.72 10.07 -35.87
CA ILE E 448 25.98 8.74 -35.34
C ILE E 448 26.42 8.82 -33.88
N PHE E 449 27.36 9.72 -33.58
CA PHE E 449 27.84 9.84 -32.20
C PHE E 449 26.81 10.44 -31.28
N GLY E 450 25.94 11.32 -31.79
CA GLY E 450 24.90 11.90 -30.97
C GLY E 450 23.81 10.90 -30.65
N ALA E 451 23.47 10.04 -31.60
CA ALA E 451 22.54 8.96 -31.30
C ALA E 451 23.14 7.94 -30.34
N ALA E 452 24.39 7.53 -30.57
CA ALA E 452 25.03 6.56 -29.68
C ALA E 452 25.54 7.18 -28.39
N PHE E 453 25.35 8.48 -28.18
CA PHE E 453 25.60 9.13 -26.91
C PHE E 453 24.31 9.37 -26.15
N LYS E 454 23.33 10.00 -26.79
CA LYS E 454 22.06 10.36 -26.15
C LYS E 454 21.18 9.14 -25.94
N SER E 455 21.50 8.00 -26.53
CA SER E 455 20.95 6.73 -26.08
C SER E 455 21.83 6.04 -25.06
N LEU E 456 23.10 6.43 -24.96
CA LEU E 456 23.98 5.79 -23.99
C LEU E 456 23.85 6.44 -22.62
N PHE E 457 24.13 7.74 -22.53
CA PHE E 457 24.03 8.41 -21.23
C PHE E 457 22.61 8.96 -21.08
N GLY E 458 22.27 9.96 -21.88
CA GLY E 458 20.90 10.30 -22.22
C GLY E 458 19.96 10.78 -21.12
N GLY E 459 20.30 10.54 -19.87
CA GLY E 459 19.37 10.78 -18.79
C GLY E 459 20.05 11.31 -17.55
N MET E 460 21.19 11.97 -17.71
CA MET E 460 21.94 12.44 -16.57
C MET E 460 21.75 13.94 -16.40
N SER E 461 21.97 14.40 -15.17
CA SER E 461 21.65 15.75 -14.75
C SER E 461 22.79 16.69 -15.12
N TRP E 462 22.82 17.85 -14.46
CA TRP E 462 24.01 18.66 -14.51
C TRP E 462 25.09 18.13 -13.57
N PHE E 463 24.71 17.57 -12.43
CA PHE E 463 25.71 17.20 -11.45
C PHE E 463 26.24 15.79 -11.65
N SER E 464 25.38 14.85 -12.04
CA SER E 464 25.83 13.50 -12.31
C SER E 464 26.73 13.45 -13.53
N GLN E 465 26.56 14.39 -14.45
CA GLN E 465 27.48 14.51 -15.57
C GLN E 465 28.86 14.94 -15.11
N ILE E 466 28.94 15.84 -14.12
CA ILE E 466 30.23 16.21 -13.55
C ILE E 466 30.87 15.01 -12.85
N LEU E 467 30.07 14.23 -12.13
CA LEU E 467 30.60 13.04 -11.45
C LEU E 467 31.11 12.02 -12.45
N ILE E 468 30.37 11.81 -13.54
CA ILE E 468 30.81 10.81 -14.50
C ILE E 468 31.96 11.35 -15.34
N GLY E 469 32.09 12.67 -15.43
CA GLY E 469 33.23 13.24 -16.11
C GLY E 469 34.50 13.10 -15.29
N THR E 470 34.37 13.27 -13.97
CA THR E 470 35.52 13.00 -13.10
C THR E 470 35.89 11.53 -13.11
N LEU E 471 34.89 10.66 -13.20
CA LEU E 471 35.15 9.22 -13.27
C LEU E 471 35.88 8.84 -14.55
N LEU E 472 35.44 9.36 -15.70
CA LEU E 472 36.13 9.06 -16.93
C LEU E 472 37.42 9.85 -17.07
N MET E 473 37.60 10.91 -16.27
CA MET E 473 38.89 11.58 -16.23
C MET E 473 39.92 10.72 -15.51
N TRP E 474 39.52 10.13 -14.37
CA TRP E 474 40.42 9.23 -13.67
C TRP E 474 40.66 7.96 -14.48
N LEU E 475 39.67 7.50 -15.23
CA LEU E 475 39.92 6.39 -16.14
C LEU E 475 40.79 6.79 -17.31
N GLY E 476 40.77 8.05 -17.70
CA GLY E 476 41.53 8.56 -18.81
C GLY E 476 42.98 8.91 -18.51
N LEU E 477 43.44 8.67 -17.29
CA LEU E 477 44.85 8.88 -16.98
C LEU E 477 45.52 7.61 -16.46
N ASN E 478 44.76 6.62 -16.00
CA ASN E 478 45.33 5.37 -15.50
C ASN E 478 44.71 4.20 -16.25
N THR E 479 45.27 3.93 -17.43
CA THR E 479 44.99 2.75 -18.24
C THR E 479 46.15 2.58 -19.19
N LYS E 480 46.56 1.33 -19.41
CA LYS E 480 47.61 1.04 -20.38
C LYS E 480 47.06 0.39 -21.64
N ASN E 481 45.80 0.66 -21.97
CA ASN E 481 45.17 0.13 -23.16
C ASN E 481 44.93 1.24 -24.16
N GLY E 482 44.30 0.89 -25.28
CA GLY E 482 43.97 1.87 -26.29
C GLY E 482 42.80 2.76 -25.97
N SER E 483 42.03 2.43 -24.94
CA SER E 483 40.86 3.22 -24.56
C SER E 483 41.22 4.29 -23.53
N ILE E 484 42.28 5.04 -23.81
CA ILE E 484 42.57 6.28 -23.10
C ILE E 484 41.88 7.45 -23.76
N SER E 485 42.01 7.56 -25.08
CA SER E 485 41.36 8.63 -25.82
C SER E 485 39.87 8.38 -26.00
N LEU E 486 39.40 7.15 -25.78
CA LEU E 486 37.96 6.92 -25.83
C LEU E 486 37.29 7.40 -24.55
N MET E 487 37.92 7.18 -23.41
CA MET E 487 37.43 7.74 -22.16
C MET E 487 37.62 9.25 -22.13
N CYS E 488 38.65 9.75 -22.83
CA CYS E 488 38.82 11.20 -22.88
C CYS E 488 37.86 11.82 -23.88
N LEU E 489 37.41 11.05 -24.88
CA LEU E 489 36.33 11.52 -25.74
C LEU E 489 35.03 11.63 -24.96
N ALA E 490 34.77 10.67 -24.09
CA ALA E 490 33.61 10.80 -23.22
C ALA E 490 33.86 11.77 -22.07
N LEU E 491 35.10 12.17 -21.82
CA LEU E 491 35.36 13.31 -20.94
C LEU E 491 34.95 14.62 -21.60
N GLY E 492 35.44 14.84 -22.82
CA GLY E 492 35.15 16.10 -23.50
C GLY E 492 33.69 16.21 -23.90
N GLY E 493 33.09 15.10 -24.33
CA GLY E 493 31.71 15.10 -24.76
C GLY E 493 30.72 15.35 -23.65
N VAL E 494 31.16 15.24 -22.39
CA VAL E 494 30.34 15.53 -21.23
C VAL E 494 30.67 16.91 -20.65
N LEU E 495 31.96 17.20 -20.48
CA LEU E 495 32.33 18.42 -19.78
C LEU E 495 32.10 19.67 -20.63
N ILE E 496 32.03 19.52 -21.96
CA ILE E 496 31.63 20.68 -22.76
C ILE E 496 30.13 20.93 -22.61
N PHE E 497 29.34 19.87 -22.37
CA PHE E 497 27.94 20.06 -22.00
C PHE E 497 27.78 20.67 -20.62
N LEU E 498 28.82 20.65 -19.80
CA LEU E 498 28.78 21.19 -18.45
C LEU E 498 29.35 22.60 -18.38
N SER E 499 30.27 22.91 -19.28
CA SER E 499 30.86 24.23 -19.30
C SER E 499 29.87 25.29 -19.75
N THR E 500 28.89 24.93 -20.56
CA THR E 500 27.84 25.88 -20.90
C THR E 500 26.89 26.07 -19.73
N ALA E 501 26.17 27.18 -19.75
CA ALA E 501 25.18 27.48 -18.73
C ALA E 501 23.90 26.66 -18.95
N ALA F 1 3.03 10.18 -5.02
CA ALA F 1 3.20 11.52 -4.47
C ALA F 1 4.44 11.57 -3.61
N VAL F 2 5.14 10.44 -3.58
CA VAL F 2 6.33 10.29 -2.76
C VAL F 2 7.59 10.25 -3.60
N THR F 3 7.56 9.60 -4.76
CA THR F 3 8.71 9.40 -5.62
C THR F 3 8.51 10.08 -6.97
N LEU F 4 8.10 11.35 -6.95
CA LEU F 4 8.00 12.22 -8.11
C LEU F 4 9.28 12.17 -8.93
N PRO F 5 9.20 11.85 -10.22
CA PRO F 5 10.42 11.77 -11.03
C PRO F 5 10.98 13.16 -11.29
N SER F 6 12.30 13.27 -11.25
CA SER F 6 12.91 14.55 -11.53
C SER F 6 12.93 14.78 -13.03
N HIS F 7 12.58 15.99 -13.45
CA HIS F 7 12.67 16.33 -14.86
C HIS F 7 14.09 16.63 -15.28
N SER F 8 15.03 16.66 -14.35
CA SER F 8 16.43 16.88 -14.70
C SER F 8 17.04 15.69 -15.42
N THR F 9 16.35 14.55 -15.44
CA THR F 9 16.75 13.43 -16.28
C THR F 9 16.74 13.83 -17.74
N ARG F 10 15.62 14.35 -18.21
CA ARG F 10 15.47 14.76 -19.60
C ARG F 10 15.40 16.27 -19.64
N LYS F 11 16.56 16.90 -19.62
CA LYS F 11 16.63 18.34 -19.65
C LYS F 11 16.41 18.83 -21.06
N LEU F 12 15.55 19.83 -21.21
CA LEU F 12 15.29 20.40 -22.52
C LEU F 12 16.39 21.41 -22.82
N GLN F 13 17.47 20.93 -23.44
CA GLN F 13 18.64 21.76 -23.71
C GLN F 13 18.32 22.76 -24.82
N THR F 14 18.31 24.03 -24.49
CA THR F 14 18.08 25.10 -25.45
C THR F 14 18.71 26.37 -24.89
N ARG F 15 18.50 27.48 -25.61
CA ARG F 15 19.20 28.72 -25.28
C ARG F 15 18.60 29.38 -24.05
N SER F 16 17.27 29.41 -23.96
CA SER F 16 16.61 30.00 -22.81
C SER F 16 16.91 29.19 -21.56
N GLN F 17 16.98 29.89 -20.44
CA GLN F 17 17.21 29.24 -19.15
C GLN F 17 15.99 28.40 -18.80
N THR F 18 16.23 27.24 -18.20
CA THR F 18 15.17 26.31 -17.85
C THR F 18 14.44 26.80 -16.60
N TRP F 19 13.63 25.92 -16.00
CA TRP F 19 12.80 26.33 -14.87
C TRP F 19 13.63 26.58 -13.63
N LEU F 20 14.50 25.64 -13.28
CA LEU F 20 15.36 25.75 -12.11
C LEU F 20 16.78 25.43 -12.57
N GLU F 21 17.53 26.44 -12.96
CA GLU F 21 18.93 26.25 -13.28
C GLU F 21 19.86 26.81 -12.22
N SER F 22 19.53 27.99 -11.68
CA SER F 22 20.36 28.60 -10.65
C SER F 22 20.31 27.78 -9.37
N ARG F 23 19.15 27.23 -9.03
CA ARG F 23 19.05 26.29 -7.93
C ARG F 23 19.08 24.85 -8.44
N GLU F 24 20.09 24.52 -9.24
CA GLU F 24 20.27 23.14 -9.66
C GLU F 24 21.72 22.76 -9.45
N TYR F 25 22.60 23.75 -9.40
CA TYR F 25 24.01 23.47 -9.18
C TYR F 25 24.26 23.03 -7.76
N THR F 26 23.53 23.58 -6.81
CA THR F 26 23.60 23.18 -5.42
C THR F 26 22.30 22.53 -4.97
N LYS F 27 21.69 21.75 -5.85
CA LYS F 27 20.56 20.93 -5.44
C LYS F 27 21.05 19.63 -4.84
N HIS F 28 21.99 18.96 -5.50
CA HIS F 28 22.48 17.69 -5.01
C HIS F 28 23.61 17.87 -4.01
N LEU F 29 24.38 18.96 -4.17
CA LEU F 29 25.53 19.16 -3.30
C LEU F 29 25.11 19.47 -1.87
N ILE F 30 23.94 20.09 -1.70
CA ILE F 30 23.44 20.35 -0.37
C ILE F 30 22.94 19.08 0.29
N ARG F 31 22.26 18.21 -0.47
CA ARG F 31 21.81 16.94 0.08
C ARG F 31 22.96 16.02 0.43
N VAL F 32 24.11 16.16 -0.23
CA VAL F 32 25.26 15.38 0.18
C VAL F 32 25.95 16.00 1.39
N GLU F 33 26.21 17.31 1.33
CA GLU F 33 27.07 17.93 2.34
C GLU F 33 26.36 18.05 3.67
N ASN F 34 25.05 18.27 3.65
CA ASN F 34 24.28 18.36 4.89
C ASN F 34 24.21 17.01 5.58
N TRP F 35 24.08 15.93 4.80
CA TRP F 35 24.01 14.61 5.39
C TRP F 35 25.37 14.17 5.91
N ILE F 36 26.45 14.61 5.26
CA ILE F 36 27.78 14.29 5.80
C ILE F 36 28.05 15.13 7.04
N PHE F 37 27.58 16.37 7.05
CA PHE F 37 27.74 17.25 8.20
C PHE F 37 26.93 16.75 9.40
N ARG F 38 25.82 16.07 9.17
CA ARG F 38 24.99 15.63 10.28
C ARG F 38 25.06 14.13 10.53
N ASN F 39 25.96 13.42 9.86
CA ASN F 39 26.26 12.02 10.18
C ASN F 39 27.73 11.73 9.96
N PRO F 40 28.64 12.33 10.74
CA PRO F 40 30.06 12.24 10.38
C PRO F 40 30.72 10.92 10.71
N GLY F 41 30.06 10.07 11.50
CA GLY F 41 30.62 8.75 11.75
C GLY F 41 30.52 7.84 10.55
N PHE F 42 29.61 8.12 9.63
CA PHE F 42 29.52 7.32 8.43
C PHE F 42 30.72 7.54 7.51
N ALA F 43 31.43 8.66 7.66
CA ALA F 43 32.72 8.81 6.98
C ALA F 43 33.71 7.76 7.47
N LEU F 44 33.74 7.52 8.78
CA LEU F 44 34.60 6.47 9.34
C LEU F 44 34.13 5.09 8.89
N ALA F 45 32.81 4.90 8.81
CA ALA F 45 32.25 3.62 8.37
C ALA F 45 32.59 3.33 6.93
N ALA F 46 32.41 4.32 6.05
CA ALA F 46 32.72 4.15 4.64
C ALA F 46 34.21 4.04 4.40
N ALA F 47 35.03 4.69 5.23
CA ALA F 47 36.47 4.55 5.11
C ALA F 47 36.92 3.14 5.48
N ALA F 48 36.39 2.61 6.58
CA ALA F 48 36.74 1.24 6.98
C ALA F 48 36.11 0.20 6.06
N ILE F 49 35.07 0.57 5.33
CA ILE F 49 34.53 -0.33 4.32
C ILE F 49 35.38 -0.31 3.06
N ALA F 50 35.75 0.88 2.60
CA ALA F 50 36.50 1.00 1.36
C ALA F 50 37.92 0.49 1.52
N TRP F 51 38.46 0.55 2.73
CA TRP F 51 39.75 -0.09 3.01
C TRP F 51 39.68 -1.59 2.87
N LEU F 52 38.50 -2.18 3.06
CA LEU F 52 38.28 -3.61 2.89
C LEU F 52 37.78 -4.00 1.51
N LEU F 53 37.26 -3.06 0.73
CA LEU F 53 36.86 -3.29 -0.65
C LEU F 53 37.99 -3.09 -1.65
N GLY F 54 38.61 -1.91 -1.63
CA GLY F 54 39.54 -1.50 -2.67
C GLY F 54 40.82 -2.30 -2.76
N SER F 55 41.13 -2.75 -3.97
CA SER F 55 42.38 -3.46 -4.18
C SER F 55 43.56 -2.51 -4.22
N SER F 56 43.56 -1.58 -5.18
CA SER F 56 44.68 -0.67 -5.33
C SER F 56 44.54 0.51 -4.39
N THR F 57 45.52 1.42 -4.44
CA THR F 57 45.47 2.60 -3.60
C THR F 57 44.47 3.61 -4.11
N SER F 58 44.33 3.72 -5.43
CA SER F 58 43.39 4.65 -6.05
C SER F 58 42.09 3.97 -6.47
N GLN F 59 41.82 2.79 -5.92
CA GLN F 59 40.56 2.07 -6.05
C GLN F 59 39.66 2.31 -4.85
N LYS F 60 40.25 2.31 -3.66
CA LYS F 60 39.48 2.45 -2.44
C LYS F 60 38.94 3.86 -2.29
N VAL F 61 39.57 4.85 -2.90
CA VAL F 61 38.99 6.19 -2.83
C VAL F 61 37.77 6.29 -3.74
N ILE F 62 37.73 5.51 -4.82
CA ILE F 62 36.54 5.44 -5.66
C ILE F 62 35.42 4.73 -4.91
N TYR F 63 35.76 3.66 -4.19
CA TYR F 63 34.78 2.99 -3.33
C TYR F 63 34.24 3.92 -2.25
N LEU F 64 35.13 4.72 -1.66
CA LEU F 64 34.74 5.61 -0.56
C LEU F 64 33.83 6.72 -1.06
N VAL F 65 34.16 7.32 -2.21
CA VAL F 65 33.30 8.39 -2.71
C VAL F 65 32.01 7.83 -3.27
N MET F 66 32.01 6.56 -3.72
CA MET F 66 30.77 5.95 -4.19
C MET F 66 29.83 5.68 -3.02
N ILE F 67 30.37 5.22 -1.89
CA ILE F 67 29.53 4.98 -0.72
C ILE F 67 29.07 6.31 -0.12
N LEU F 68 29.94 7.32 -0.11
CA LEU F 68 29.54 8.61 0.43
C LEU F 68 28.64 9.38 -0.52
N LEU F 69 28.44 8.92 -1.75
CA LEU F 69 27.40 9.51 -2.58
C LEU F 69 26.11 8.70 -2.60
N ILE F 70 26.16 7.38 -2.38
CA ILE F 70 24.94 6.59 -2.36
C ILE F 70 24.12 6.93 -1.11
N ALA F 71 24.75 6.85 0.05
CA ALA F 71 24.04 6.87 1.32
C ALA F 71 23.38 8.19 1.70
N PRO F 72 23.82 9.37 1.27
CA PRO F 72 22.97 10.55 1.49
C PRO F 72 21.69 10.57 0.67
N ALA F 73 21.60 9.78 -0.40
CA ALA F 73 20.38 9.74 -1.20
C ALA F 73 19.58 8.48 -0.98
N TYR F 74 20.16 7.47 -0.33
CA TYR F 74 19.57 6.15 -0.06
C TYR F 74 19.11 5.46 -1.34
N SER F 75 19.83 5.69 -2.42
CA SER F 75 19.40 5.23 -3.72
C SER F 75 20.57 5.23 -4.66
N ILE G 1 -7.69 -8.92 31.53
CA ILE G 1 -8.37 -7.64 31.57
C ILE G 1 -7.40 -6.55 31.18
N ARG G 2 -7.70 -5.88 30.06
CA ARG G 2 -7.00 -4.74 29.46
C ARG G 2 -5.67 -5.15 28.82
N CYS G 3 -5.27 -6.39 28.97
CA CYS G 3 -4.10 -6.87 28.27
C CYS G 3 -4.45 -8.11 27.46
N ILE G 4 -5.61 -8.09 26.83
CA ILE G 4 -6.13 -9.31 26.24
C ILE G 4 -6.15 -9.28 24.72
N GLY G 5 -6.18 -8.12 24.09
CA GLY G 5 -6.27 -8.09 22.65
C GLY G 5 -5.23 -7.18 22.05
N VAL G 6 -4.04 -7.16 22.64
CA VAL G 6 -3.02 -6.20 22.25
C VAL G 6 -1.97 -6.78 21.32
N SER G 7 -1.85 -8.12 21.23
CA SER G 7 -0.92 -8.85 20.35
C SER G 7 0.54 -8.53 20.61
N ASN G 8 0.83 -7.87 21.74
CA ASN G 8 2.19 -7.49 22.11
C ASN G 8 2.38 -7.63 23.61
N ARG G 9 1.53 -8.39 24.28
CA ARG G 9 1.60 -8.55 25.73
C ARG G 9 2.83 -9.33 26.12
N ASP G 10 3.62 -8.75 27.02
CA ASP G 10 4.76 -9.45 27.59
C ASP G 10 4.43 -9.88 29.01
N PHE G 11 4.92 -11.05 29.38
CA PHE G 11 4.75 -11.57 30.73
C PHE G 11 6.06 -11.43 31.49
N VAL G 12 5.98 -10.94 32.72
CA VAL G 12 7.15 -10.80 33.58
C VAL G 12 6.86 -11.50 34.91
N GLU G 13 7.92 -11.95 35.56
CA GLU G 13 7.83 -12.74 36.78
C GLU G 13 9.18 -12.71 37.48
N GLY G 14 9.32 -13.54 38.51
CA GLY G 14 10.62 -13.78 39.08
C GLY G 14 10.96 -12.96 40.30
N MET G 15 9.96 -12.66 41.14
CA MET G 15 10.20 -11.92 42.38
C MET G 15 10.12 -12.87 43.56
N SER G 16 11.29 -13.41 43.92
CA SER G 16 11.48 -14.19 45.13
C SER G 16 12.38 -13.41 46.09
N GLY G 17 12.14 -12.11 46.18
CA GLY G 17 12.98 -11.23 46.96
C GLY G 17 13.09 -9.87 46.31
N GLY G 18 12.89 -8.83 47.10
CA GLY G 18 12.89 -7.47 46.56
C GLY G 18 11.54 -6.99 46.08
N THR G 19 10.86 -7.82 45.27
CA THR G 19 9.57 -7.52 44.65
C THR G 19 9.58 -6.19 43.89
N TRP G 20 10.63 -6.00 43.09
CA TRP G 20 10.77 -4.77 42.33
C TRP G 20 11.09 -5.10 40.86
N VAL G 21 10.25 -5.91 40.23
CA VAL G 21 10.44 -6.19 38.81
C VAL G 21 10.22 -4.91 38.01
N ASP G 22 11.10 -4.66 37.05
CA ASP G 22 11.09 -3.43 36.29
C ASP G 22 10.77 -3.69 34.83
N VAL G 23 9.93 -2.84 34.27
CA VAL G 23 9.37 -3.03 32.95
C VAL G 23 9.56 -1.76 32.14
N VAL G 24 9.52 -1.92 30.82
CA VAL G 24 9.39 -0.78 29.92
C VAL G 24 8.03 -0.89 29.27
N LEU G 25 7.36 0.25 29.08
CA LEU G 25 5.96 0.27 28.67
C LEU G 25 5.83 1.05 27.37
N GLU G 26 5.81 0.34 26.25
CA GLU G 26 5.54 1.02 24.99
C GLU G 26 4.05 1.30 24.86
N HIS G 27 3.69 2.06 23.84
CA HIS G 27 2.29 2.43 23.68
C HIS G 27 1.47 1.28 23.09
N GLY G 28 1.97 0.68 22.03
CA GLY G 28 1.24 -0.43 21.44
C GLY G 28 1.27 -1.71 22.25
N GLY G 29 2.23 -1.85 23.16
CA GLY G 29 2.39 -3.08 23.88
C GLY G 29 2.07 -3.01 25.36
N CYS G 30 0.98 -3.65 25.74
CA CYS G 30 0.64 -3.78 27.15
C CYS G 30 1.54 -4.82 27.82
N VAL G 31 1.56 -4.81 29.14
CA VAL G 31 2.44 -5.68 29.92
C VAL G 31 1.65 -6.31 31.05
N THR G 32 1.68 -7.63 31.12
CA THR G 32 1.06 -8.40 32.20
C THR G 32 2.14 -8.92 33.12
N VAL G 33 1.96 -8.73 34.43
CA VAL G 33 2.92 -9.20 35.40
C VAL G 33 2.44 -10.53 35.96
N MET G 34 3.34 -11.20 36.66
CA MET G 34 3.01 -12.45 37.32
C MET G 34 3.85 -12.56 38.59
N ALA G 35 3.23 -12.95 39.68
CA ALA G 35 3.90 -12.95 40.97
C ALA G 35 3.79 -14.30 41.63
N GLN G 36 4.49 -14.41 42.77
CA GLN G 36 4.40 -15.60 43.61
C GLN G 36 3.00 -15.76 44.18
N ASP G 37 2.58 -14.84 45.04
CA ASP G 37 1.28 -14.95 45.68
C ASP G 37 0.57 -13.61 45.67
N LYS G 38 0.76 -12.83 44.61
CA LYS G 38 0.15 -11.52 44.46
C LYS G 38 -0.64 -11.47 43.16
N PRO G 39 -1.71 -10.68 43.08
CA PRO G 39 -2.56 -10.70 41.88
C PRO G 39 -1.85 -10.12 40.67
N THR G 40 -2.11 -10.74 39.52
CA THR G 40 -1.50 -10.31 38.27
C THR G 40 -2.22 -9.08 37.76
N VAL G 41 -1.55 -7.96 37.77
CA VAL G 41 -2.12 -6.74 37.26
C VAL G 41 -1.63 -6.54 35.84
N ASP G 42 -2.41 -5.81 35.06
CA ASP G 42 -2.08 -5.56 33.66
C ASP G 42 -1.87 -4.08 33.48
N ILE G 43 -0.64 -3.69 33.19
CA ILE G 43 -0.26 -2.29 33.07
C ILE G 43 -0.11 -1.95 31.60
N GLU G 44 -0.51 -0.74 31.25
CA GLU G 44 -0.58 -0.38 29.83
C GLU G 44 -0.46 1.13 29.72
N LEU G 45 0.55 1.59 28.98
CA LEU G 45 0.70 3.01 28.75
C LEU G 45 -0.31 3.45 27.69
N VAL G 46 -1.13 4.44 28.03
CA VAL G 46 -2.23 4.84 27.17
C VAL G 46 -1.87 6.07 26.35
N THR G 47 -1.53 7.18 27.00
CA THR G 47 -1.26 8.42 26.29
C THR G 47 0.10 8.96 26.72
N THR G 48 0.44 10.12 26.20
CA THR G 48 1.60 10.89 26.66
C THR G 48 1.25 12.35 26.37
N THR G 49 0.87 13.07 27.40
CA THR G 49 0.31 14.41 27.20
C THR G 49 1.44 15.42 27.33
N VAL G 50 2.07 15.72 26.21
CA VAL G 50 3.04 16.81 26.18
C VAL G 50 2.30 18.12 26.34
N SER G 51 2.59 18.83 27.42
CA SER G 51 1.81 20.00 27.82
C SER G 51 2.68 21.24 27.84
N ASN G 52 2.06 22.38 27.59
CA ASN G 52 2.61 23.73 27.79
C ASN G 52 3.88 23.93 26.94
N MET G 53 3.66 23.93 25.63
CA MET G 53 4.75 23.99 24.66
C MET G 53 5.03 25.42 24.22
N ALA G 54 6.30 25.68 23.96
CA ALA G 54 6.78 26.96 23.46
C ALA G 54 6.72 26.96 21.94
N GLU G 55 7.40 27.93 21.31
CA GLU G 55 7.50 27.98 19.86
C GLU G 55 8.95 28.18 19.44
N VAL G 56 9.29 27.60 18.29
CA VAL G 56 10.62 27.73 17.68
C VAL G 56 10.27 28.23 16.28
N ARG G 57 11.25 28.29 15.38
CA ARG G 57 11.15 28.76 14.01
C ARG G 57 9.96 28.20 13.24
N SER G 58 9.02 29.06 12.91
CA SER G 58 7.80 28.64 12.24
C SER G 58 7.97 28.89 10.76
N TYR G 59 8.13 27.82 10.00
CA TYR G 59 8.42 27.92 8.57
C TYR G 59 7.17 28.34 7.79
N CYS G 60 7.37 28.61 6.51
CA CYS G 60 6.27 28.91 5.60
C CYS G 60 6.34 27.98 4.40
N TYR G 61 5.20 27.74 3.78
CA TYR G 61 5.17 26.92 2.59
C TYR G 61 4.25 27.44 1.49
N GLU G 62 3.36 28.38 1.80
CA GLU G 62 2.42 28.93 0.83
C GLU G 62 2.80 30.38 0.62
N ALA G 63 3.59 30.64 -0.41
CA ALA G 63 4.11 31.98 -0.66
C ALA G 63 3.34 32.63 -1.79
N SER G 64 2.89 33.86 -1.59
CA SER G 64 2.13 34.59 -2.59
C SER G 64 2.86 35.89 -2.90
N ILE G 65 3.46 35.95 -4.08
CA ILE G 65 4.21 37.12 -4.52
C ILE G 65 3.27 38.11 -5.17
N SER G 66 3.30 39.35 -4.68
CA SER G 66 2.51 40.41 -5.28
C SER G 66 3.27 41.71 -5.17
N ASP G 67 2.77 42.73 -5.90
CA ASP G 67 3.23 44.12 -5.83
C ASP G 67 4.72 44.22 -6.18
N MET G 68 5.05 43.74 -7.37
CA MET G 68 6.44 43.68 -7.78
C MET G 68 6.82 44.90 -8.60
N ALA G 69 8.12 45.18 -8.67
CA ALA G 69 8.62 46.30 -9.44
C ALA G 69 9.96 45.92 -10.03
N SER G 70 10.57 46.86 -10.75
CA SER G 70 11.90 46.67 -11.31
C SER G 70 12.54 48.03 -11.57
N ASP G 71 13.87 48.02 -11.67
CA ASP G 71 14.66 49.20 -11.97
C ASP G 71 15.98 48.74 -12.58
N SER G 72 16.54 49.57 -13.45
CA SER G 72 17.77 49.21 -14.12
C SER G 72 18.65 50.44 -14.27
N ARG G 73 19.82 50.21 -14.86
CA ARG G 73 20.73 51.29 -15.18
C ARG G 73 21.47 50.92 -16.46
N CYS G 74 22.04 51.93 -17.12
CA CYS G 74 22.90 51.73 -18.28
C CYS G 74 24.18 51.02 -17.82
N PRO G 75 24.93 50.39 -18.74
CA PRO G 75 26.09 49.58 -18.33
C PRO G 75 27.25 50.30 -17.65
N THR G 76 27.15 51.59 -17.34
CA THR G 76 28.15 52.24 -16.51
C THR G 76 27.60 53.01 -15.32
N GLN G 77 26.28 53.07 -15.14
CA GLN G 77 25.69 53.86 -14.06
C GLN G 77 25.60 53.10 -12.75
N GLY G 78 26.39 52.05 -12.54
CA GLY G 78 26.28 51.27 -11.33
C GLY G 78 25.04 50.42 -11.35
N GLU G 79 24.73 49.85 -10.19
CA GLU G 79 23.52 49.05 -10.11
C GLU G 79 22.30 49.92 -9.84
N ALA G 80 21.14 49.26 -9.83
CA ALA G 80 19.88 49.94 -9.64
C ALA G 80 19.57 50.06 -8.17
N TYR G 81 18.66 50.96 -7.86
CA TYR G 81 18.18 51.17 -6.50
C TYR G 81 16.66 51.20 -6.55
N LEU G 82 16.03 50.76 -5.47
CA LEU G 82 14.58 50.76 -5.41
C LEU G 82 14.15 51.01 -3.97
N ASP G 83 12.98 51.64 -3.82
CA ASP G 83 12.42 51.86 -2.49
C ASP G 83 12.00 50.54 -1.85
N LYS G 84 11.62 49.57 -2.68
CA LYS G 84 11.25 48.26 -2.19
C LYS G 84 12.44 47.36 -2.00
N GLN G 85 13.64 47.90 -2.08
CA GLN G 85 14.82 47.19 -1.61
C GLN G 85 15.10 47.47 -0.15
N SER G 86 14.53 48.53 0.42
CA SER G 86 14.90 48.99 1.75
C SER G 86 13.87 48.62 2.82
N ASP G 87 13.07 47.59 2.58
CA ASP G 87 12.30 46.95 3.63
C ASP G 87 12.50 45.45 3.47
N THR G 88 12.53 44.73 4.59
CA THR G 88 12.67 43.29 4.52
C THR G 88 11.33 42.59 4.40
N GLN G 89 10.26 43.32 4.09
CA GLN G 89 9.05 42.65 3.66
C GLN G 89 9.11 42.30 2.18
N TYR G 90 10.09 42.80 1.45
CA TYR G 90 10.25 42.53 0.03
C TYR G 90 11.54 41.78 -0.22
N VAL G 91 11.51 40.85 -1.19
CA VAL G 91 12.69 40.12 -1.61
C VAL G 91 13.24 40.77 -2.87
N CYS G 92 14.56 40.81 -3.00
CA CYS G 92 15.18 41.47 -4.14
C CYS G 92 16.36 40.66 -4.64
N LYS G 93 16.75 40.92 -5.89
CA LYS G 93 17.92 40.27 -6.47
C LYS G 93 18.43 41.14 -7.60
N ARG G 94 19.73 41.40 -7.61
CA ARG G 94 20.36 42.14 -8.69
C ARG G 94 20.97 41.20 -9.70
N THR G 95 20.86 41.58 -10.97
CA THR G 95 21.23 40.68 -12.06
C THR G 95 21.64 41.50 -13.27
N LEU G 96 22.71 41.07 -13.93
CA LEU G 96 23.25 41.80 -15.08
C LEU G 96 22.48 41.40 -16.33
N VAL G 97 21.95 42.39 -17.04
CA VAL G 97 21.12 42.17 -18.22
C VAL G 97 21.73 42.95 -19.38
N ASP G 98 21.82 42.31 -20.54
CA ASP G 98 22.46 42.92 -21.69
C ASP G 98 21.57 44.01 -22.28
N ARG G 99 22.14 45.21 -22.40
CA ARG G 99 21.38 46.37 -22.82
C ARG G 99 22.11 47.10 -23.93
N GLY G 100 21.35 47.87 -24.72
CA GLY G 100 21.92 48.61 -25.82
C GLY G 100 21.09 49.78 -26.31
N TRP G 101 21.15 50.11 -27.61
CA TRP G 101 20.33 51.20 -28.13
C TRP G 101 18.86 50.85 -28.10
N GLY G 102 18.55 49.57 -28.29
CA GLY G 102 17.17 49.13 -28.26
C GLY G 102 16.53 49.21 -26.88
N ASN G 103 17.33 49.34 -25.83
CA ASN G 103 16.81 49.56 -24.49
C ASN G 103 17.14 50.97 -24.01
N GLY G 104 17.51 51.85 -24.95
CA GLY G 104 17.69 53.26 -24.62
C GLY G 104 18.94 53.60 -23.83
N CYS G 105 19.96 52.76 -23.88
CA CYS G 105 21.19 53.00 -23.13
C CYS G 105 22.19 53.79 -23.97
N GLY G 106 23.41 53.88 -23.47
CA GLY G 106 24.44 54.65 -24.13
C GLY G 106 25.61 53.80 -24.59
N LEU G 107 25.83 52.66 -23.92
CA LEU G 107 26.81 51.69 -24.38
C LEU G 107 26.14 50.34 -24.60
N PHE G 108 26.96 49.31 -24.81
CA PHE G 108 26.48 47.94 -24.92
C PHE G 108 27.26 47.10 -23.93
N GLY G 109 26.55 46.48 -22.99
CA GLY G 109 27.22 45.68 -22.00
C GLY G 109 26.28 45.24 -20.90
N LYS G 110 26.88 44.75 -19.82
CA LYS G 110 26.15 44.21 -18.70
C LYS G 110 25.50 45.31 -17.88
N GLY G 111 24.34 45.79 -18.31
CA GLY G 111 23.59 46.72 -17.49
C GLY G 111 22.95 45.99 -16.33
N SER G 112 22.96 46.63 -15.17
CA SER G 112 22.41 45.96 -14.01
C SER G 112 20.90 46.10 -13.97
N LEU G 113 20.28 45.25 -13.15
CA LEU G 113 18.83 45.22 -13.07
C LEU G 113 18.40 44.65 -11.72
N VAL G 114 17.63 45.42 -10.98
CA VAL G 114 17.11 44.99 -9.69
C VAL G 114 15.60 44.86 -9.83
N THR G 115 15.05 43.78 -9.27
CA THR G 115 13.61 43.62 -9.18
C THR G 115 13.26 43.29 -7.74
N CYS G 116 12.05 43.65 -7.35
CA CYS G 116 11.58 43.41 -5.99
C CYS G 116 10.22 42.75 -6.04
N ALA G 117 9.82 42.19 -4.90
CA ALA G 117 8.57 41.47 -4.80
C ALA G 117 8.19 41.33 -3.33
N LYS G 118 6.96 41.69 -2.99
CA LYS G 118 6.48 41.58 -1.62
C LYS G 118 6.18 40.12 -1.30
N PHE G 119 6.76 39.64 -0.19
CA PHE G 119 6.57 38.26 0.23
C PHE G 119 5.38 38.20 1.17
N ALA G 120 4.30 37.57 0.71
CA ALA G 120 3.12 37.36 1.52
C ALA G 120 2.93 35.86 1.68
N CYS G 121 3.11 35.35 2.89
CA CYS G 121 2.90 33.95 3.16
C CYS G 121 1.50 33.74 3.74
N SER G 122 0.80 32.73 3.23
CA SER G 122 -0.59 32.51 3.59
C SER G 122 -0.76 31.40 4.62
N LYS G 123 -0.27 30.21 4.34
CA LYS G 123 -0.41 29.08 5.24
C LYS G 123 1.00 28.68 5.69
N LYS G 124 1.30 28.94 6.97
CA LYS G 124 2.60 28.64 7.53
C LYS G 124 2.51 27.47 8.49
N MET G 125 3.63 26.78 8.66
CA MET G 125 3.73 25.71 9.64
C MET G 125 4.47 26.22 10.86
N THR G 126 4.18 25.63 12.00
CA THR G 126 4.71 26.11 13.27
C THR G 126 5.35 24.94 13.99
N GLY G 127 6.64 25.07 14.33
CA GLY G 127 7.29 24.02 15.06
C GLY G 127 7.45 24.32 16.53
N LYS G 128 6.61 23.73 17.35
CA LYS G 128 6.69 23.93 18.77
C LYS G 128 7.84 23.10 19.34
N SER G 129 8.27 23.48 20.55
CA SER G 129 9.30 22.79 21.30
C SER G 129 8.67 21.95 22.39
N ILE G 130 9.40 20.92 22.82
CA ILE G 130 8.94 20.04 23.88
C ILE G 130 9.99 20.03 24.98
N GLN G 131 9.64 20.58 26.13
CA GLN G 131 10.52 20.45 27.27
C GLN G 131 10.45 19.02 27.80
N PRO G 132 11.54 18.48 28.37
CA PRO G 132 11.46 17.14 28.94
C PRO G 132 10.74 17.11 30.26
N GLU G 133 10.47 18.26 30.87
CA GLU G 133 10.03 18.30 32.25
C GLU G 133 8.52 18.46 32.39
N ASN G 134 7.80 18.71 31.30
CA ASN G 134 6.35 18.81 31.36
C ASN G 134 5.66 17.70 30.59
N LEU G 135 6.35 16.57 30.40
CA LEU G 135 5.69 15.37 29.93
C LEU G 135 4.69 14.90 30.97
N GLU G 136 3.64 14.25 30.52
CA GLU G 136 2.63 13.83 31.49
C GLU G 136 2.12 12.46 31.02
N TYR G 137 2.80 11.41 31.49
CA TYR G 137 2.45 10.05 31.11
C TYR G 137 1.16 9.64 31.79
N ARG G 138 0.52 8.61 31.24
CA ARG G 138 -0.73 8.14 31.81
C ARG G 138 -0.74 6.62 31.73
N ILE G 139 -0.44 5.97 32.84
CA ILE G 139 -0.45 4.52 32.93
C ILE G 139 -1.75 4.10 33.57
N MET G 140 -2.47 3.18 32.93
CA MET G 140 -3.69 2.62 33.48
C MET G 140 -3.40 1.20 33.93
N LEU G 141 -3.67 0.92 35.19
CA LEU G 141 -3.53 -0.44 35.71
C LEU G 141 -4.85 -1.19 35.52
N SER G 142 -4.78 -2.50 35.59
CA SER G 142 -5.98 -3.34 35.57
C SER G 142 -5.63 -4.66 36.20
N VAL G 143 -6.29 -5.02 37.29
CA VAL G 143 -5.99 -6.27 37.95
C VAL G 143 -6.73 -7.38 37.22
N HIS G 144 -6.36 -8.61 37.52
CA HIS G 144 -7.07 -9.77 37.02
C HIS G 144 -7.97 -10.33 38.11
N GLY G 145 -9.16 -10.76 37.73
CA GLY G 145 -10.05 -11.31 38.74
C GLY G 145 -11.52 -11.06 38.49
N SER G 146 -12.17 -10.44 39.46
CA SER G 146 -13.62 -10.42 39.52
C SER G 146 -14.27 -9.44 38.55
N GLN G 147 -14.07 -9.63 37.24
CA GLN G 147 -14.65 -8.72 36.27
C GLN G 147 -14.80 -9.43 34.94
N HIS G 148 -15.95 -9.21 34.29
CA HIS G 148 -16.26 -9.90 33.05
C HIS G 148 -15.57 -9.20 31.88
N SER G 149 -15.87 -9.63 30.65
CA SER G 149 -15.16 -9.09 29.51
C SER G 149 -15.75 -7.78 29.04
N GLY G 150 -16.86 -7.35 29.63
CA GLY G 150 -17.41 -6.05 29.31
C GLY G 150 -16.63 -4.92 29.92
N MET G 151 -15.72 -5.23 30.83
CA MET G 151 -14.89 -4.26 31.52
C MET G 151 -13.42 -4.47 31.18
N ILE G 152 -13.12 -4.73 29.91
CA ILE G 152 -11.74 -4.93 29.47
C ILE G 152 -11.17 -3.61 28.97
N VAL G 153 -11.84 -3.01 27.99
CA VAL G 153 -11.47 -1.69 27.52
C VAL G 153 -12.39 -0.60 28.07
N ASN G 154 -13.35 -0.97 28.90
CA ASN G 154 -14.27 -0.01 29.52
C ASN G 154 -13.51 0.88 30.50
N ASP G 155 -13.28 2.12 30.10
CA ASP G 155 -12.54 3.07 30.92
C ASP G 155 -13.44 4.05 31.67
N THR G 156 -14.74 4.05 31.38
CA THR G 156 -15.65 5.03 31.95
C THR G 156 -15.92 4.67 33.40
N GLY G 157 -15.23 5.33 34.31
CA GLY G 157 -15.45 5.11 35.72
C GLY G 157 -14.43 4.16 36.31
N HIS G 158 -13.40 4.70 36.93
CA HIS G 158 -12.44 3.90 37.67
C HIS G 158 -12.05 4.54 38.99
N GLU G 159 -12.64 5.68 39.34
CA GLU G 159 -12.49 6.19 40.70
C GLU G 159 -13.43 5.45 41.65
N THR G 160 -14.63 5.09 41.19
CA THR G 160 -15.52 4.31 42.04
C THR G 160 -15.08 2.85 42.06
N ASP G 161 -14.61 2.34 40.92
CA ASP G 161 -14.16 0.96 40.83
C ASP G 161 -12.74 0.83 41.39
N GLU G 162 -12.34 -0.40 41.64
CA GLU G 162 -11.02 -0.66 42.22
C GLU G 162 -10.16 -1.54 41.31
N ASN G 163 -10.78 -2.36 40.46
CA ASN G 163 -10.03 -3.32 39.67
C ASN G 163 -9.17 -2.67 38.61
N ARG G 164 -9.51 -1.46 38.19
CA ARG G 164 -8.61 -0.68 37.35
C ARG G 164 -8.46 0.72 37.95
N ALA G 165 -7.25 1.24 37.90
CA ALA G 165 -6.97 2.57 38.41
C ALA G 165 -5.78 3.14 37.65
N LYS G 166 -5.87 4.40 37.28
CA LYS G 166 -4.85 5.03 36.47
C LYS G 166 -3.96 5.93 37.31
N VAL G 167 -2.74 6.15 36.83
CA VAL G 167 -1.77 7.01 37.50
C VAL G 167 -1.12 7.91 36.47
N GLU G 168 -0.72 9.09 36.90
CA GLU G 168 0.02 10.00 36.04
C GLU G 168 1.49 9.99 36.45
N ILE G 169 2.37 10.07 35.47
CA ILE G 169 3.80 10.14 35.73
C ILE G 169 4.31 11.45 35.15
N THR G 170 4.41 12.47 35.98
CA THR G 170 5.10 13.70 35.64
C THR G 170 6.54 13.59 36.10
N PRO G 171 7.49 14.32 35.50
CA PRO G 171 8.85 14.35 36.06
C PRO G 171 8.94 15.04 37.40
N ASN G 172 7.98 15.87 37.77
CA ASN G 172 7.91 16.39 39.12
C ASN G 172 7.32 15.38 40.10
N SER G 173 6.73 14.31 39.62
CA SER G 173 6.26 13.27 40.52
C SER G 173 6.28 11.88 39.90
N PRO G 174 7.45 11.24 39.75
CA PRO G 174 7.47 9.81 39.44
C PRO G 174 7.26 8.91 40.65
N ARG G 175 6.70 9.44 41.73
CA ARG G 175 6.33 8.72 42.94
C ARG G 175 4.81 8.71 42.98
N ALA G 176 4.23 7.73 42.31
CA ALA G 176 2.78 7.61 42.21
C ALA G 176 2.43 6.15 42.30
N GLU G 177 1.81 5.76 43.41
CA GLU G 177 1.33 4.40 43.61
C GLU G 177 -0.19 4.41 43.64
N ALA G 178 -0.79 3.47 42.92
CA ALA G 178 -2.24 3.45 42.79
C ALA G 178 -2.87 2.66 43.92
N THR G 179 -4.00 3.14 44.41
CA THR G 179 -4.69 2.52 45.52
C THR G 179 -5.78 1.60 44.96
N LEU G 180 -5.44 0.34 44.76
CA LEU G 180 -6.43 -0.69 44.45
C LEU G 180 -6.97 -1.22 45.77
N GLY G 181 -7.89 -0.45 46.35
CA GLY G 181 -8.29 -0.64 47.75
C GLY G 181 -9.00 -1.95 48.06
N GLY G 182 -8.25 -2.89 48.62
CA GLY G 182 -8.69 -4.26 48.77
C GLY G 182 -7.70 -5.20 48.13
N PHE G 183 -7.15 -4.80 46.99
CA PHE G 183 -6.02 -5.50 46.41
C PHE G 183 -4.70 -5.04 46.99
N GLY G 184 -4.69 -3.91 47.69
CA GLY G 184 -3.46 -3.36 48.21
C GLY G 184 -3.10 -2.10 47.47
N SER G 185 -1.82 -1.87 47.21
CA SER G 185 -1.43 -0.68 46.46
C SER G 185 -0.16 -0.94 45.66
N LEU G 186 -0.25 -0.88 44.33
CA LEU G 186 0.90 -1.17 43.49
C LEU G 186 1.85 0.01 43.52
N GLY G 187 2.97 -0.16 44.20
CA GLY G 187 4.04 0.82 44.17
C GLY G 187 4.66 0.89 42.79
N LEU G 188 4.91 2.10 42.30
CA LEU G 188 5.25 2.30 40.91
C LEU G 188 6.07 3.58 40.80
N ASP G 189 7.37 3.45 40.56
CA ASP G 189 8.25 4.60 40.38
C ASP G 189 8.85 4.52 38.99
N CYS G 190 8.33 5.34 38.09
CA CYS G 190 8.79 5.32 36.70
C CYS G 190 10.01 6.21 36.54
N GLU G 191 10.34 6.52 35.29
CA GLU G 191 11.52 7.31 34.96
C GLU G 191 11.23 8.11 33.69
N PRO G 192 10.48 9.22 33.82
CA PRO G 192 9.97 9.90 32.63
C PRO G 192 10.99 10.77 31.91
N ARG G 193 12.22 10.87 32.39
CA ARG G 193 13.24 11.61 31.63
C ARG G 193 13.64 10.85 30.38
N THR G 194 13.99 9.57 30.53
CA THR G 194 14.49 8.76 29.42
C THR G 194 13.33 8.16 28.63
N GLY G 195 12.52 9.04 28.07
CA GLY G 195 11.39 8.62 27.26
C GLY G 195 11.82 8.38 25.84
N LEU G 196 11.23 9.10 24.91
CA LEU G 196 11.55 8.88 23.50
C LEU G 196 12.66 9.85 23.09
N ASP G 197 13.73 9.90 23.89
CA ASP G 197 14.90 10.76 23.68
C ASP G 197 14.48 12.21 23.46
N PHE G 198 13.79 12.77 24.44
CA PHE G 198 13.18 14.08 24.27
C PHE G 198 14.24 15.18 24.32
N SER G 199 13.80 16.43 24.18
CA SER G 199 14.56 17.65 23.94
C SER G 199 15.31 17.63 22.60
N ASP G 200 15.06 16.63 21.76
CA ASP G 200 15.47 16.64 20.35
C ASP G 200 14.28 16.51 19.45
N LEU G 201 13.07 16.58 20.00
CA LEU G 201 11.87 16.21 19.27
C LEU G 201 10.93 17.42 19.25
N TYR G 202 11.02 18.21 18.19
CA TYR G 202 10.10 19.32 18.05
C TYR G 202 8.72 18.80 17.66
N TYR G 203 7.72 19.66 17.81
CA TYR G 203 6.33 19.28 17.63
C TYR G 203 5.78 20.08 16.45
N LEU G 204 5.98 19.55 15.25
CA LEU G 204 5.66 20.27 14.03
C LEU G 204 4.16 20.27 13.79
N THR G 205 3.60 21.47 13.66
CA THR G 205 2.18 21.67 13.44
C THR G 205 1.98 22.29 12.07
N MET G 206 1.23 21.62 11.21
CA MET G 206 0.86 22.20 9.93
C MET G 206 -0.49 21.69 9.51
N ASN G 207 -1.30 22.60 8.96
CA ASN G 207 -2.61 22.30 8.36
C ASN G 207 -3.55 21.61 9.34
N ASN G 208 -3.37 21.90 10.63
CA ASN G 208 -4.00 21.21 11.75
C ASN G 208 -3.78 19.69 11.72
N LYS G 209 -2.59 19.28 11.28
CA LYS G 209 -2.05 17.96 11.57
C LYS G 209 -0.75 18.15 12.36
N HIS G 210 -0.34 17.12 13.09
CA HIS G 210 0.76 17.31 14.03
C HIS G 210 1.73 16.15 13.94
N TRP G 211 2.98 16.42 14.28
CA TRP G 211 4.05 15.44 14.12
C TRP G 211 5.00 15.54 15.30
N LEU G 212 5.97 14.64 15.34
CA LEU G 212 7.12 14.72 16.24
C LEU G 212 8.37 14.60 15.38
N VAL G 213 8.84 15.72 14.88
CA VAL G 213 10.03 15.69 14.04
C VAL G 213 11.26 15.72 14.92
N HIS G 214 12.38 15.25 14.38
CA HIS G 214 13.64 15.40 15.08
C HIS G 214 14.06 16.85 15.00
N LYS G 215 14.89 17.29 15.96
CA LYS G 215 15.34 18.68 15.94
C LYS G 215 16.28 18.93 14.77
N GLU G 216 17.01 17.89 14.36
CA GLU G 216 17.92 17.99 13.24
C GLU G 216 17.20 18.24 11.94
N TRP G 217 16.16 17.44 11.68
CA TRP G 217 15.38 17.61 10.47
C TRP G 217 14.65 18.93 10.47
N PHE G 218 14.25 19.41 11.64
CA PHE G 218 13.51 20.65 11.67
C PHE G 218 14.42 21.85 11.44
N HIS G 219 15.66 21.81 11.92
CA HIS G 219 16.54 22.93 11.62
C HIS G 219 17.18 22.84 10.24
N ASP G 220 17.16 21.68 9.59
CA ASP G 220 17.82 21.58 8.30
C ASP G 220 16.86 21.79 7.13
N ILE G 221 15.73 22.45 7.34
CA ILE G 221 14.75 22.70 6.29
C ILE G 221 15.13 23.99 5.58
N PRO G 222 15.33 23.98 4.27
CA PRO G 222 15.48 25.23 3.53
C PRO G 222 14.16 25.84 3.11
N LEU G 223 13.54 26.62 3.98
CA LEU G 223 12.29 27.30 3.67
C LEU G 223 12.32 28.66 4.35
N PRO G 224 11.44 29.59 3.95
CA PRO G 224 11.31 30.83 4.72
C PRO G 224 10.82 30.57 6.12
N TRP G 225 11.33 31.35 7.06
CA TRP G 225 11.01 31.14 8.46
C TRP G 225 11.16 32.43 9.22
N HIS G 226 10.61 32.45 10.42
CA HIS G 226 10.83 33.51 11.39
C HIS G 226 10.86 32.87 12.75
N ALA G 227 11.49 33.53 13.72
CA ALA G 227 11.55 33.00 15.07
C ALA G 227 10.16 32.97 15.68
N GLY G 228 9.92 31.98 16.54
CA GLY G 228 8.57 31.72 17.00
C GLY G 228 8.04 32.77 17.94
N ALA G 229 8.93 33.52 18.57
CA ALA G 229 8.55 34.61 19.47
C ALA G 229 8.02 35.76 18.62
N ASP G 230 6.75 35.65 18.22
CA ASP G 230 6.25 36.54 17.18
C ASP G 230 4.75 36.68 17.30
N THR G 231 4.19 37.52 16.42
CA THR G 231 2.77 37.86 16.32
C THR G 231 2.53 38.07 14.82
N GLY G 232 1.49 38.80 14.46
CA GLY G 232 1.21 39.15 13.08
C GLY G 232 2.32 39.89 12.36
N THR G 233 2.22 39.93 11.00
CA THR G 233 3.18 40.38 9.97
C THR G 233 4.62 40.02 10.33
N PRO G 234 5.00 38.75 10.24
CA PRO G 234 6.35 38.35 10.63
C PRO G 234 7.39 38.78 9.61
N HIS G 235 8.65 38.62 10.01
CA HIS G 235 9.79 38.98 9.19
C HIS G 235 10.47 37.69 8.74
N TRP G 236 10.26 37.34 7.48
CA TRP G 236 10.73 36.05 6.98
C TRP G 236 12.23 36.09 6.77
N ASN G 237 12.95 35.20 7.44
CA ASN G 237 14.39 35.33 7.55
C ASN G 237 15.11 34.93 6.27
N ASN G 238 14.51 34.08 5.44
CA ASN G 238 15.23 33.59 4.26
C ASN G 238 14.20 33.32 3.16
N LYS G 239 13.91 34.34 2.36
CA LYS G 239 12.87 34.22 1.35
C LYS G 239 13.39 33.73 0.02
N GLU G 240 14.71 33.54 -0.11
CA GLU G 240 15.30 33.16 -1.38
C GLU G 240 14.96 31.75 -1.81
N ALA G 241 14.46 30.93 -0.89
CA ALA G 241 14.18 29.53 -1.19
C ALA G 241 12.82 29.31 -1.81
N LEU G 242 11.89 30.25 -1.68
CA LEU G 242 10.57 30.09 -2.26
C LEU G 242 10.25 31.04 -3.39
N VAL G 243 11.19 31.88 -3.81
CA VAL G 243 11.00 32.68 -5.02
C VAL G 243 12.09 32.29 -6.01
N GLU G 244 11.74 32.34 -7.29
CA GLU G 244 12.68 32.00 -8.34
C GLU G 244 12.68 33.12 -9.38
N PHE G 245 13.86 33.62 -9.69
CA PHE G 245 14.02 34.78 -10.56
C PHE G 245 14.45 34.32 -11.94
N LYS G 246 13.50 34.18 -12.85
CA LYS G 246 13.83 34.03 -14.25
C LYS G 246 14.13 35.40 -14.82
N ASP G 247 15.23 35.50 -15.56
CA ASP G 247 15.74 36.78 -16.03
C ASP G 247 15.31 37.02 -17.47
N ALA G 248 14.25 37.80 -17.63
CA ALA G 248 13.84 38.32 -18.92
C ALA G 248 14.39 39.73 -19.06
N HIS G 249 14.72 40.12 -20.27
CA HIS G 249 15.44 41.35 -20.50
C HIS G 249 14.48 42.53 -20.53
N ALA G 250 14.95 43.65 -21.07
CA ALA G 250 14.19 44.90 -21.21
C ALA G 250 13.69 45.40 -19.84
N LYS G 251 14.67 45.58 -18.96
CA LYS G 251 14.61 46.24 -17.64
C LYS G 251 13.45 45.82 -16.74
N ARG G 252 13.02 44.55 -16.83
CA ARG G 252 12.13 43.90 -15.88
C ARG G 252 12.18 42.39 -16.07
N GLN G 253 12.68 41.69 -15.06
CA GLN G 253 12.74 40.23 -15.10
C GLN G 253 11.57 39.68 -14.31
N THR G 254 11.21 38.42 -14.57
CA THR G 254 9.98 37.86 -14.05
C THR G 254 10.25 37.18 -12.71
N VAL G 255 9.40 37.46 -11.74
CA VAL G 255 9.54 36.87 -10.42
C VAL G 255 8.44 35.84 -10.23
N VAL G 256 8.74 34.60 -10.52
CA VAL G 256 7.81 33.50 -10.28
C VAL G 256 8.03 33.00 -8.87
N VAL G 257 6.98 32.44 -8.29
CA VAL G 257 7.03 31.92 -6.93
C VAL G 257 6.81 30.41 -6.99
N LEU G 258 7.60 29.67 -6.23
CA LEU G 258 7.31 28.26 -6.09
C LEU G 258 6.03 28.10 -5.30
N GLY G 259 5.26 27.08 -5.63
CA GLY G 259 3.93 26.95 -5.08
C GLY G 259 3.93 26.42 -3.67
N SER G 260 2.81 25.83 -3.30
CA SER G 260 2.65 25.29 -1.96
C SER G 260 3.54 24.08 -1.76
N GLN G 261 4.47 24.19 -0.81
CA GLN G 261 5.41 23.13 -0.51
C GLN G 261 4.85 22.09 0.45
N GLU G 262 3.53 21.99 0.53
CA GLU G 262 2.83 21.07 1.43
C GLU G 262 3.22 19.62 1.21
N GLY G 263 3.09 19.15 -0.03
CA GLY G 263 3.36 17.75 -0.30
C GLY G 263 4.84 17.42 -0.21
N ALA G 264 5.70 18.41 -0.45
CA ALA G 264 7.13 18.16 -0.37
C ALA G 264 7.57 17.95 1.07
N VAL G 265 7.04 18.75 2.00
CA VAL G 265 7.38 18.55 3.39
C VAL G 265 6.56 17.40 3.98
N HIS G 266 5.48 16.99 3.31
CA HIS G 266 4.79 15.77 3.71
C HIS G 266 5.61 14.54 3.36
N THR G 267 6.10 14.45 2.14
CA THR G 267 6.93 13.31 1.76
C THR G 267 8.35 13.42 2.27
N ALA G 268 8.75 14.56 2.82
CA ALA G 268 10.02 14.64 3.51
C ALA G 268 9.92 14.09 4.92
N LEU G 269 8.71 13.89 5.43
CA LEU G 269 8.51 13.37 6.77
C LEU G 269 8.45 11.86 6.77
N ALA G 270 9.47 11.20 6.23
CA ALA G 270 9.37 9.77 6.03
C ALA G 270 9.61 8.96 7.29
N GLY G 271 9.89 9.58 8.43
CA GLY G 271 10.13 8.80 9.62
C GLY G 271 9.56 9.39 10.89
N ALA G 272 8.89 10.52 10.80
CA ALA G 272 8.34 11.14 11.99
C ALA G 272 7.09 10.42 12.46
N LEU G 273 6.76 10.61 13.72
CA LEU G 273 5.54 10.06 14.29
C LEU G 273 4.40 11.04 14.10
N GLU G 274 3.19 10.60 14.39
CA GLU G 274 2.04 11.48 14.34
C GLU G 274 1.50 11.70 15.74
N ALA G 275 0.91 12.87 15.95
CA ALA G 275 0.32 13.21 17.23
C ALA G 275 -0.98 13.96 17.01
N GLU G 276 -1.75 14.12 18.08
CA GLU G 276 -2.94 14.94 18.05
C GLU G 276 -2.75 16.12 18.99
N MET G 277 -3.66 17.09 18.87
CA MET G 277 -3.67 18.28 19.68
C MET G 277 -4.96 18.32 20.49
N ASP G 278 -4.83 18.39 21.81
CA ASP G 278 -5.97 18.49 22.71
C ASP G 278 -6.16 19.92 23.20
N GLY G 279 -5.93 20.89 22.30
CA GLY G 279 -6.02 22.28 22.68
C GLY G 279 -4.65 22.85 22.99
N ALA G 280 -4.39 23.06 24.28
CA ALA G 280 -3.08 23.56 24.69
C ALA G 280 -2.05 22.47 24.82
N LYS G 281 -2.48 21.23 25.03
CA LYS G 281 -1.57 20.11 25.24
C LYS G 281 -1.60 19.17 24.05
N GLY G 282 -0.42 18.76 23.61
CA GLY G 282 -0.33 17.83 22.51
C GLY G 282 -0.24 16.39 22.95
N ARG G 283 -1.36 15.69 22.93
CA ARG G 283 -1.40 14.29 23.32
C ARG G 283 -0.92 13.44 22.18
N LEU G 284 0.11 12.62 22.43
CA LEU G 284 0.63 11.74 21.40
C LEU G 284 0.45 10.30 21.85
N SER G 285 0.74 9.36 20.95
CA SER G 285 0.67 7.94 21.28
C SER G 285 1.89 7.27 20.65
N SER G 286 2.99 7.23 21.41
CA SER G 286 4.24 6.59 20.99
C SER G 286 5.26 6.58 22.12
N GLY G 287 6.39 5.94 21.88
CA GLY G 287 7.47 6.01 22.84
C GLY G 287 7.40 4.89 23.87
N HIS G 288 8.15 5.07 24.94
CA HIS G 288 8.21 4.08 26.00
C HIS G 288 8.51 4.78 27.31
N LEU G 289 8.61 3.99 28.38
CA LEU G 289 8.81 4.53 29.72
C LEU G 289 9.36 3.40 30.58
N LYS G 290 10.62 3.49 30.98
CA LYS G 290 11.22 2.48 31.84
C LYS G 290 10.71 2.70 33.26
N CYS G 291 9.64 2.00 33.59
CA CYS G 291 9.13 2.09 34.94
C CYS G 291 9.69 0.95 35.78
N ARG G 292 9.26 0.87 37.02
CA ARG G 292 9.71 -0.19 37.92
C ARG G 292 8.60 -0.43 38.94
N LEU G 293 8.15 -1.66 39.03
CA LEU G 293 6.96 -1.97 39.79
C LEU G 293 7.35 -2.55 41.14
N LYS G 294 6.97 -1.87 42.21
CA LYS G 294 7.17 -2.39 43.55
C LYS G 294 5.88 -3.03 44.01
N MET G 295 5.88 -4.35 44.13
CA MET G 295 4.72 -5.12 44.55
C MET G 295 4.76 -5.40 46.03
N ASP G 296 5.25 -4.45 46.81
CA ASP G 296 5.28 -4.57 48.25
C ASP G 296 3.90 -4.53 48.87
N LYS G 297 2.91 -3.97 48.18
CA LYS G 297 1.53 -3.95 48.67
C LYS G 297 0.56 -4.45 47.61
N LEU G 298 0.81 -5.63 47.06
CA LEU G 298 -0.19 -6.32 46.27
C LEU G 298 -0.58 -7.60 47.01
N ARG G 299 -1.77 -7.60 47.60
CA ARG G 299 -2.29 -8.78 48.28
C ARG G 299 -3.46 -9.35 47.49
N LEU G 300 -3.65 -10.66 47.59
CA LEU G 300 -4.81 -11.29 46.97
C LEU G 300 -6.06 -10.87 47.71
N LYS G 301 -7.12 -10.58 46.95
CA LYS G 301 -8.34 -10.09 47.58
C LYS G 301 -9.06 -11.22 48.31
N GLY G 302 -9.53 -12.21 47.56
CA GLY G 302 -10.28 -13.28 48.16
C GLY G 302 -9.51 -14.54 48.49
N VAL G 303 -8.45 -14.43 49.29
CA VAL G 303 -7.70 -15.62 49.68
C VAL G 303 -8.28 -16.24 50.94
N SER G 304 -9.10 -15.51 51.69
CA SER G 304 -9.84 -16.05 52.81
C SER G 304 -11.27 -16.41 52.43
N TYR G 305 -11.49 -16.85 51.19
CA TYR G 305 -12.83 -17.16 50.72
C TYR G 305 -13.00 -18.67 50.63
N SER G 306 -14.26 -19.10 50.66
CA SER G 306 -14.60 -20.51 50.48
C SER G 306 -14.60 -20.84 48.99
N LEU G 307 -14.97 -22.06 48.63
CA LEU G 307 -15.06 -22.44 47.22
C LEU G 307 -16.51 -22.42 46.78
N CYS G 308 -16.73 -22.00 45.55
CA CYS G 308 -18.08 -21.93 45.01
C CYS G 308 -18.64 -23.33 44.80
N THR G 309 -19.90 -23.52 45.19
CA THR G 309 -20.52 -24.84 45.28
C THR G 309 -21.81 -24.87 44.49
N ALA G 310 -21.79 -24.38 43.26
CA ALA G 310 -23.00 -24.37 42.44
C ALA G 310 -22.60 -24.55 40.98
N ALA G 311 -23.48 -24.14 40.07
CA ALA G 311 -23.51 -24.56 38.67
C ALA G 311 -22.26 -24.26 37.85
N PHE G 312 -21.87 -22.98 37.77
CA PHE G 312 -20.83 -22.48 36.87
C PHE G 312 -21.10 -22.83 35.41
N THR G 313 -22.19 -22.29 34.89
CA THR G 313 -22.48 -22.45 33.48
C THR G 313 -21.49 -21.61 32.67
N PHE G 314 -21.05 -22.13 31.54
CA PHE G 314 -20.21 -21.35 30.64
C PHE G 314 -20.99 -20.21 30.03
N THR G 315 -20.25 -19.24 29.51
CA THR G 315 -20.80 -18.26 28.58
C THR G 315 -19.68 -17.78 27.68
N LYS G 316 -20.07 -17.28 26.50
CA LYS G 316 -19.22 -16.48 25.62
C LYS G 316 -18.06 -17.26 25.00
N ILE G 317 -18.22 -18.59 24.91
CA ILE G 317 -17.30 -19.56 24.24
C ILE G 317 -15.79 -19.32 24.30
N PRO G 318 -15.13 -19.98 25.24
CA PRO G 318 -13.70 -19.69 25.48
C PRO G 318 -12.79 -19.93 24.27
N ALA G 319 -11.83 -19.02 24.10
CA ALA G 319 -11.03 -18.95 22.87
C ALA G 319 -9.56 -18.72 23.18
N GLU G 320 -8.70 -19.17 22.27
CA GLU G 320 -7.25 -18.94 22.38
C GLU G 320 -6.94 -17.49 22.12
N THR G 321 -5.78 -17.03 22.58
CA THR G 321 -5.45 -15.61 22.60
C THR G 321 -4.02 -15.34 22.14
N LEU G 322 -3.62 -15.92 21.00
CA LEU G 322 -2.48 -15.49 20.19
C LEU G 322 -1.10 -15.67 20.86
N HIS G 323 -1.07 -16.03 22.14
CA HIS G 323 0.16 -16.43 22.82
C HIS G 323 -0.02 -17.77 23.49
N GLY G 324 -1.20 -18.36 23.38
CA GLY G 324 -1.51 -19.61 24.02
C GLY G 324 -2.40 -19.49 25.24
N THR G 325 -2.60 -18.29 25.75
CA THR G 325 -3.47 -18.12 26.90
C THR G 325 -4.93 -18.31 26.48
N VAL G 326 -5.76 -18.72 27.44
CA VAL G 326 -7.15 -19.04 27.19
C VAL G 326 -8.01 -18.23 28.14
N THR G 327 -8.89 -17.41 27.60
CA THR G 327 -9.68 -16.49 28.42
C THR G 327 -11.08 -17.07 28.60
N VAL G 328 -11.21 -17.95 29.58
CA VAL G 328 -12.50 -18.51 29.93
C VAL G 328 -13.32 -17.48 30.68
N GLU G 329 -14.56 -17.28 30.24
CA GLU G 329 -15.51 -16.46 30.99
C GLU G 329 -16.64 -17.35 31.45
N VAL G 330 -16.88 -17.38 32.77
CA VAL G 330 -17.96 -18.18 33.34
C VAL G 330 -18.93 -17.25 34.06
N GLN G 331 -20.17 -17.71 34.20
CA GLN G 331 -21.14 -17.08 35.08
C GLN G 331 -21.50 -18.06 36.17
N TYR G 332 -21.63 -17.56 37.39
CA TYR G 332 -21.87 -18.39 38.55
C TYR G 332 -23.36 -18.35 38.87
N ALA G 333 -24.04 -19.48 38.71
CA ALA G 333 -25.48 -19.55 38.95
C ALA G 333 -25.77 -20.02 40.37
N GLY G 334 -25.49 -19.14 41.31
CA GLY G 334 -25.76 -19.38 42.72
C GLY G 334 -25.87 -18.06 43.44
N THR G 335 -25.75 -18.11 44.77
CA THR G 335 -25.85 -16.91 45.59
C THR G 335 -24.84 -16.94 46.73
N ASP G 336 -23.67 -17.54 46.51
CA ASP G 336 -22.65 -17.71 47.54
C ASP G 336 -21.89 -16.44 47.90
N GLY G 337 -22.25 -15.27 47.40
CA GLY G 337 -21.65 -14.02 47.84
C GLY G 337 -20.21 -13.88 47.40
N PRO G 338 -19.41 -13.16 48.19
CA PRO G 338 -18.00 -12.98 47.84
C PRO G 338 -17.22 -14.27 48.00
N CYS G 339 -17.26 -15.11 46.98
CA CYS G 339 -16.68 -16.43 47.04
C CYS G 339 -15.59 -16.56 45.97
N LYS G 340 -15.07 -17.77 45.79
CA LYS G 340 -13.87 -17.98 44.99
C LYS G 340 -14.06 -19.16 44.05
N VAL G 341 -13.61 -18.98 42.80
CA VAL G 341 -13.86 -19.93 41.72
C VAL G 341 -12.79 -21.03 41.79
N PRO G 342 -13.16 -22.29 41.83
CA PRO G 342 -12.16 -23.37 41.88
C PRO G 342 -11.72 -23.85 40.51
N ALA G 343 -10.92 -23.04 39.83
CA ALA G 343 -10.50 -23.38 38.48
C ALA G 343 -9.11 -23.97 38.47
N GLN G 344 -8.84 -24.77 37.44
CA GLN G 344 -7.55 -25.43 37.26
C GLN G 344 -7.49 -25.91 35.82
N MET G 345 -6.38 -26.56 35.50
CA MET G 345 -6.22 -27.32 34.27
C MET G 345 -6.02 -28.79 34.61
N ALA G 346 -6.16 -29.64 33.59
CA ALA G 346 -6.02 -31.07 33.80
C ALA G 346 -5.65 -31.76 32.50
N VAL G 347 -4.59 -32.58 32.52
CA VAL G 347 -4.29 -33.39 31.34
C VAL G 347 -5.23 -34.57 31.25
N ASP G 348 -5.82 -34.98 32.37
CA ASP G 348 -6.86 -36.00 32.39
C ASP G 348 -7.74 -35.73 33.59
N MET G 349 -9.02 -36.04 33.48
CA MET G 349 -9.96 -35.78 34.56
C MET G 349 -10.25 -37.01 35.39
N GLN G 350 -9.36 -38.01 35.35
CA GLN G 350 -9.42 -39.09 36.33
C GLN G 350 -8.68 -38.69 37.60
N THR G 351 -7.61 -37.90 37.46
CA THR G 351 -6.81 -37.49 38.60
C THR G 351 -6.92 -36.02 38.93
N LEU G 352 -7.11 -35.16 37.92
CA LEU G 352 -7.18 -33.70 38.03
C LEU G 352 -5.93 -33.14 38.72
N THR G 353 -4.79 -33.35 38.08
CA THR G 353 -3.55 -32.79 38.60
C THR G 353 -3.24 -31.53 37.81
N PRO G 354 -3.24 -30.35 38.43
CA PRO G 354 -3.03 -29.11 37.69
C PRO G 354 -1.62 -29.02 37.13
N VAL G 355 -1.53 -28.62 35.86
CA VAL G 355 -0.27 -28.68 35.14
C VAL G 355 0.09 -27.29 34.60
N GLY G 356 -0.86 -26.63 33.95
CA GLY G 356 -0.61 -25.30 33.44
C GLY G 356 -0.79 -24.25 34.51
N ARG G 357 -0.11 -23.14 34.32
CA ARG G 357 -0.16 -22.03 35.27
C ARG G 357 -1.47 -21.27 35.04
N LEU G 358 -2.08 -20.83 36.13
CA LEU G 358 -3.29 -20.03 36.05
C LEU G 358 -2.91 -18.55 36.09
N ILE G 359 -3.17 -17.81 35.02
CA ILE G 359 -2.72 -16.42 34.96
C ILE G 359 -3.56 -15.54 35.87
N THR G 360 -4.88 -15.71 35.83
CA THR G 360 -5.77 -14.99 36.74
C THR G 360 -5.63 -15.60 38.13
N ALA G 361 -4.64 -15.12 38.87
CA ALA G 361 -4.31 -15.71 40.17
C ALA G 361 -5.39 -15.37 41.19
N ASN G 362 -5.86 -16.41 41.88
CA ASN G 362 -6.97 -16.41 42.83
C ASN G 362 -8.23 -15.79 42.22
N PRO G 363 -8.90 -16.46 41.29
CA PRO G 363 -10.05 -15.86 40.61
C PRO G 363 -11.29 -15.95 41.48
N VAL G 364 -11.89 -14.81 41.78
CA VAL G 364 -12.96 -14.75 42.76
C VAL G 364 -14.25 -14.28 42.10
N ILE G 365 -15.33 -14.43 42.82
CA ILE G 365 -16.61 -13.82 42.49
C ILE G 365 -16.89 -12.75 43.52
N THR G 366 -17.11 -11.52 43.07
CA THR G 366 -17.38 -10.45 44.01
C THR G 366 -18.86 -10.14 44.13
N GLU G 367 -19.71 -10.75 43.32
CA GLU G 367 -21.13 -10.43 43.39
C GLU G 367 -21.84 -11.37 44.35
N SER G 368 -23.13 -11.11 44.56
CA SER G 368 -23.94 -11.98 45.40
C SER G 368 -25.32 -12.25 44.83
N THR G 369 -25.64 -11.79 43.63
CA THR G 369 -26.94 -11.99 43.03
C THR G 369 -26.98 -13.35 42.34
N GLU G 370 -28.03 -13.57 41.54
CA GLU G 370 -28.20 -14.86 40.86
C GLU G 370 -27.08 -15.12 39.87
N ASN G 371 -26.96 -14.27 38.86
CA ASN G 371 -25.96 -14.46 37.81
C ASN G 371 -24.83 -13.46 38.01
N SER G 372 -23.60 -13.95 37.91
CA SER G 372 -22.41 -13.14 38.14
C SER G 372 -21.32 -13.59 37.19
N LYS G 373 -21.07 -12.80 36.15
CA LYS G 373 -20.05 -13.19 35.20
C LYS G 373 -18.66 -12.85 35.73
N MET G 374 -17.69 -13.65 35.30
CA MET G 374 -16.30 -13.43 35.66
C MET G 374 -15.43 -14.02 34.57
N MET G 375 -14.28 -13.39 34.33
CA MET G 375 -13.42 -13.76 33.23
C MET G 375 -12.08 -14.22 33.78
N LEU G 376 -11.69 -15.45 33.44
CA LEU G 376 -10.40 -15.99 33.84
C LEU G 376 -9.38 -15.77 32.74
N GLU G 377 -8.19 -16.30 32.95
CA GLU G 377 -7.20 -16.43 31.89
C GLU G 377 -6.28 -17.57 32.30
N LEU G 378 -6.26 -18.64 31.53
CA LEU G 378 -5.46 -19.82 31.84
C LEU G 378 -4.44 -20.03 30.74
N ASP G 379 -3.36 -20.73 31.09
CA ASP G 379 -2.27 -21.03 30.17
C ASP G 379 -2.05 -22.54 30.15
N PRO G 380 -2.60 -23.25 29.17
CA PRO G 380 -2.49 -24.71 29.14
C PRO G 380 -1.10 -25.15 28.74
N PRO G 381 -0.76 -26.42 28.95
CA PRO G 381 0.50 -26.93 28.40
C PRO G 381 0.37 -27.26 26.93
N PHE G 382 1.51 -27.52 26.31
CA PHE G 382 1.52 -27.90 24.90
C PHE G 382 0.99 -29.31 24.72
N GLY G 383 -0.12 -29.41 23.98
CA GLY G 383 -0.81 -30.68 23.82
C GLY G 383 -2.29 -30.52 24.10
N ASP G 384 -2.89 -31.58 24.63
CA ASP G 384 -4.31 -31.60 24.96
C ASP G 384 -4.47 -31.51 26.48
N SER G 385 -5.36 -30.64 26.93
CA SER G 385 -5.62 -30.51 28.35
C SER G 385 -7.03 -29.96 28.54
N TYR G 386 -7.71 -30.44 29.57
CA TYR G 386 -9.08 -30.03 29.83
C TYR G 386 -9.09 -28.82 30.75
N ILE G 387 -10.12 -28.00 30.61
CA ILE G 387 -10.32 -26.84 31.47
C ILE G 387 -11.40 -27.20 32.49
N VAL G 388 -11.01 -27.31 33.75
CA VAL G 388 -11.91 -27.76 34.80
C VAL G 388 -12.26 -26.58 35.67
N ILE G 389 -13.55 -26.34 35.86
CA ILE G 389 -14.06 -25.26 36.71
C ILE G 389 -15.21 -25.83 37.50
N GLY G 390 -15.15 -25.71 38.82
CA GLY G 390 -16.20 -26.25 39.67
C GLY G 390 -15.58 -27.32 40.57
N VAL G 391 -16.20 -27.53 41.72
CA VAL G 391 -15.58 -28.37 42.73
C VAL G 391 -15.91 -29.85 42.51
N GLY G 392 -17.17 -30.17 42.27
CA GLY G 392 -17.60 -31.55 42.24
C GLY G 392 -18.53 -31.89 41.11
N GLU G 393 -19.72 -32.39 41.45
CA GLU G 393 -20.81 -32.48 40.50
C GLU G 393 -21.17 -31.09 39.99
N LYS G 394 -21.61 -31.06 38.72
CA LYS G 394 -21.82 -29.84 37.93
C LYS G 394 -20.55 -29.01 37.83
N LYS G 395 -19.40 -29.68 37.75
CA LYS G 395 -18.25 -29.00 37.20
C LYS G 395 -18.42 -28.91 35.69
N ILE G 396 -17.67 -28.02 35.07
CA ILE G 396 -17.73 -27.90 33.62
C ILE G 396 -16.39 -28.29 33.04
N THR G 397 -16.42 -28.57 31.75
CA THR G 397 -15.23 -29.01 31.05
C THR G 397 -15.29 -28.53 29.62
N HIS G 398 -14.26 -27.82 29.20
CA HIS G 398 -14.04 -27.50 27.81
C HIS G 398 -12.66 -28.04 27.47
N HIS G 399 -12.61 -29.07 26.64
CA HIS G 399 -11.33 -29.63 26.25
C HIS G 399 -10.57 -28.64 25.39
N TRP G 400 -9.26 -28.54 25.62
CA TRP G 400 -8.42 -27.63 24.89
C TRP G 400 -7.31 -28.39 24.18
N HIS G 401 -6.80 -27.80 23.10
CA HIS G 401 -5.62 -28.29 22.40
C HIS G 401 -4.77 -27.06 22.08
N ARG G 402 -3.80 -26.77 22.94
CA ARG G 402 -2.88 -25.68 22.69
C ARG G 402 -1.84 -26.11 21.67
N SER G 403 -1.82 -25.43 20.53
CA SER G 403 -0.94 -25.80 19.43
C SER G 403 0.47 -25.31 19.68
N GLY G 404 1.44 -26.05 19.14
CA GLY G 404 2.83 -25.64 19.19
C GLY G 404 3.63 -26.54 20.09
N SER G 405 4.86 -26.11 20.37
CA SER G 405 5.75 -26.84 21.26
C SER G 405 6.56 -25.85 22.07
N THR G 406 7.31 -26.38 23.04
CA THR G 406 8.18 -25.57 23.87
C THR G 406 9.31 -24.95 23.07
N ILE G 407 9.78 -25.65 22.03
CA ILE G 407 10.83 -25.10 21.16
C ILE G 407 10.27 -23.93 20.37
N GLY G 408 9.02 -24.04 19.92
CA GLY G 408 8.39 -22.92 19.23
C GLY G 408 8.14 -21.73 20.13
N LYS G 409 7.81 -22.00 21.40
CA LYS G 409 7.63 -20.93 22.36
C LYS G 409 8.94 -20.23 22.65
N ALA G 410 10.03 -20.99 22.76
CA ALA G 410 11.33 -20.40 23.02
C ALA G 410 11.81 -19.59 21.82
N PHE G 411 11.52 -20.07 20.61
CA PHE G 411 11.89 -19.31 19.42
C PHE G 411 11.08 -18.03 19.28
N GLU G 412 9.80 -18.08 19.61
CA GLU G 412 8.97 -16.87 19.52
C GLU G 412 9.38 -15.86 20.59
N ALA G 413 9.71 -16.33 21.79
CA ALA G 413 10.18 -15.42 22.83
C ALA G 413 11.55 -14.84 22.46
N THR G 414 12.38 -15.62 21.77
CA THR G 414 13.65 -15.09 21.28
C THR G 414 13.45 -14.01 20.24
N VAL G 415 12.53 -14.23 19.30
CA VAL G 415 12.35 -13.25 18.22
C VAL G 415 11.65 -12.01 18.74
N ARG G 416 10.83 -12.14 19.79
CA ARG G 416 10.22 -10.92 20.31
C ARG G 416 11.17 -10.20 21.26
N GLY G 417 12.10 -10.92 21.87
CA GLY G 417 13.17 -10.24 22.61
C GLY G 417 14.10 -9.51 21.67
N ALA G 418 14.36 -10.09 20.49
CA ALA G 418 15.16 -9.40 19.50
C ALA G 418 14.42 -8.21 18.92
N LYS G 419 13.09 -8.29 18.81
CA LYS G 419 12.33 -7.16 18.33
C LYS G 419 12.30 -6.03 19.36
N ARG G 420 12.17 -6.38 20.64
CA ARG G 420 12.20 -5.37 21.69
C ARG G 420 13.58 -4.76 21.82
N MET G 421 14.62 -5.55 21.58
CA MET G 421 15.97 -5.01 21.55
C MET G 421 16.16 -4.10 20.35
N ALA G 422 15.58 -4.46 19.22
CA ALA G 422 15.71 -3.64 18.01
C ALA G 422 14.94 -2.34 18.11
N VAL G 423 13.87 -2.30 18.90
CA VAL G 423 13.16 -1.04 19.08
C VAL G 423 13.81 -0.17 20.13
N LEU G 424 14.15 -0.73 21.30
CA LEU G 424 14.66 0.08 22.40
C LEU G 424 16.18 0.13 22.45
N GLY G 425 16.85 -1.01 22.49
CA GLY G 425 18.31 -0.99 22.52
C GLY G 425 18.89 -0.96 23.91
N ASP G 426 19.20 0.25 24.37
CA ASP G 426 19.72 0.47 25.72
C ASP G 426 18.75 -0.03 26.78
N THR G 427 17.46 0.26 26.62
CA THR G 427 16.51 -0.06 27.67
C THR G 427 15.89 -1.43 27.49
N ALA G 428 16.47 -2.27 26.64
CA ALA G 428 15.93 -3.61 26.48
C ALA G 428 16.32 -4.50 27.65
N TRP G 429 17.49 -4.26 28.23
CA TRP G 429 17.92 -5.06 29.38
C TRP G 429 17.19 -4.70 30.65
N ASP G 430 16.42 -3.62 30.64
CA ASP G 430 15.58 -3.25 31.78
C ASP G 430 14.20 -3.88 31.60
N PHE G 431 14.18 -5.21 31.73
CA PHE G 431 12.92 -5.95 31.65
C PHE G 431 12.80 -7.03 32.73
N GLY G 432 13.76 -7.13 33.64
CA GLY G 432 13.72 -8.20 34.61
C GLY G 432 14.16 -7.87 36.03
N SER G 433 15.00 -8.74 36.59
CA SER G 433 15.29 -8.77 38.01
C SER G 433 16.43 -7.81 38.34
N VAL G 434 17.14 -8.06 39.45
CA VAL G 434 18.15 -7.13 39.95
C VAL G 434 19.36 -7.10 39.01
N GLY G 435 19.69 -8.25 38.41
CA GLY G 435 20.79 -8.32 37.48
C GLY G 435 22.17 -8.31 38.12
N GLY G 436 23.00 -9.29 37.79
CA GLY G 436 24.40 -9.19 38.15
C GLY G 436 25.26 -9.39 36.93
N ALA G 437 24.74 -10.13 35.96
CA ALA G 437 25.45 -10.43 34.74
C ALA G 437 24.57 -10.39 33.51
N LEU G 438 23.30 -10.00 33.65
CA LEU G 438 22.40 -9.99 32.52
C LEU G 438 21.54 -8.73 32.46
N ASN G 439 21.44 -7.97 33.55
CA ASN G 439 20.69 -6.73 33.52
C ASN G 439 21.52 -5.52 33.89
N SER G 440 22.78 -5.69 34.30
CA SER G 440 23.64 -4.55 34.54
C SER G 440 24.86 -4.58 33.63
N LEU G 441 25.60 -5.69 33.61
CA LEU G 441 26.75 -5.80 32.72
C LEU G 441 26.31 -5.83 31.27
N GLY G 442 25.19 -6.51 30.98
CA GLY G 442 24.67 -6.53 29.63
C GLY G 442 24.21 -5.16 29.15
N LYS G 443 23.62 -4.39 30.07
CA LYS G 443 23.25 -3.01 29.74
C LYS G 443 24.49 -2.16 29.50
N GLY G 444 25.58 -2.44 30.21
CA GLY G 444 26.82 -1.74 29.97
C GLY G 444 27.40 -1.97 28.59
N ILE G 445 27.51 -3.24 28.19
CA ILE G 445 28.15 -3.53 26.92
C ILE G 445 27.23 -3.15 25.77
N HIS G 446 25.91 -3.30 25.98
CA HIS G 446 24.96 -2.87 24.95
C HIS G 446 24.89 -1.36 24.86
N GLN G 447 25.10 -0.66 25.97
CA GLN G 447 25.14 0.80 25.94
C GLN G 447 26.36 1.29 25.19
N ILE G 448 27.51 0.64 25.40
CA ILE G 448 28.73 0.99 24.68
C ILE G 448 28.57 0.74 23.19
N PHE G 449 28.05 -0.43 22.83
CA PHE G 449 27.90 -0.75 21.41
C PHE G 449 26.79 0.05 20.76
N GLY G 450 25.75 0.43 21.51
CA GLY G 450 24.70 1.24 20.95
C GLY G 450 25.14 2.67 20.73
N ALA G 451 25.96 3.20 21.63
CA ALA G 451 26.54 4.52 21.38
C ALA G 451 27.53 4.49 20.22
N ALA G 452 28.41 3.50 20.17
CA ALA G 452 29.38 3.42 19.08
C ALA G 452 28.79 2.85 17.80
N PHE G 453 27.50 2.53 17.77
CA PHE G 453 26.78 2.20 16.56
C PHE G 453 25.95 3.37 16.07
N LYS G 454 25.11 3.94 16.94
CA LYS G 454 24.20 5.02 16.58
C LYS G 454 24.93 6.34 16.39
N SER G 455 26.20 6.42 16.79
CA SER G 455 27.08 7.48 16.31
C SER G 455 27.86 7.08 15.08
N LEU G 456 27.97 5.79 14.80
CA LEU G 456 28.71 5.36 13.62
C LEU G 456 27.84 5.39 12.38
N PHE G 457 26.75 4.63 12.37
CA PHE G 457 25.88 4.60 11.20
C PHE G 457 24.82 5.69 11.37
N GLY G 458 23.91 5.50 12.33
CA GLY G 458 23.13 6.58 12.93
C GLY G 458 22.17 7.37 12.09
N GLY G 459 22.29 7.31 10.78
CA GLY G 459 21.54 8.19 9.91
C GLY G 459 21.10 7.52 8.63
N MET G 460 20.97 6.19 8.66
CA MET G 460 20.62 5.46 7.46
C MET G 460 19.16 5.05 7.50
N SER G 461 18.62 4.83 6.31
CA SER G 461 17.19 4.61 6.10
C SER G 461 16.82 3.17 6.36
N TRP G 462 15.68 2.76 5.83
CA TRP G 462 15.39 1.34 5.76
C TRP G 462 16.11 0.69 4.59
N PHE G 463 16.29 1.40 3.49
CA PHE G 463 16.84 0.75 2.30
C PHE G 463 18.36 0.82 2.25
N SER G 464 18.94 1.92 2.69
CA SER G 464 20.40 2.02 2.72
C SER G 464 20.99 1.07 3.74
N GLN G 465 20.22 0.74 4.78
CA GLN G 465 20.66 -0.28 5.73
C GLN G 465 20.71 -1.65 5.07
N ILE G 466 19.75 -1.96 4.19
CA ILE G 466 19.81 -3.22 3.44
C ILE G 466 21.01 -3.24 2.52
N LEU G 467 21.30 -2.10 1.86
CA LEU G 467 22.46 -2.02 0.98
C LEU G 467 23.76 -2.21 1.75
N ILE G 468 23.86 -1.58 2.92
CA ILE G 468 25.10 -1.70 3.68
C ILE G 468 25.18 -3.06 4.35
N GLY G 469 24.04 -3.72 4.56
CA GLY G 469 24.08 -5.07 5.09
C GLY G 469 24.54 -6.06 4.04
N THR G 470 24.12 -5.86 2.79
CA THR G 470 24.63 -6.68 1.70
C THR G 470 26.12 -6.43 1.49
N LEU G 471 26.55 -5.18 1.66
CA LEU G 471 27.98 -4.86 1.52
C LEU G 471 28.82 -5.52 2.60
N LEU G 472 28.37 -5.47 3.86
CA LEU G 472 29.12 -6.13 4.91
C LEU G 472 28.91 -7.63 4.90
N MET G 473 27.87 -8.12 4.20
CA MET G 473 27.74 -9.55 4.01
C MET G 473 28.79 -10.05 3.03
N TRP G 474 28.98 -9.33 1.92
CA TRP G 474 30.02 -9.69 0.98
C TRP G 474 31.40 -9.51 1.58
N LEU G 475 31.58 -8.51 2.44
CA LEU G 475 32.83 -8.41 3.16
C LEU G 475 33.00 -9.50 4.20
N GLY G 476 31.90 -10.04 4.72
CA GLY G 476 31.93 -11.07 5.73
C GLY G 476 32.10 -12.48 5.22
N LEU G 477 32.29 -12.66 3.91
CA LEU G 477 32.57 -13.98 3.37
C LEU G 477 33.89 -14.03 2.61
N ASN G 478 34.43 -12.88 2.19
CA ASN G 478 35.69 -12.85 1.45
C ASN G 478 36.65 -11.91 2.18
N THR G 479 37.31 -12.44 3.21
CA THR G 479 38.42 -11.81 3.91
C THR G 479 39.18 -12.92 4.61
N LYS G 480 40.51 -12.83 4.62
CA LYS G 480 41.33 -13.78 5.35
C LYS G 480 41.92 -13.16 6.61
N ASN G 481 41.27 -12.17 7.18
CA ASN G 481 41.72 -11.53 8.40
C ASN G 481 40.78 -11.87 9.55
N GLY G 482 41.06 -11.30 10.72
CA GLY G 482 40.22 -11.52 11.87
C GLY G 482 38.92 -10.77 11.87
N SER G 483 38.74 -9.81 10.95
CA SER G 483 37.51 -9.02 10.88
C SER G 483 36.50 -9.65 9.92
N ILE G 484 36.27 -10.95 10.09
CA ILE G 484 35.13 -11.62 9.49
C ILE G 484 33.92 -11.53 10.38
N SER G 485 34.09 -11.86 11.66
CA SER G 485 33.00 -11.79 12.62
C SER G 485 32.69 -10.35 13.04
N LEU G 486 33.59 -9.41 12.77
CA LEU G 486 33.27 -8.01 13.05
C LEU G 486 32.35 -7.44 11.97
N MET G 487 32.61 -7.80 10.71
CA MET G 487 31.71 -7.41 9.64
C MET G 487 30.40 -8.19 9.75
N CYS G 488 30.45 -9.40 10.30
CA CYS G 488 29.20 -10.14 10.48
C CYS G 488 28.44 -9.64 11.70
N LEU G 489 29.14 -9.06 12.67
CA LEU G 489 28.46 -8.37 13.76
C LEU G 489 27.73 -7.14 13.24
N ALA G 490 28.37 -6.40 12.32
CA ALA G 490 27.66 -5.30 11.70
C ALA G 490 26.67 -5.77 10.64
N LEU G 491 26.73 -7.02 10.21
CA LEU G 491 25.63 -7.61 9.44
C LEU G 491 24.41 -7.84 10.31
N GLY G 492 24.59 -8.52 11.43
CA GLY G 492 23.46 -8.84 12.29
C GLY G 492 22.87 -7.61 12.94
N GLY G 493 23.73 -6.68 13.35
CA GLY G 493 23.30 -5.47 14.01
C GLY G 493 22.50 -4.54 13.14
N VAL G 494 22.55 -4.75 11.82
CA VAL G 494 21.78 -3.98 10.86
C VAL G 494 20.55 -4.76 10.37
N LEU G 495 20.74 -6.03 10.01
CA LEU G 495 19.65 -6.77 9.40
C LEU G 495 18.57 -7.15 10.41
N ILE G 496 18.91 -7.19 11.70
CA ILE G 496 17.84 -7.39 12.69
C ILE G 496 17.03 -6.11 12.84
N PHE G 497 17.64 -4.94 12.62
CA PHE G 497 16.87 -3.70 12.53
C PHE G 497 16.02 -3.62 11.28
N LEU G 498 16.30 -4.46 10.30
CA LEU G 498 15.56 -4.48 9.04
C LEU G 498 14.48 -5.54 9.02
N SER G 499 14.69 -6.62 9.79
CA SER G 499 13.72 -7.69 9.84
C SER G 499 12.46 -7.27 10.56
N THR G 500 12.56 -6.33 11.49
CA THR G 500 11.36 -5.79 12.11
C THR G 500 10.63 -4.86 11.16
N ALA G 501 9.35 -4.66 11.43
CA ALA G 501 8.52 -3.75 10.65
C ALA G 501 8.82 -2.29 11.00
N ALA H 1 11.37 24.31 -0.83
CA ALA H 1 12.32 24.61 -1.89
C ALA H 1 12.62 23.36 -2.71
N VAL H 2 13.90 23.02 -2.83
CA VAL H 2 14.36 21.95 -3.68
C VAL H 2 15.04 20.84 -2.89
N THR H 3 15.76 21.18 -1.83
CA THR H 3 16.65 20.26 -1.14
C THR H 3 16.19 19.96 0.28
N LEU H 4 14.91 19.70 0.45
CA LEU H 4 14.37 19.32 1.76
C LEU H 4 14.94 17.98 2.20
N PRO H 5 15.52 17.89 3.40
CA PRO H 5 16.12 16.63 3.83
C PRO H 5 15.03 15.65 4.24
N SER H 6 15.25 14.39 3.93
CA SER H 6 14.31 13.36 4.30
C SER H 6 14.44 13.07 5.79
N HIS H 7 13.31 12.90 6.46
CA HIS H 7 13.32 12.58 7.88
C HIS H 7 13.74 11.15 8.15
N SER H 8 13.79 10.32 7.10
CA SER H 8 14.17 8.93 7.26
C SER H 8 15.64 8.75 7.60
N THR H 9 16.44 9.82 7.54
CA THR H 9 17.74 9.83 8.20
C THR H 9 17.60 9.54 9.68
N ARG H 10 16.65 10.17 10.33
CA ARG H 10 16.53 10.18 11.78
C ARG H 10 15.17 9.64 12.20
N LYS H 11 14.83 8.46 11.67
CA LYS H 11 13.52 7.87 11.92
C LYS H 11 13.34 7.54 13.39
N LEU H 12 12.21 7.95 13.93
CA LEU H 12 11.91 7.72 15.34
C LEU H 12 11.49 6.28 15.49
N GLN H 13 12.46 5.43 15.76
CA GLN H 13 12.20 4.01 15.91
C GLN H 13 11.49 3.77 17.23
N THR H 14 10.25 3.29 17.13
CA THR H 14 9.43 3.01 18.29
C THR H 14 8.44 1.92 17.90
N ARG H 15 7.54 1.60 18.83
CA ARG H 15 6.64 0.48 18.62
C ARG H 15 5.55 0.79 17.62
N SER H 16 5.03 2.02 17.62
CA SER H 16 4.02 2.36 16.64
C SER H 16 4.66 2.70 15.30
N GLN H 17 3.83 2.88 14.29
CA GLN H 17 4.30 3.16 12.95
C GLN H 17 4.62 4.64 12.82
N THR H 18 5.53 4.94 11.90
CA THR H 18 5.87 6.33 11.61
C THR H 18 4.88 6.94 10.63
N TRP H 19 5.25 8.07 10.03
CA TRP H 19 4.32 8.77 9.13
C TRP H 19 4.16 8.03 7.82
N LEU H 20 5.23 7.91 7.05
CA LEU H 20 5.22 7.15 5.81
C LEU H 20 6.09 5.92 5.99
N GLU H 21 5.51 4.87 6.57
CA GLU H 21 6.17 3.58 6.65
C GLU H 21 5.54 2.57 5.72
N SER H 22 4.31 2.82 5.27
CA SER H 22 3.70 1.97 4.26
C SER H 22 4.42 2.11 2.93
N ARG H 23 4.59 3.34 2.46
CA ARG H 23 5.30 3.58 1.21
C ARG H 23 6.77 3.95 1.45
N GLU H 24 7.48 3.18 2.26
CA GLU H 24 8.91 3.41 2.42
C GLU H 24 9.76 2.31 1.84
N TYR H 25 9.25 1.07 1.83
CA TYR H 25 10.00 -0.04 1.26
C TYR H 25 10.14 0.12 -0.25
N THR H 26 9.03 0.33 -0.95
CA THR H 26 9.08 0.65 -2.37
C THR H 26 8.97 2.15 -2.59
N LYS H 27 9.88 2.89 -1.98
CA LYS H 27 10.02 4.30 -2.25
C LYS H 27 11.23 4.59 -3.13
N HIS H 28 12.40 4.11 -2.74
CA HIS H 28 13.57 4.27 -3.60
C HIS H 28 13.54 3.27 -4.74
N LEU H 29 12.98 2.08 -4.50
CA LEU H 29 13.05 1.01 -5.50
C LEU H 29 12.21 1.34 -6.72
N ILE H 30 11.09 2.04 -6.54
CA ILE H 30 10.28 2.47 -7.67
C ILE H 30 11.03 3.46 -8.53
N ARG H 31 11.78 4.37 -7.88
CA ARG H 31 12.54 5.36 -8.63
C ARG H 31 13.72 4.73 -9.38
N VAL H 32 14.42 3.78 -8.76
CA VAL H 32 15.51 3.11 -9.47
C VAL H 32 14.96 2.26 -10.62
N GLU H 33 13.83 1.59 -10.39
CA GLU H 33 13.22 0.76 -11.44
C GLU H 33 12.78 1.62 -12.62
N ASN H 34 12.18 2.77 -12.34
CA ASN H 34 11.76 3.65 -13.43
C ASN H 34 12.95 4.28 -14.14
N TRP H 35 13.98 4.69 -13.39
CA TRP H 35 15.09 5.35 -14.06
C TRP H 35 15.93 4.38 -14.89
N ILE H 36 16.00 3.11 -14.50
CA ILE H 36 16.68 2.15 -15.36
C ILE H 36 15.78 1.74 -16.52
N PHE H 37 14.47 1.62 -16.28
CA PHE H 37 13.53 1.22 -17.32
C PHE H 37 13.37 2.28 -18.40
N ARG H 38 13.60 3.56 -18.08
CA ARG H 38 13.49 4.58 -19.11
C ARG H 38 14.84 5.12 -19.55
N ASN H 39 15.93 4.50 -19.15
CA ASN H 39 17.25 4.86 -19.66
C ASN H 39 18.12 3.61 -19.83
N PRO H 40 17.79 2.72 -20.75
CA PRO H 40 18.43 1.40 -20.76
C PRO H 40 19.85 1.41 -21.23
N GLY H 41 20.27 2.47 -21.93
CA GLY H 41 21.65 2.55 -22.37
C GLY H 41 22.61 2.80 -21.22
N PHE H 42 22.12 3.36 -20.12
CA PHE H 42 23.01 3.55 -18.99
C PHE H 42 23.34 2.23 -18.32
N ALA H 43 22.49 1.20 -18.48
CA ALA H 43 22.86 -0.12 -18.00
C ALA H 43 24.09 -0.63 -18.74
N LEU H 44 24.16 -0.42 -20.05
CA LEU H 44 25.33 -0.82 -20.83
C LEU H 44 26.54 0.03 -20.48
N ALA H 45 26.34 1.34 -20.30
CA ALA H 45 27.44 2.24 -19.99
C ALA H 45 28.03 1.95 -18.61
N ALA H 46 27.16 1.72 -17.63
CA ALA H 46 27.62 1.40 -16.29
C ALA H 46 28.24 0.01 -16.22
N ALA H 47 27.75 -0.92 -17.05
CA ALA H 47 28.39 -2.22 -17.14
C ALA H 47 29.79 -2.09 -17.71
N ALA H 48 29.98 -1.18 -18.69
CA ALA H 48 31.30 -0.95 -19.24
C ALA H 48 32.23 -0.32 -18.23
N ILE H 49 31.75 0.66 -17.48
CA ILE H 49 32.60 1.33 -16.48
C ILE H 49 32.95 0.37 -15.35
N ALA H 50 32.00 -0.51 -14.99
CA ALA H 50 32.27 -1.49 -13.95
C ALA H 50 33.28 -2.52 -14.41
N TRP H 51 33.13 -3.00 -15.64
CA TRP H 51 34.06 -4.01 -16.14
C TRP H 51 35.43 -3.45 -16.44
N LEU H 52 35.55 -2.16 -16.74
CA LEU H 52 36.87 -1.56 -16.86
C LEU H 52 37.43 -1.12 -15.52
N LEU H 53 36.61 -1.06 -14.47
CA LEU H 53 37.10 -0.54 -13.20
C LEU H 53 37.52 -1.65 -12.25
N GLY H 54 36.72 -2.72 -12.17
CA GLY H 54 36.94 -3.71 -11.14
C GLY H 54 38.07 -4.66 -11.46
N SER H 55 38.71 -5.15 -10.40
CA SER H 55 39.79 -6.11 -10.55
C SER H 55 39.23 -7.53 -10.69
N SER H 56 38.54 -8.01 -9.67
CA SER H 56 37.93 -9.32 -9.74
C SER H 56 36.54 -9.23 -10.35
N THR H 57 35.95 -10.39 -10.60
CA THR H 57 34.56 -10.40 -11.04
C THR H 57 33.59 -10.15 -9.90
N SER H 58 34.05 -10.25 -8.66
CA SER H 58 33.18 -9.99 -7.52
C SER H 58 33.16 -8.52 -7.12
N GLN H 59 34.06 -7.71 -7.68
CA GLN H 59 34.05 -6.27 -7.46
C GLN H 59 33.43 -5.50 -8.61
N LYS H 60 33.49 -6.06 -9.83
CA LYS H 60 32.83 -5.44 -10.97
C LYS H 60 31.32 -5.39 -10.77
N VAL H 61 30.75 -6.42 -10.16
CA VAL H 61 29.30 -6.43 -9.95
C VAL H 61 28.92 -5.45 -8.85
N ILE H 62 29.82 -5.21 -7.88
CA ILE H 62 29.57 -4.20 -6.86
C ILE H 62 29.63 -2.81 -7.49
N TYR H 63 30.58 -2.59 -8.39
CA TYR H 63 30.67 -1.32 -9.10
C TYR H 63 29.45 -1.09 -9.98
N LEU H 64 28.97 -2.15 -10.65
CA LEU H 64 27.78 -2.05 -11.48
C LEU H 64 26.55 -1.70 -10.66
N VAL H 65 26.36 -2.36 -9.51
CA VAL H 65 25.25 -2.05 -8.63
C VAL H 65 25.35 -0.63 -8.08
N MET H 66 26.57 -0.20 -7.74
CA MET H 66 26.71 1.13 -7.13
C MET H 66 26.54 2.25 -8.14
N ILE H 67 26.95 2.06 -9.39
CA ILE H 67 26.73 3.11 -10.39
C ILE H 67 25.26 3.14 -10.81
N LEU H 68 24.64 1.96 -10.98
CA LEU H 68 23.21 1.97 -11.27
C LEU H 68 22.36 2.29 -10.06
N LEU H 69 22.96 2.47 -8.88
CA LEU H 69 22.27 3.11 -7.78
C LEU H 69 22.47 4.61 -7.79
N ILE H 70 23.70 5.08 -8.04
CA ILE H 70 24.01 6.51 -8.00
C ILE H 70 23.20 7.27 -9.05
N ALA H 71 23.21 6.78 -10.28
CA ALA H 71 22.64 7.54 -11.39
C ALA H 71 21.12 7.72 -11.40
N PRO H 72 20.29 6.89 -10.76
CA PRO H 72 18.90 7.32 -10.59
C PRO H 72 18.72 8.55 -9.73
N ALA H 73 19.31 8.57 -8.53
CA ALA H 73 19.08 9.71 -7.66
C ALA H 73 20.05 10.84 -7.93
N TYR H 74 21.05 10.63 -8.79
CA TYR H 74 22.17 11.55 -9.06
C TYR H 74 22.90 11.90 -7.77
N SER H 75 23.04 10.91 -6.89
CA SER H 75 23.47 11.06 -5.50
C SER H 75 22.72 12.15 -4.76
C1 NAG I . -38.22 -50.94 16.57
C2 NAG I . -38.92 -51.62 15.40
C3 NAG I . -40.37 -51.92 15.75
C4 NAG I . -40.47 -52.72 17.05
C5 NAG I . -39.70 -52.00 18.16
C6 NAG I . -39.62 -52.81 19.44
C7 NAG I . -38.05 -51.10 13.16
C8 NAG I . -38.09 -50.15 12.01
N2 NAG I . -38.84 -50.80 14.19
O3 NAG I . -40.99 -52.65 14.69
O4 NAG I . -41.83 -52.87 17.42
O5 NAG I . -38.34 -51.76 17.75
O6 NAG I . -38.29 -52.85 19.94
O7 NAG I . -37.34 -52.11 13.16
C1 NAG I . -43.18 -53.02 17.24
C2 NAG I . -44.28 -52.18 17.89
C3 NAG I . -45.59 -52.97 17.96
C4 NAG I . -45.97 -53.49 16.58
C5 NAG I . -44.81 -54.31 15.99
C6 NAG I . -45.08 -54.77 14.58
C7 NAG I . -44.26 -50.58 19.75
C8 NAG I . -43.74 -50.30 21.13
N2 NAG I . -43.87 -51.74 19.22
O3 NAG I . -46.63 -52.13 18.45
O4 NAG I . -47.12 -54.33 16.68
O5 NAG I . -43.64 -53.49 15.95
O6 NAG I . -46.47 -54.93 14.35
O7 NAG I . -44.98 -49.79 19.15
C1 NAG J . 5.91 53.50 -34.85
C2 NAG J . 5.98 54.47 -33.67
C3 NAG J . 5.19 55.74 -33.98
C4 NAG J . 5.66 56.36 -35.28
C5 NAG J . 5.61 55.34 -36.41
C6 NAG J . 6.18 55.84 -37.71
C7 NAG J . 6.31 53.45 -31.46
C8 NAG J . 5.64 52.82 -30.27
N2 NAG J . 5.51 53.84 -32.46
O3 NAG J . 5.36 56.66 -32.91
O4 NAG J . 4.82 57.47 -35.61
O5 NAG J . 6.36 54.17 -36.04
O6 NAG J . 7.10 54.90 -38.27
O7 NAG J . 7.53 53.62 -31.51
C1 NAG J . 4.02 58.56 -35.37
C2 NAG J . 2.62 58.79 -35.95
C3 NAG J . 2.30 60.29 -35.99
C4 NAG J . 2.50 60.92 -34.61
C5 NAG J . 3.90 60.62 -34.10
C6 NAG J . 4.12 61.11 -32.68
C7 NAG J . 1.38 57.71 -37.78
C8 NAG J . 1.46 57.15 -39.16
N2 NAG J . 2.52 58.22 -37.28
O3 NAG J . 0.96 60.48 -36.42
O4 NAG J . 2.32 62.33 -34.68
O5 NAG J . 4.12 59.19 -34.07
O6 NAG J . 3.30 62.23 -32.39
O7 NAG J . 0.35 57.69 -37.13
C1 NAG K . -19.68 1.41 32.71
C2 NAG K . -20.72 1.10 31.64
C3 NAG K . -22.13 1.27 32.22
C4 NAG K . -22.30 0.44 33.48
C5 NAG K . -21.18 0.77 34.49
C6 NAG K . -21.21 -0.12 35.71
C7 NAG K . -20.06 1.48 29.32
C8 NAG K . -19.94 2.48 28.21
N2 NAG K . -20.54 1.94 30.47
O3 NAG K . -23.09 0.88 31.25
O4 NAG K . -23.57 0.72 34.08
O5 NAG K . -19.90 0.58 33.87
O6 NAG K . -19.91 -0.64 35.99
O7 NAG K . -19.73 0.30 29.17
C1 NAG K . -24.90 1.04 34.10
C2 NAG K . -25.54 2.15 34.95
C3 NAG K . -27.02 1.84 35.20
C4 NAG K . -27.75 1.58 33.90
C5 NAG K . -27.03 0.49 33.11
C6 NAG K . -27.64 0.26 31.75
C7 NAG K . -24.70 3.49 36.83
C8 NAG K . -23.94 3.48 38.12
N2 NAG K . -24.82 2.31 36.21
O3 NAG K . -27.63 2.93 35.89
O4 NAG K . -29.09 1.17 34.16
O5 NAG K . -25.66 0.86 32.89
O6 NAG K . -29.03 0.59 31.73
O7 NAG K . -25.20 4.52 36.38
#